data_4LPC
#
_entry.id   4LPC
#
_cell.length_a   92.190
_cell.length_b   103.420
_cell.length_c   185.941
_cell.angle_alpha   90.000
_cell.angle_beta   91.570
_cell.angle_gamma   90.000
#
_symmetry.space_group_name_H-M   'P 1 21 1'
#
loop_
_entity.id
_entity.type
_entity.pdbx_description
1 polymer '1,4-alpha-glucan branching enzyme GlgB'
2 branched alpha-D-glucopyranose-(1-4)-alpha-D-glucopyranose
3 branched alpha-D-glucopyranose-(1-4)-alpha-D-glucopyranose-(1-4)-alpha-D-glucopyranose
4 branched alpha-D-glucopyranose-(1-4)-beta-D-glucopyranose
5 branched alpha-D-glucopyranose-(1-4)-alpha-D-glucopyranose-(1-4)-alpha-D-glucopyranose-(1-4)-alpha-D-glucopyranose-(1-4)-alpha-D-glucopyranose-(1-4)-alpha-D-glucopyranose-(1-4)-beta-D-glucopyranose
6 branched alpha-D-glucopyranose-(1-4)-alpha-D-glucopyranose-(1-4)-alpha-D-glucopyranose-(1-4)-alpha-D-glucopyranose
7 non-polymer GLYCEROL
8 non-polymer beta-D-glucopyranose
9 water water
#
_entity_poly.entity_id   1
_entity_poly.type   'polypeptide(L)'
_entity_poly.pdbx_seq_one_letter_code
;THLRPYETLGAHADTMDGVTGTRFSVWAPNARRVSVVGQFNYWDGRRHPMRLRKESGIWELFIPGAHNGQLYKYEMIDAN
GNLRLKSDPYAFEAQMRPETASLICGLPEKVVQTEERKKANQFDAPISIYEVHLGSWRRHTDNNFWLSYRELADQLVPYA
KWMGFTHLELLPINEHPFDGSWGYQPTGLYAPTRRFGTRDDFRYFIDAAHAAGLNVILDWVPGHFPTDDFALAEFDGTNL
YEHSDPREGYHQDWNTLIYNYGRREVSNFLVGNALYWIERFGIDALRVDAVASMIYRDYSRKEGEWIPNEFGGRENLEAI
EFLRNTNRILGEQVSGAVTMAEESTDFPGVSRPQDMGGLGFWYKWNLGWMHDTLDYMKLDPVYRQYHHDKLTFGILYNYT
ENFVLPLSHDEVVHGKKSILDRMPGDAWQKFANLRAYYGWMWAFPGKKLLFMGNEFAQGREWNHDASLDWHLLEGGDNWH
HGVQRLVRDLNLTYRHHKAMHELDFDPYGFEWLVVDDKERSVLIFVRRDKEGNEIIVASNFTPVPRHDYRFGINQPGKWR
EILNTDSMHYHGSNAGNGGTVHSDEIASHGRQHSLSLTLPPLATIWLVREAE
;
_entity_poly.pdbx_strand_id   A,B,C,D
#
loop_
_chem_comp.id
_chem_comp.type
_chem_comp.name
_chem_comp.formula
BGC D-saccharide, beta linking beta-D-glucopyranose 'C6 H12 O6'
GLC D-saccharide, alpha linking alpha-D-glucopyranose 'C6 H12 O6'
GOL non-polymer GLYCEROL 'C3 H8 O3'
#
# COMPACT_ATOMS: atom_id res chain seq x y z
N THR A 1 43.32 -3.91 -15.58
CA THR A 1 41.90 -4.00 -16.06
C THR A 1 41.47 -2.74 -16.82
N HIS A 2 41.77 -2.71 -18.11
CA HIS A 2 41.47 -1.54 -18.94
C HIS A 2 40.39 -1.87 -19.98
N LEU A 3 39.53 -2.82 -19.62
CA LEU A 3 38.47 -3.32 -20.50
C LEU A 3 37.14 -2.60 -20.28
N ARG A 4 36.91 -2.18 -19.03
CA ARG A 4 35.67 -1.53 -18.67
C ARG A 4 35.88 -0.06 -18.33
N PRO A 5 36.14 0.75 -19.37
CA PRO A 5 36.36 2.19 -19.27
C PRO A 5 35.11 2.96 -18.85
N TYR A 6 33.96 2.30 -18.87
CA TYR A 6 32.72 2.92 -18.42
C TYR A 6 32.61 2.89 -16.90
N GLU A 7 33.43 2.08 -16.25
CA GLU A 7 33.44 2.01 -14.79
C GLU A 7 34.28 3.14 -14.16
N THR A 8 34.98 3.91 -15.00
CA THR A 8 35.79 5.03 -14.53
C THR A 8 35.48 6.35 -15.23
N LEU A 9 35.41 6.33 -16.56
CA LEU A 9 35.12 7.55 -17.33
C LEU A 9 33.65 7.94 -17.22
N GLY A 10 33.30 9.15 -17.62
CA GLY A 10 31.94 9.64 -17.50
C GLY A 10 31.57 9.96 -16.06
N ALA A 11 30.31 10.28 -15.82
CA ALA A 11 29.86 10.75 -14.51
C ALA A 11 29.56 9.63 -13.51
N HIS A 12 30.30 9.63 -12.40
CA HIS A 12 30.16 8.62 -11.38
C HIS A 12 30.00 9.22 -9.99
N ALA A 13 28.98 8.80 -9.26
CA ALA A 13 28.76 9.29 -7.91
C ALA A 13 29.85 8.76 -6.98
N ASP A 14 30.33 9.65 -6.11
CA ASP A 14 31.44 9.37 -5.21
C ASP A 14 31.39 10.40 -4.08
N THR A 15 32.12 10.15 -2.99
CA THR A 15 32.13 11.09 -1.88
C THR A 15 33.55 11.32 -1.36
N MET A 16 34.04 12.54 -1.55
CA MET A 16 35.39 12.90 -1.14
C MET A 16 35.42 13.43 0.28
N ASP A 17 35.56 12.51 1.23
CA ASP A 17 35.64 12.86 2.64
C ASP A 17 34.35 13.51 3.11
N GLY A 18 33.37 12.69 3.46
CA GLY A 18 32.13 13.17 4.06
C GLY A 18 31.20 13.85 3.09
N VAL A 19 31.76 14.65 2.19
CA VAL A 19 30.96 15.35 1.20
C VAL A 19 30.80 14.47 -0.04
N THR A 20 29.56 14.32 -0.49
CA THR A 20 29.28 13.52 -1.66
C THR A 20 29.02 14.38 -2.89
N GLY A 21 29.02 13.74 -4.05
CA GLY A 21 28.85 14.43 -5.32
C GLY A 21 29.16 13.44 -6.42
N THR A 22 29.53 13.94 -7.59
CA THR A 22 29.90 13.07 -8.67
C THR A 22 31.24 13.47 -9.28
N ARG A 23 32.15 12.51 -9.42
CA ARG A 23 33.44 12.79 -10.03
C ARG A 23 33.40 12.53 -11.53
N PHE A 24 33.70 13.56 -12.30
CA PHE A 24 33.65 13.47 -13.76
C PHE A 24 35.01 13.17 -14.37
N SER A 25 34.99 12.38 -15.43
CA SER A 25 36.19 12.15 -16.23
C SER A 25 35.79 12.29 -17.69
N VAL A 26 36.78 12.48 -18.54
CA VAL A 26 36.53 12.44 -19.98
C VAL A 26 37.69 11.76 -20.69
N TRP A 27 38.38 12.50 -21.54
CA TRP A 27 39.50 11.98 -22.27
C TRP A 27 39.63 12.74 -23.57
N ALA A 28 40.35 13.85 -23.48
CA ALA A 28 40.67 14.66 -24.64
C ALA A 28 42.11 15.13 -24.51
N PRO A 29 43.05 14.27 -24.90
CA PRO A 29 44.48 14.51 -24.83
C PRO A 29 44.85 15.94 -25.23
N ASN A 30 44.42 16.37 -26.41
CA ASN A 30 44.75 17.70 -26.92
C ASN A 30 43.90 18.78 -26.27
N ALA A 31 42.61 18.79 -26.61
CA ALA A 31 41.65 19.72 -25.99
C ALA A 31 42.17 21.16 -25.89
N ARG A 32 42.56 21.56 -24.69
CA ARG A 32 42.99 22.93 -24.42
C ARG A 32 42.15 23.51 -23.28
N ARG A 33 42.12 22.78 -22.18
CA ARG A 33 41.26 23.04 -21.01
C ARG A 33 39.79 22.66 -21.22
N VAL A 34 39.21 22.01 -20.21
CA VAL A 34 37.82 21.59 -20.26
C VAL A 34 37.18 21.73 -18.88
N SER A 35 35.97 22.29 -18.85
CA SER A 35 35.22 22.38 -17.62
C SER A 35 33.88 21.65 -17.70
N VAL A 36 33.23 21.50 -16.55
CA VAL A 36 31.97 20.78 -16.43
C VAL A 36 30.81 21.75 -16.27
N VAL A 37 29.82 21.67 -17.15
CA VAL A 37 28.72 22.62 -17.16
C VAL A 37 27.35 21.96 -16.93
N GLY A 38 26.85 22.04 -15.70
CA GLY A 38 25.57 21.42 -15.37
C GLY A 38 24.57 22.30 -14.64
N GLN A 39 23.46 21.71 -14.23
CA GLN A 39 22.43 22.42 -13.49
C GLN A 39 22.92 22.93 -12.13
N PHE A 40 24.01 22.34 -11.65
CA PHE A 40 24.63 22.75 -10.40
C PHE A 40 25.44 24.03 -10.58
N ASN A 41 25.72 24.37 -11.84
CA ASN A 41 26.61 25.47 -12.19
C ASN A 41 25.89 26.74 -12.60
N TYR A 42 24.56 26.70 -12.63
CA TYR A 42 23.82 27.77 -13.30
C TYR A 42 24.25 27.74 -14.76
N TRP A 43 24.86 26.63 -15.15
CA TRP A 43 25.43 26.45 -16.49
C TRP A 43 26.43 27.57 -16.74
N ASP A 44 27.53 27.53 -15.98
CA ASP A 44 28.56 28.56 -16.06
C ASP A 44 29.94 27.91 -16.06
N GLY A 45 30.61 28.01 -17.20
CA GLY A 45 31.86 27.28 -17.43
C GLY A 45 33.11 27.90 -16.83
N ARG A 46 32.92 28.86 -15.95
CA ARG A 46 34.06 29.49 -15.28
C ARG A 46 34.21 28.99 -13.84
N ARG A 47 33.16 28.39 -13.30
CA ARG A 47 33.20 27.95 -11.90
C ARG A 47 33.92 26.62 -11.70
N HIS A 48 33.76 25.70 -12.65
CA HIS A 48 34.37 24.37 -12.53
C HIS A 48 35.26 24.01 -13.71
N PRO A 49 36.59 24.11 -13.53
CA PRO A 49 37.57 23.63 -14.48
C PRO A 49 38.03 22.22 -14.12
N MET A 50 38.62 21.49 -15.06
CA MET A 50 39.06 20.11 -14.81
C MET A 50 40.57 19.94 -14.97
N ARG A 51 41.19 19.24 -14.02
CA ARG A 51 42.63 18.98 -14.08
C ARG A 51 42.98 17.81 -15.00
N LEU A 52 43.84 18.07 -15.99
CA LEU A 52 44.25 17.09 -16.99
C LEU A 52 45.39 16.17 -16.53
N ARG A 53 45.24 14.87 -16.79
CA ARG A 53 46.32 13.91 -16.59
C ARG A 53 47.07 13.80 -17.90
N LYS A 54 48.40 13.80 -17.83
CA LYS A 54 49.25 13.87 -19.03
C LYS A 54 49.36 12.55 -19.78
N GLU A 55 49.51 11.45 -19.04
CA GLU A 55 49.72 10.12 -19.62
C GLU A 55 48.43 9.56 -20.23
N SER A 56 47.31 9.75 -19.54
CA SER A 56 46.03 9.17 -19.95
C SER A 56 45.21 10.11 -20.83
N GLY A 57 45.48 11.41 -20.75
CA GLY A 57 44.75 12.40 -21.53
C GLY A 57 43.39 12.74 -20.95
N ILE A 58 43.12 12.18 -19.77
CA ILE A 58 41.81 12.31 -19.15
C ILE A 58 41.74 13.48 -18.20
N TRP A 59 40.84 14.41 -18.49
CA TRP A 59 40.52 15.52 -17.59
C TRP A 59 39.58 15.01 -16.50
N GLU A 60 39.85 15.40 -15.25
CA GLU A 60 39.06 14.89 -14.12
C GLU A 60 38.70 15.96 -13.11
N LEU A 61 37.72 15.67 -12.26
CA LEU A 61 37.27 16.61 -11.24
C LEU A 61 36.14 16.05 -10.40
N PHE A 62 36.17 16.31 -9.10
CA PHE A 62 35.11 15.85 -8.21
C PHE A 62 34.22 16.97 -7.70
N ILE A 63 33.07 17.15 -8.32
CA ILE A 63 32.12 18.18 -7.86
C ILE A 63 31.19 17.63 -6.78
N PRO A 64 31.21 18.25 -5.59
CA PRO A 64 30.25 17.92 -4.54
C PRO A 64 28.94 18.68 -4.78
N GLY A 65 27.86 18.21 -4.20
CA GLY A 65 26.57 18.88 -4.38
C GLY A 65 25.87 18.50 -5.67
N ALA A 66 26.64 18.05 -6.67
CA ALA A 66 26.09 17.59 -7.95
C ALA A 66 25.58 16.16 -7.84
N HIS A 67 24.26 15.98 -7.99
CA HIS A 67 23.63 14.68 -7.72
C HIS A 67 22.95 14.06 -8.96
N ASN A 68 22.57 12.80 -8.82
CA ASN A 68 21.83 12.12 -9.89
C ASN A 68 20.52 12.85 -10.27
N GLY A 69 20.26 12.95 -11.57
CA GLY A 69 19.06 13.63 -12.05
C GLY A 69 19.36 14.96 -12.73
N GLN A 70 20.56 15.47 -12.47
CA GLN A 70 20.96 16.77 -13.00
C GLN A 70 21.63 16.65 -14.35
N LEU A 71 21.20 17.48 -15.30
CA LEU A 71 21.81 17.52 -16.61
C LEU A 71 23.20 18.10 -16.49
N TYR A 72 24.05 17.84 -17.48
CA TYR A 72 25.38 18.43 -17.53
C TYR A 72 25.97 18.28 -18.93
N LYS A 73 27.19 18.78 -19.09
CA LYS A 73 27.83 18.84 -20.40
C LYS A 73 29.32 19.17 -20.19
N TYR A 74 30.09 19.20 -21.27
CA TYR A 74 31.46 19.66 -21.18
C TYR A 74 31.73 20.88 -22.05
N GLU A 75 32.14 21.98 -21.41
CA GLU A 75 32.61 23.13 -22.16
C GLU A 75 34.12 23.04 -22.28
N MET A 76 34.60 22.92 -23.51
CA MET A 76 36.02 22.84 -23.75
C MET A 76 36.42 23.89 -24.78
N ILE A 77 37.71 24.24 -24.77
CA ILE A 77 38.29 24.98 -25.86
C ILE A 77 39.16 23.97 -26.61
N ASP A 78 38.90 23.80 -27.90
CA ASP A 78 39.53 22.75 -28.67
C ASP A 78 40.90 23.14 -29.24
N ALA A 79 41.63 22.15 -29.77
CA ALA A 79 42.95 22.37 -30.36
C ALA A 79 43.01 23.63 -31.24
N ASN A 80 41.96 23.83 -32.04
CA ASN A 80 41.86 24.99 -32.92
C ASN A 80 41.69 26.28 -32.12
N GLY A 81 41.04 26.17 -30.95
CA GLY A 81 40.77 27.33 -30.13
C GLY A 81 39.32 27.78 -30.24
N ASN A 82 38.40 26.83 -30.20
CA ASN A 82 36.98 27.13 -30.33
C ASN A 82 36.15 26.75 -29.10
N LEU A 83 35.03 27.45 -28.94
CA LEU A 83 34.09 27.17 -27.87
C LEU A 83 33.22 26.00 -28.27
N ARG A 84 33.13 24.99 -27.41
CA ARG A 84 32.38 23.77 -27.69
C ARG A 84 31.64 23.27 -26.46
N LEU A 85 30.38 22.86 -26.62
CA LEU A 85 29.62 22.25 -25.53
C LEU A 85 29.35 20.79 -25.87
N LYS A 86 30.28 19.90 -25.49
CA LYS A 86 30.18 18.49 -25.89
C LYS A 86 29.31 17.65 -24.96
N SER A 87 28.69 16.59 -25.51
CA SER A 87 27.97 15.59 -24.71
C SER A 87 28.95 14.56 -24.17
N ASP A 88 28.76 14.14 -22.92
CA ASP A 88 29.62 13.09 -22.37
C ASP A 88 29.48 11.85 -23.25
N PRO A 89 30.60 11.33 -23.76
CA PRO A 89 30.58 10.14 -24.62
C PRO A 89 30.36 8.87 -23.83
N TYR A 90 30.38 8.99 -22.51
CA TYR A 90 30.00 7.87 -21.64
C TYR A 90 28.75 8.23 -20.84
N ALA A 91 27.81 8.87 -21.53
CA ALA A 91 26.51 9.20 -20.95
C ALA A 91 25.69 7.92 -20.88
N PHE A 92 25.30 7.55 -19.67
CA PHE A 92 24.48 6.37 -19.46
C PHE A 92 23.01 6.73 -19.61
N GLU A 93 22.74 8.03 -19.66
CA GLU A 93 21.39 8.56 -19.85
C GLU A 93 21.45 9.93 -20.52
N ALA A 94 20.60 10.16 -21.51
CA ALA A 94 20.56 11.44 -22.20
C ALA A 94 19.17 12.05 -22.09
N GLN A 95 19.01 13.27 -22.58
CA GLN A 95 17.75 13.99 -22.45
C GLN A 95 16.92 13.84 -23.71
N MET A 96 15.61 14.08 -23.60
CA MET A 96 14.73 14.04 -24.75
C MET A 96 15.16 15.05 -25.83
N ARG A 97 15.35 14.54 -27.04
CA ARG A 97 15.65 15.37 -28.21
C ARG A 97 14.58 16.47 -28.33
N PRO A 98 14.99 17.73 -28.53
CA PRO A 98 16.35 18.26 -28.60
C PRO A 98 16.95 18.62 -27.23
N GLU A 99 18.15 18.13 -26.93
CA GLU A 99 18.90 17.27 -27.85
C GLU A 99 20.37 17.04 -27.49
N THR A 100 20.68 16.88 -26.20
CA THR A 100 22.01 16.40 -25.81
C THR A 100 22.25 16.26 -24.32
N ALA A 101 22.41 17.38 -23.64
CA ALA A 101 22.74 17.36 -22.22
C ALA A 101 22.76 15.94 -21.68
N SER A 102 23.92 15.48 -21.24
CA SER A 102 24.00 14.20 -20.55
C SER A 102 23.30 14.31 -19.21
N LEU A 103 23.05 13.19 -18.56
CA LEU A 103 22.37 13.19 -17.28
C LEU A 103 23.26 12.52 -16.26
N ILE A 104 23.27 13.03 -15.04
CA ILE A 104 23.98 12.34 -13.98
C ILE A 104 23.18 11.14 -13.49
N CYS A 105 23.52 9.96 -14.00
CA CYS A 105 23.14 8.71 -13.36
C CYS A 105 24.41 7.89 -13.32
N GLY A 106 24.41 6.85 -12.51
CA GLY A 106 25.60 6.04 -12.38
C GLY A 106 25.57 4.79 -13.25
N LEU A 107 25.98 3.69 -12.65
CA LEU A 107 25.92 2.40 -13.31
C LEU A 107 24.80 1.61 -12.66
N PRO A 108 24.03 0.89 -13.49
CA PRO A 108 23.06 -0.10 -12.99
C PRO A 108 23.81 -1.14 -12.18
N GLU A 109 23.15 -1.71 -11.18
CA GLU A 109 23.76 -2.68 -10.28
C GLU A 109 24.68 -3.71 -10.97
N LYS A 110 24.16 -4.49 -11.92
CA LYS A 110 24.96 -5.51 -12.59
C LYS A 110 24.30 -6.87 -12.53
N VAL A 111 24.30 -7.56 -13.65
CA VAL A 111 23.54 -8.79 -13.81
C VAL A 111 24.44 -9.99 -14.02
N VAL A 112 24.37 -10.96 -13.11
CA VAL A 112 25.06 -12.23 -13.33
C VAL A 112 24.25 -13.06 -14.31
N GLN A 113 24.88 -13.58 -15.36
CA GLN A 113 24.12 -14.38 -16.32
C GLN A 113 23.75 -15.74 -15.73
N THR A 114 22.52 -16.16 -15.95
CA THR A 114 22.06 -17.42 -15.39
C THR A 114 22.43 -18.61 -16.25
N GLU A 115 22.43 -19.78 -15.64
CA GLU A 115 22.83 -21.00 -16.32
C GLU A 115 21.87 -21.30 -17.47
N GLU A 116 20.58 -21.10 -17.20
CA GLU A 116 19.56 -21.41 -18.19
C GLU A 116 19.61 -20.46 -19.38
N ARG A 117 19.99 -19.22 -19.15
CA ARG A 117 20.14 -18.28 -20.23
C ARG A 117 21.36 -18.59 -21.09
N LYS A 118 22.37 -19.17 -20.46
CA LYS A 118 23.56 -19.58 -21.19
C LYS A 118 23.21 -20.78 -22.05
N LYS A 119 22.46 -21.70 -21.47
CA LYS A 119 22.06 -22.88 -22.18
C LYS A 119 21.26 -22.48 -23.43
N ALA A 120 20.41 -21.48 -23.31
CA ALA A 120 19.58 -21.04 -24.41
C ALA A 120 20.38 -20.50 -25.61
N ASN A 121 21.67 -20.20 -25.41
CA ASN A 121 22.52 -19.61 -26.47
C ASN A 121 23.33 -20.67 -27.25
N GLN A 122 23.44 -21.87 -26.68
CA GLN A 122 24.32 -22.91 -27.17
C GLN A 122 23.92 -23.43 -28.54
N PHE A 123 24.90 -24.00 -29.24
CA PHE A 123 24.68 -24.48 -30.60
C PHE A 123 23.63 -25.60 -30.66
N ASP A 124 23.41 -26.29 -29.54
CA ASP A 124 22.45 -27.40 -29.51
C ASP A 124 21.03 -27.02 -29.09
N ALA A 125 20.83 -25.76 -28.69
CA ALA A 125 19.52 -25.29 -28.28
C ALA A 125 18.62 -24.89 -29.47
N PRO A 126 17.28 -24.98 -29.31
CA PRO A 126 16.39 -24.38 -30.31
C PRO A 126 16.49 -22.90 -30.10
N ILE A 127 16.71 -22.15 -31.19
CA ILE A 127 16.82 -20.73 -31.08
C ILE A 127 15.94 -20.09 -32.13
N SER A 128 14.89 -19.43 -31.67
CA SER A 128 13.93 -18.86 -32.56
C SER A 128 13.74 -17.42 -32.17
N ILE A 129 14.14 -16.52 -33.05
CA ILE A 129 14.24 -15.13 -32.67
C ILE A 129 13.13 -14.28 -33.25
N TYR A 130 12.54 -13.43 -32.40
CA TYR A 130 11.56 -12.49 -32.83
C TYR A 130 12.29 -11.14 -32.89
N GLU A 131 12.48 -10.62 -34.10
CA GLU A 131 13.15 -9.35 -34.29
C GLU A 131 12.14 -8.17 -34.29
N VAL A 132 12.42 -7.14 -33.49
CA VAL A 132 11.47 -6.07 -33.24
C VAL A 132 12.10 -4.69 -33.24
N HIS A 133 11.43 -3.74 -33.88
CA HIS A 133 11.80 -2.33 -33.77
C HIS A 133 10.86 -1.75 -32.71
N LEU A 134 11.41 -1.30 -31.60
CA LEU A 134 10.58 -0.91 -30.47
C LEU A 134 9.67 0.29 -30.80
N GLY A 135 10.05 1.10 -31.78
CA GLY A 135 9.25 2.26 -32.13
C GLY A 135 8.14 2.02 -33.13
N SER A 136 7.98 0.79 -33.61
CA SER A 136 6.94 0.53 -34.58
C SER A 136 6.21 -0.78 -34.34
N TRP A 137 6.47 -1.42 -33.21
CA TRP A 137 5.75 -2.66 -32.91
C TRP A 137 4.29 -2.39 -32.63
N ARG A 138 4.02 -1.59 -31.60
N ARG A 138 4.04 -1.57 -31.62
CA ARG A 138 2.65 -1.16 -31.34
CA ARG A 138 2.68 -1.17 -31.24
C ARG A 138 2.65 0.31 -30.95
C ARG A 138 2.67 0.33 -30.97
N ARG A 139 1.49 0.94 -31.06
CA ARG A 139 1.30 2.34 -30.68
C ARG A 139 -0.03 2.43 -29.92
N HIS A 140 -0.19 3.42 -29.07
CA HIS A 140 -1.49 3.68 -28.45
C HIS A 140 -2.46 4.23 -29.50
N THR A 141 -3.72 3.86 -29.37
CA THR A 141 -4.73 4.24 -30.40
C THR A 141 -5.08 5.73 -30.47
N ASP A 142 -5.49 6.32 -29.36
CA ASP A 142 -5.86 7.74 -29.37
C ASP A 142 -4.82 8.58 -30.13
N ASN A 143 -3.57 8.49 -29.69
CA ASN A 143 -2.53 9.48 -29.97
C ASN A 143 -1.41 9.01 -30.86
N ASN A 144 -1.35 7.71 -31.15
CA ASN A 144 -0.27 7.17 -31.95
C ASN A 144 1.08 7.20 -31.23
N PHE A 145 1.04 7.23 -29.90
CA PHE A 145 2.27 7.36 -29.12
C PHE A 145 3.02 6.04 -29.04
N TRP A 146 4.34 6.12 -28.86
CA TRP A 146 5.10 4.94 -28.52
C TRP A 146 4.53 4.29 -27.28
N LEU A 147 4.66 2.97 -27.22
CA LEU A 147 4.54 2.28 -25.95
C LEU A 147 5.88 2.51 -25.25
N SER A 148 5.85 2.72 -23.95
CA SER A 148 7.08 2.81 -23.15
C SER A 148 7.73 1.45 -22.90
N TYR A 149 8.91 1.45 -22.27
CA TYR A 149 9.63 0.22 -21.92
C TYR A 149 8.81 -0.67 -21.00
N ARG A 150 8.10 -0.04 -20.07
CA ARG A 150 7.28 -0.78 -19.12
C ARG A 150 6.01 -1.33 -19.78
N GLU A 151 5.44 -0.56 -20.71
CA GLU A 151 4.31 -1.08 -21.47
C GLU A 151 4.76 -2.20 -22.40
N LEU A 152 5.97 -2.06 -22.97
CA LEU A 152 6.51 -3.10 -23.83
C LEU A 152 6.74 -4.31 -22.98
N ALA A 153 7.14 -4.08 -21.72
CA ALA A 153 7.27 -5.15 -20.76
C ALA A 153 5.96 -5.91 -20.53
N ASP A 154 4.84 -5.20 -20.44
CA ASP A 154 3.52 -5.85 -20.22
C ASP A 154 2.98 -6.58 -21.44
N GLN A 155 3.44 -6.17 -22.63
CA GLN A 155 2.82 -6.55 -23.93
C GLN A 155 3.73 -7.28 -24.91
N LEU A 156 4.93 -6.79 -25.14
CA LEU A 156 5.80 -7.41 -26.10
C LEU A 156 6.29 -8.73 -25.51
N VAL A 157 6.72 -8.65 -24.26
CA VAL A 157 7.23 -9.83 -23.59
C VAL A 157 6.25 -11.02 -23.52
N PRO A 158 5.07 -10.83 -22.92
CA PRO A 158 4.09 -11.96 -22.90
C PRO A 158 3.70 -12.48 -24.28
N TYR A 159 3.64 -11.58 -25.25
CA TYR A 159 3.36 -11.96 -26.62
C TYR A 159 4.40 -12.88 -27.28
N ALA A 160 5.68 -12.53 -27.14
CA ALA A 160 6.73 -13.29 -27.83
C ALA A 160 6.87 -14.61 -27.13
N LYS A 161 6.63 -14.58 -25.82
CA LYS A 161 6.70 -15.81 -25.03
C LYS A 161 5.60 -16.77 -25.46
N TRP A 162 4.33 -16.31 -25.41
CA TRP A 162 3.19 -17.08 -25.92
C TRP A 162 3.40 -17.56 -27.34
N MET A 163 3.93 -16.71 -28.22
CA MET A 163 4.17 -17.14 -29.59
C MET A 163 5.28 -18.20 -29.66
N GLY A 164 5.88 -18.51 -28.52
CA GLY A 164 6.87 -19.58 -28.46
C GLY A 164 8.27 -19.24 -28.93
N PHE A 165 8.60 -17.94 -28.98
CA PHE A 165 9.98 -17.54 -29.33
C PHE A 165 10.93 -17.77 -28.15
N THR A 166 12.21 -18.02 -28.44
CA THR A 166 13.20 -18.22 -27.38
C THR A 166 13.97 -16.93 -27.16
N HIS A 167 14.09 -16.13 -28.22
CA HIS A 167 14.87 -14.90 -28.17
C HIS A 167 14.08 -13.75 -28.70
N LEU A 168 14.31 -12.62 -28.06
CA LEU A 168 13.83 -11.35 -28.52
C LEU A 168 15.06 -10.63 -29.07
N GLU A 169 14.92 -10.07 -30.25
CA GLU A 169 16.03 -9.28 -30.79
C GLU A 169 15.60 -7.88 -31.11
N LEU A 170 16.32 -6.90 -30.57
CA LEU A 170 15.98 -5.48 -30.68
C LEU A 170 16.80 -4.74 -31.72
N LEU A 171 16.17 -3.98 -32.59
CA LEU A 171 16.95 -3.06 -33.36
C LEU A 171 17.62 -2.08 -32.35
N PRO A 172 18.68 -1.39 -32.77
CA PRO A 172 19.54 -0.65 -31.84
C PRO A 172 18.77 0.26 -30.85
N ILE A 173 19.04 0.12 -29.54
CA ILE A 173 18.41 0.99 -28.54
C ILE A 173 19.35 2.11 -28.06
N ASN A 174 20.52 2.16 -28.70
CA ASN A 174 21.33 3.36 -28.83
C ASN A 174 20.51 4.62 -28.87
N GLU A 175 20.87 5.59 -28.05
CA GLU A 175 20.31 6.90 -28.28
C GLU A 175 20.66 7.32 -29.72
N HIS A 176 19.65 7.68 -30.49
CA HIS A 176 19.83 8.14 -31.86
C HIS A 176 18.82 9.24 -32.15
N PRO A 177 19.24 10.23 -32.95
CA PRO A 177 18.38 11.41 -33.13
C PRO A 177 17.24 11.26 -34.14
N PHE A 178 17.43 10.48 -35.20
CA PHE A 178 16.39 10.37 -36.24
C PHE A 178 15.71 9.01 -36.22
N ASP A 179 14.39 9.00 -36.05
CA ASP A 179 13.65 7.75 -35.99
C ASP A 179 13.95 6.95 -37.24
N GLY A 180 14.31 7.63 -38.32
CA GLY A 180 14.50 7.01 -39.62
C GLY A 180 15.79 6.24 -39.82
N SER A 181 16.75 6.41 -38.92
CA SER A 181 17.93 5.56 -38.98
C SER A 181 17.63 4.16 -38.42
N TRP A 182 16.46 4.02 -37.80
CA TRP A 182 16.06 2.81 -37.06
C TRP A 182 17.02 2.52 -35.89
N GLY A 183 17.89 3.47 -35.55
CA GLY A 183 18.88 3.25 -34.50
C GLY A 183 20.26 2.96 -35.06
N TYR A 184 20.35 2.80 -36.38
CA TYR A 184 21.66 2.53 -37.03
C TYR A 184 22.60 3.73 -37.18
N GLN A 185 22.15 4.93 -36.82
CA GLN A 185 23.01 6.13 -36.78
C GLN A 185 22.99 6.70 -35.38
N PRO A 186 23.82 6.14 -34.49
CA PRO A 186 23.76 6.51 -33.08
C PRO A 186 24.47 7.81 -32.75
N THR A 187 24.21 8.35 -31.56
CA THR A 187 24.99 9.49 -31.04
C THR A 187 25.31 9.31 -29.56
N GLY A 188 24.85 8.21 -28.98
CA GLY A 188 25.09 7.93 -27.57
C GLY A 188 25.08 6.42 -27.33
N LEU A 189 26.27 5.83 -27.43
CA LEU A 189 26.47 4.40 -27.39
C LEU A 189 26.15 3.75 -26.02
N TYR A 190 26.21 4.53 -24.95
CA TYR A 190 26.02 3.96 -23.62
C TYR A 190 24.69 4.35 -22.99
N ALA A 191 23.86 5.05 -23.75
CA ALA A 191 22.55 5.43 -23.25
C ALA A 191 21.43 4.78 -24.06
N PRO A 192 20.49 4.14 -23.36
CA PRO A 192 19.33 3.56 -24.05
C PRO A 192 18.43 4.70 -24.50
N THR A 193 17.94 4.68 -25.74
CA THR A 193 17.11 5.81 -26.19
C THR A 193 16.02 6.21 -25.20
N ARG A 194 15.90 7.51 -24.97
CA ARG A 194 14.95 8.07 -24.01
C ARG A 194 13.54 8.05 -24.59
N ARG A 195 13.46 7.65 -25.85
CA ARG A 195 12.21 7.60 -26.59
C ARG A 195 11.16 6.83 -25.79
N PHE A 196 11.55 5.72 -25.16
CA PHE A 196 10.60 4.85 -24.44
C PHE A 196 10.72 4.89 -22.90
N GLY A 197 11.36 5.91 -22.35
CA GLY A 197 11.50 5.99 -20.89
C GLY A 197 12.93 6.00 -20.38
N THR A 198 13.07 5.81 -19.07
CA THR A 198 14.38 5.93 -18.44
C THR A 198 15.23 4.69 -18.68
N ARG A 199 16.49 4.77 -18.31
CA ARG A 199 17.37 3.64 -18.47
C ARG A 199 16.97 2.54 -17.50
N ASP A 200 16.47 2.91 -16.32
CA ASP A 200 15.95 1.92 -15.37
C ASP A 200 14.69 1.22 -15.93
N ASP A 201 13.92 1.94 -16.75
CA ASP A 201 12.76 1.35 -17.43
C ASP A 201 13.20 0.31 -18.46
N PHE A 202 14.26 0.62 -19.19
CA PHE A 202 14.83 -0.31 -20.15
C PHE A 202 15.28 -1.55 -19.42
N ARG A 203 15.90 -1.34 -18.27
CA ARG A 203 16.44 -2.44 -17.48
C ARG A 203 15.33 -3.36 -16.97
N TYR A 204 14.24 -2.76 -16.52
CA TYR A 204 13.04 -3.47 -16.07
C TYR A 204 12.50 -4.34 -17.20
N PHE A 205 12.44 -3.76 -18.40
CA PHE A 205 12.04 -4.47 -19.59
C PHE A 205 12.84 -5.75 -19.79
N ILE A 206 14.17 -5.61 -19.83
CA ILE A 206 15.07 -6.76 -19.94
C ILE A 206 14.83 -7.75 -18.81
N ASP A 207 14.71 -7.28 -17.55
CA ASP A 207 14.42 -8.19 -16.41
C ASP A 207 13.17 -8.99 -16.71
N ALA A 208 12.16 -8.32 -17.28
CA ALA A 208 10.88 -8.98 -17.56
C ALA A 208 10.97 -10.06 -18.64
N ALA A 209 11.74 -9.79 -19.70
CA ALA A 209 11.98 -10.80 -20.72
C ALA A 209 12.63 -12.02 -20.08
N HIS A 210 13.67 -11.79 -19.29
CA HIS A 210 14.29 -12.89 -18.56
C HIS A 210 13.28 -13.60 -17.61
N ALA A 211 12.50 -12.83 -16.87
CA ALA A 211 11.54 -13.46 -15.95
C ALA A 211 10.60 -14.37 -16.74
N ALA A 212 10.32 -14.02 -17.98
CA ALA A 212 9.53 -14.90 -18.84
C ALA A 212 10.34 -15.99 -19.53
N GLY A 213 11.63 -16.10 -19.21
CA GLY A 213 12.49 -17.07 -19.89
C GLY A 213 12.73 -16.80 -21.37
N LEU A 214 12.85 -15.53 -21.78
CA LEU A 214 13.41 -15.15 -23.08
C LEU A 214 14.87 -14.67 -22.98
N ASN A 215 15.71 -15.07 -23.92
CA ASN A 215 16.98 -14.39 -24.08
C ASN A 215 16.75 -13.11 -24.88
N VAL A 216 17.63 -12.14 -24.69
CA VAL A 216 17.52 -10.87 -25.40
C VAL A 216 18.79 -10.58 -26.18
N ILE A 217 18.64 -10.34 -27.48
CA ILE A 217 19.74 -10.05 -28.38
C ILE A 217 19.68 -8.56 -28.67
N LEU A 218 20.80 -7.88 -28.62
CA LEU A 218 20.76 -6.47 -28.98
C LEU A 218 21.56 -6.16 -30.25
N ASP A 219 20.93 -5.48 -31.19
CA ASP A 219 21.68 -4.97 -32.32
C ASP A 219 22.73 -4.00 -31.80
N TRP A 220 23.99 -4.33 -32.06
CA TRP A 220 25.09 -3.51 -31.65
C TRP A 220 25.78 -2.86 -32.86
N VAL A 221 26.06 -1.57 -32.81
CA VAL A 221 26.55 -0.88 -34.01
C VAL A 221 27.93 -0.27 -33.83
N PRO A 222 28.93 -1.09 -33.51
CA PRO A 222 30.23 -0.48 -33.36
C PRO A 222 30.80 -0.16 -34.73
N GLY A 223 30.00 -0.38 -35.78
CA GLY A 223 30.45 -0.22 -37.16
C GLY A 223 29.93 0.98 -37.90
N HIS A 224 28.97 1.68 -37.29
CA HIS A 224 28.44 2.92 -37.83
C HIS A 224 28.89 4.07 -36.95
N PHE A 225 29.91 4.81 -37.41
CA PHE A 225 30.44 5.93 -36.64
C PHE A 225 29.38 7.01 -36.56
N PRO A 226 29.24 7.67 -35.39
CA PRO A 226 28.26 8.73 -35.22
C PRO A 226 28.47 9.87 -36.23
N THR A 227 27.39 10.35 -36.84
CA THR A 227 27.49 11.38 -37.86
C THR A 227 26.51 12.53 -37.69
N ASP A 228 25.89 12.64 -36.51
CA ASP A 228 24.88 13.67 -36.25
C ASP A 228 25.23 14.53 -35.03
N ASP A 229 24.78 15.78 -35.07
CA ASP A 229 24.91 16.69 -33.93
C ASP A 229 26.35 16.76 -33.42
N PHE A 230 27.32 16.56 -34.30
CA PHE A 230 28.74 16.65 -33.94
C PHE A 230 29.02 15.92 -32.64
N ALA A 231 28.36 14.78 -32.45
CA ALA A 231 28.35 14.07 -31.19
C ALA A 231 29.69 13.46 -30.79
N LEU A 232 30.45 12.97 -31.77
CA LEU A 232 31.70 12.27 -31.45
C LEU A 232 32.90 12.68 -32.29
N ALA A 233 32.67 13.35 -33.41
CA ALA A 233 33.73 13.73 -34.35
C ALA A 233 34.60 14.86 -33.82
N GLU A 234 35.88 14.84 -34.18
CA GLU A 234 36.85 15.86 -33.74
C GLU A 234 36.60 16.18 -32.29
N PHE A 235 36.57 15.14 -31.48
CA PHE A 235 36.16 15.28 -30.09
C PHE A 235 36.85 16.47 -29.44
N ASP A 236 38.18 16.43 -29.39
CA ASP A 236 38.96 17.51 -28.77
C ASP A 236 39.67 18.40 -29.79
N GLY A 237 38.99 18.68 -30.91
CA GLY A 237 39.56 19.49 -31.99
C GLY A 237 40.40 18.66 -32.96
N THR A 238 40.72 17.44 -32.56
CA THR A 238 41.47 16.51 -33.40
C THR A 238 40.60 15.34 -33.87
N ASN A 239 41.15 14.52 -34.76
CA ASN A 239 40.53 13.25 -35.15
C ASN A 239 40.78 12.20 -34.09
N LEU A 240 40.20 12.44 -32.91
CA LEU A 240 40.39 11.59 -31.75
C LEU A 240 39.83 10.17 -32.00
N TYR A 241 38.59 10.08 -32.45
CA TYR A 241 37.94 8.78 -32.64
C TYR A 241 37.95 8.25 -34.07
N GLU A 242 37.86 9.14 -35.07
CA GLU A 242 37.73 8.72 -36.47
C GLU A 242 39.09 8.62 -37.18
N HIS A 243 39.12 9.03 -38.45
CA HIS A 243 40.33 8.96 -39.30
C HIS A 243 40.47 10.18 -40.21
N SER A 244 41.65 10.35 -40.81
CA SER A 244 41.88 11.48 -41.72
C SER A 244 41.08 11.33 -43.01
N THR A 256 31.80 8.35 -44.68
CA THR A 256 33.26 8.33 -44.75
C THR A 256 33.91 8.41 -43.38
N LEU A 257 33.14 8.78 -42.35
CA LEU A 257 33.67 8.82 -40.99
C LEU A 257 33.73 7.41 -40.48
N ILE A 258 34.91 6.93 -40.11
CA ILE A 258 35.08 5.54 -39.68
C ILE A 258 36.00 5.38 -38.47
N TYR A 259 35.47 4.85 -37.37
CA TYR A 259 36.25 4.55 -36.16
C TYR A 259 37.71 4.18 -36.41
N ASN A 260 38.56 4.54 -35.45
CA ASN A 260 39.97 4.18 -35.45
C ASN A 260 40.19 2.98 -34.54
N TYR A 261 39.82 1.81 -35.03
CA TYR A 261 39.80 0.59 -34.19
C TYR A 261 41.21 0.24 -33.70
N GLY A 262 42.20 0.90 -34.28
CA GLY A 262 43.60 0.67 -33.94
C GLY A 262 44.04 1.38 -32.67
N ARG A 263 43.72 2.67 -32.58
CA ARG A 263 44.00 3.43 -31.37
C ARG A 263 43.41 2.69 -30.16
N ARG A 264 44.25 2.48 -29.14
CA ARG A 264 43.90 1.62 -28.00
C ARG A 264 42.71 2.10 -27.16
N GLU A 265 42.47 3.39 -27.11
CA GLU A 265 41.36 3.90 -26.30
C GLU A 265 40.02 3.82 -27.03
N VAL A 266 40.04 4.00 -28.35
CA VAL A 266 38.84 3.84 -29.17
C VAL A 266 38.36 2.39 -29.05
N SER A 267 39.30 1.46 -29.12
CA SER A 267 39.04 0.05 -28.95
C SER A 267 38.41 -0.23 -27.58
N ASN A 268 39.00 0.29 -26.50
CA ASN A 268 38.45 0.11 -25.16
C ASN A 268 37.02 0.60 -25.12
N PHE A 269 36.79 1.74 -25.76
CA PHE A 269 35.48 2.37 -25.86
C PHE A 269 34.46 1.37 -26.41
N LEU A 270 34.74 0.81 -27.59
CA LEU A 270 33.80 -0.08 -28.23
C LEU A 270 33.64 -1.42 -27.52
N VAL A 271 34.76 -2.04 -27.15
CA VAL A 271 34.71 -3.27 -26.34
C VAL A 271 34.04 -3.03 -24.97
N GLY A 272 34.33 -1.89 -24.35
CA GLY A 272 33.65 -1.52 -23.12
C GLY A 272 32.16 -1.57 -23.32
N ASN A 273 31.70 -0.94 -24.41
CA ASN A 273 30.28 -0.82 -24.70
C ASN A 273 29.55 -2.17 -24.71
N ALA A 274 30.20 -3.18 -25.31
CA ALA A 274 29.68 -4.54 -25.35
C ALA A 274 29.58 -5.10 -23.93
N LEU A 275 30.69 -5.03 -23.19
CA LEU A 275 30.74 -5.55 -21.82
C LEU A 275 29.70 -4.89 -20.95
N TYR A 276 29.35 -3.67 -21.32
CA TYR A 276 28.43 -2.83 -20.56
C TYR A 276 27.01 -3.39 -20.68
N TRP A 277 26.52 -3.47 -21.91
CA TRP A 277 25.20 -4.06 -22.21
C TRP A 277 25.00 -5.42 -21.57
N ILE A 278 25.99 -6.29 -21.76
CA ILE A 278 25.91 -7.64 -21.24
C ILE A 278 26.00 -7.70 -19.73
N GLU A 279 26.67 -6.73 -19.10
CA GLU A 279 26.96 -6.85 -17.69
C GLU A 279 26.10 -5.98 -16.79
N ARG A 280 25.68 -4.84 -17.31
CA ARG A 280 24.86 -3.91 -16.55
C ARG A 280 23.37 -3.94 -16.96
N PHE A 281 23.06 -4.70 -18.01
CA PHE A 281 21.67 -4.85 -18.45
C PHE A 281 21.27 -6.30 -18.56
N GLY A 282 22.26 -7.19 -18.55
CA GLY A 282 22.01 -8.61 -18.68
C GLY A 282 21.70 -9.05 -20.11
N ILE A 283 22.01 -8.20 -21.09
CA ILE A 283 21.84 -8.57 -22.49
C ILE A 283 22.52 -9.93 -22.69
N ASP A 284 21.91 -10.81 -23.49
CA ASP A 284 22.42 -12.18 -23.63
C ASP A 284 23.25 -12.45 -24.88
N ALA A 285 23.17 -11.56 -25.87
CA ALA A 285 23.91 -11.74 -27.11
C ALA A 285 23.88 -10.44 -27.87
N LEU A 286 24.84 -10.22 -28.75
CA LEU A 286 24.85 -9.03 -29.59
C LEU A 286 24.99 -9.39 -31.06
N ARG A 287 24.34 -8.59 -31.90
CA ARG A 287 24.40 -8.79 -33.34
C ARG A 287 25.05 -7.60 -34.02
N VAL A 288 26.12 -7.85 -34.77
CA VAL A 288 26.79 -6.78 -35.56
C VAL A 288 26.29 -6.78 -37.00
N ASP A 289 25.69 -5.67 -37.42
CA ASP A 289 25.23 -5.58 -38.79
C ASP A 289 26.37 -5.16 -39.75
N ALA A 290 26.09 -5.22 -41.05
CA ALA A 290 26.98 -4.70 -42.10
C ALA A 290 28.48 -4.92 -41.83
N VAL A 291 28.85 -6.15 -41.52
CA VAL A 291 30.24 -6.44 -41.22
C VAL A 291 31.11 -6.21 -42.45
N ALA A 292 30.56 -6.39 -43.63
CA ALA A 292 31.30 -6.17 -44.86
C ALA A 292 31.91 -4.76 -44.91
N SER A 293 31.11 -3.76 -44.57
CA SER A 293 31.56 -2.39 -44.71
C SER A 293 32.44 -1.94 -43.54
N MET A 294 32.71 -2.86 -42.61
CA MET A 294 33.68 -2.61 -41.56
C MET A 294 35.04 -3.13 -41.99
N ILE A 295 35.05 -4.21 -42.76
CA ILE A 295 36.30 -4.86 -43.06
C ILE A 295 36.83 -4.53 -44.46
N TYR A 296 36.08 -3.77 -45.23
CA TYR A 296 36.53 -3.41 -46.58
C TYR A 296 36.74 -1.91 -46.77
N ARG A 297 37.58 -1.55 -47.74
CA ARG A 297 37.92 -0.16 -48.02
C ARG A 297 38.77 0.41 -46.90
N GLY A 312 46.50 -2.16 -47.94
CA GLY A 312 46.90 -3.54 -47.69
C GLY A 312 45.84 -4.56 -48.08
N GLY A 313 45.62 -4.73 -49.40
CA GLY A 313 44.50 -5.53 -49.89
C GLY A 313 43.23 -4.70 -49.76
N ARG A 314 42.10 -5.24 -50.20
CA ARG A 314 40.82 -4.55 -50.03
C ARG A 314 40.56 -4.33 -48.54
N GLU A 315 41.02 -5.29 -47.75
CA GLU A 315 40.69 -5.44 -46.34
C GLU A 315 41.19 -4.30 -45.45
N ASN A 316 40.39 -3.96 -44.45
CA ASN A 316 40.84 -3.10 -43.36
C ASN A 316 41.32 -3.97 -42.21
N LEU A 317 42.63 -4.22 -42.17
CA LEU A 317 43.24 -5.20 -41.29
C LEU A 317 43.00 -4.93 -39.82
N GLU A 318 42.92 -3.66 -39.48
CA GLU A 318 42.74 -3.27 -38.09
C GLU A 318 41.30 -3.45 -37.64
N ALA A 319 40.37 -3.40 -38.59
CA ALA A 319 38.96 -3.65 -38.29
C ALA A 319 38.72 -5.14 -38.07
N ILE A 320 39.39 -5.97 -38.88
CA ILE A 320 39.33 -7.42 -38.70
C ILE A 320 39.86 -7.82 -37.33
N GLU A 321 40.89 -7.12 -36.88
CA GLU A 321 41.53 -7.45 -35.62
C GLU A 321 40.62 -7.08 -34.48
N PHE A 322 39.99 -5.92 -34.59
CA PHE A 322 39.03 -5.45 -33.60
C PHE A 322 37.97 -6.51 -33.29
N LEU A 323 37.36 -7.06 -34.33
CA LEU A 323 36.31 -8.07 -34.19
C LEU A 323 36.82 -9.38 -33.59
N ARG A 324 37.98 -9.83 -34.07
CA ARG A 324 38.62 -11.04 -33.54
C ARG A 324 38.83 -10.84 -32.06
N ASN A 325 39.39 -9.69 -31.73
CA ASN A 325 39.77 -9.42 -30.36
C ASN A 325 38.55 -9.32 -29.47
N THR A 326 37.58 -8.53 -29.91
CA THR A 326 36.35 -8.31 -29.16
C THR A 326 35.67 -9.65 -28.85
N ASN A 327 35.53 -10.47 -29.88
CA ASN A 327 34.96 -11.78 -29.69
C ASN A 327 35.76 -12.59 -28.66
N ARG A 328 37.09 -12.56 -28.75
CA ARG A 328 37.90 -13.29 -27.78
C ARG A 328 37.64 -12.81 -26.35
N ILE A 329 37.54 -11.50 -26.20
CA ILE A 329 37.38 -10.88 -24.90
C ILE A 329 36.03 -11.22 -24.28
N LEU A 330 34.99 -11.18 -25.10
CA LEU A 330 33.68 -11.58 -24.64
C LEU A 330 33.72 -13.05 -24.26
N GLY A 331 34.29 -13.87 -25.14
CA GLY A 331 34.37 -15.30 -24.89
C GLY A 331 35.07 -15.60 -23.59
N GLU A 332 35.88 -14.66 -23.11
CA GLU A 332 36.67 -14.86 -21.93
C GLU A 332 36.05 -14.16 -20.74
N GLN A 333 35.60 -12.93 -20.95
CA GLN A 333 34.97 -12.19 -19.87
C GLN A 333 33.57 -12.72 -19.56
N VAL A 334 32.73 -12.81 -20.57
CA VAL A 334 31.33 -13.09 -20.32
C VAL A 334 30.84 -14.34 -21.00
N SER A 335 31.56 -15.44 -20.81
CA SER A 335 31.21 -16.67 -21.50
C SER A 335 29.79 -17.09 -21.20
N GLY A 336 29.03 -17.33 -22.26
CA GLY A 336 27.61 -17.61 -22.16
C GLY A 336 26.87 -16.63 -23.02
N ALA A 337 27.41 -15.41 -23.10
CA ALA A 337 26.90 -14.44 -24.07
C ALA A 337 27.50 -14.82 -25.41
N VAL A 338 26.77 -14.55 -26.49
CA VAL A 338 27.26 -14.86 -27.82
C VAL A 338 27.11 -13.68 -28.76
N THR A 339 27.80 -13.74 -29.89
CA THR A 339 27.74 -12.68 -30.87
C THR A 339 27.32 -13.30 -32.20
N MET A 340 26.60 -12.51 -32.98
CA MET A 340 26.17 -12.96 -34.27
C MET A 340 26.51 -11.86 -35.25
N ALA A 341 26.60 -12.20 -36.53
CA ALA A 341 27.00 -11.21 -37.54
C ALA A 341 26.27 -11.36 -38.85
N GLU A 342 25.94 -10.22 -39.43
CA GLU A 342 25.51 -10.16 -40.81
C GLU A 342 26.68 -9.64 -41.67
N GLU A 343 27.16 -10.47 -42.58
CA GLU A 343 28.27 -10.10 -43.46
C GLU A 343 27.95 -10.44 -44.92
N SER A 344 28.06 -9.44 -45.80
CA SER A 344 27.38 -9.52 -47.11
C SER A 344 28.18 -10.10 -48.26
N THR A 345 29.42 -10.51 -47.99
CA THR A 345 30.25 -11.16 -49.01
C THR A 345 30.71 -12.50 -48.43
N ASP A 346 31.22 -13.38 -49.27
CA ASP A 346 31.48 -14.71 -48.75
C ASP A 346 32.79 -14.76 -47.96
N PHE A 347 33.04 -13.72 -47.15
CA PHE A 347 34.22 -13.72 -46.29
C PHE A 347 34.27 -15.01 -45.47
N PRO A 348 35.35 -15.77 -45.61
CA PRO A 348 35.41 -17.08 -44.99
C PRO A 348 35.49 -17.00 -43.46
N GLY A 349 34.82 -17.96 -42.81
CA GLY A 349 34.95 -18.19 -41.36
C GLY A 349 34.52 -17.07 -40.43
N VAL A 350 33.46 -16.36 -40.81
CA VAL A 350 32.90 -15.32 -39.95
C VAL A 350 32.52 -15.90 -38.59
N SER A 351 31.86 -17.05 -38.62
CA SER A 351 31.51 -17.75 -37.38
C SER A 351 32.46 -18.92 -37.12
N ARG A 352 33.75 -18.68 -37.35
CA ARG A 352 34.75 -19.70 -37.05
C ARG A 352 35.84 -19.07 -36.18
N PRO A 353 36.57 -19.89 -35.41
CA PRO A 353 37.56 -19.42 -34.43
C PRO A 353 38.71 -18.61 -35.02
N GLN A 354 39.15 -17.60 -34.28
CA GLN A 354 40.23 -16.70 -34.71
C GLN A 354 41.57 -17.38 -35.00
N ASP A 355 41.96 -18.38 -34.20
CA ASP A 355 43.24 -19.07 -34.43
C ASP A 355 43.35 -19.57 -35.89
N MET A 356 42.21 -19.56 -36.59
CA MET A 356 42.08 -20.11 -37.94
C MET A 356 41.54 -19.06 -38.90
N GLY A 357 40.40 -19.32 -39.52
CA GLY A 357 39.70 -18.30 -40.32
C GLY A 357 39.69 -16.96 -39.58
N GLY A 358 38.95 -16.91 -38.48
CA GLY A 358 38.91 -15.72 -37.65
C GLY A 358 37.55 -15.07 -37.61
N LEU A 359 37.53 -13.78 -37.31
CA LEU A 359 36.32 -13.06 -36.89
C LEU A 359 35.81 -13.56 -35.54
N GLY A 360 35.60 -14.86 -35.41
CA GLY A 360 35.21 -15.44 -34.13
C GLY A 360 33.78 -15.23 -33.66
N PHE A 361 32.86 -14.94 -34.57
CA PHE A 361 31.44 -14.89 -34.18
C PHE A 361 30.95 -16.31 -33.94
N TRP A 362 29.92 -16.46 -33.11
CA TRP A 362 29.26 -17.76 -32.95
C TRP A 362 28.28 -18.05 -34.10
N TYR A 363 27.60 -17.02 -34.58
CA TYR A 363 26.50 -17.21 -35.53
C TYR A 363 26.57 -16.25 -36.71
N LYS A 364 26.15 -16.70 -37.87
CA LYS A 364 26.10 -15.85 -39.05
C LYS A 364 24.69 -15.83 -39.66
N TRP A 365 24.23 -14.66 -40.10
CA TRP A 365 22.98 -14.58 -40.88
C TRP A 365 23.14 -15.31 -42.22
N ASN A 366 22.17 -16.15 -42.59
CA ASN A 366 22.25 -16.87 -43.87
C ASN A 366 21.50 -16.13 -44.96
N LEU A 367 22.16 -15.09 -45.47
CA LEU A 367 21.57 -14.20 -46.45
C LEU A 367 21.34 -14.90 -47.78
N GLY A 368 22.29 -15.75 -48.16
CA GLY A 368 22.20 -16.56 -49.38
C GLY A 368 20.95 -17.41 -49.40
N TRP A 369 20.64 -17.99 -48.25
CA TRP A 369 19.45 -18.81 -48.10
C TRP A 369 18.22 -17.93 -48.24
N MET A 370 18.24 -16.76 -47.62
CA MET A 370 17.06 -15.94 -47.63
C MET A 370 16.76 -15.65 -49.10
N HIS A 371 17.78 -15.23 -49.84
CA HIS A 371 17.60 -14.88 -51.25
C HIS A 371 17.19 -16.04 -52.11
N ASP A 372 17.85 -17.18 -51.94
CA ASP A 372 17.50 -18.31 -52.76
C ASP A 372 16.05 -18.75 -52.52
N THR A 373 15.66 -18.89 -51.24
CA THR A 373 14.35 -19.44 -50.93
C THR A 373 13.23 -18.46 -51.33
N LEU A 374 13.44 -17.18 -51.05
CA LEU A 374 12.50 -16.16 -51.52
C LEU A 374 12.41 -16.15 -53.06
N ASP A 375 13.54 -16.18 -53.76
CA ASP A 375 13.42 -16.23 -55.23
C ASP A 375 12.61 -17.46 -55.64
N TYR A 376 12.75 -18.55 -54.90
CA TYR A 376 12.03 -19.79 -55.21
C TYR A 376 10.54 -19.56 -55.00
N MET A 377 10.18 -19.04 -53.83
CA MET A 377 8.78 -18.81 -53.48
C MET A 377 8.13 -17.82 -54.44
N LYS A 378 8.91 -16.89 -54.99
CA LYS A 378 8.37 -15.85 -55.87
C LYS A 378 7.90 -16.42 -57.18
N LEU A 379 8.56 -17.49 -57.64
CA LEU A 379 8.18 -18.11 -58.89
C LEU A 379 6.76 -18.62 -58.89
N ASP A 380 6.09 -18.42 -60.03
CA ASP A 380 4.88 -19.14 -60.42
C ASP A 380 5.19 -20.62 -60.22
N PRO A 381 4.39 -21.33 -59.41
CA PRO A 381 4.71 -22.72 -59.06
C PRO A 381 5.04 -23.56 -60.28
N VAL A 382 4.47 -23.17 -61.41
CA VAL A 382 4.67 -23.92 -62.66
C VAL A 382 6.13 -23.88 -63.13
N TYR A 383 6.89 -22.94 -62.59
CA TYR A 383 8.29 -22.76 -62.96
C TYR A 383 9.29 -23.28 -61.91
N ARG A 384 8.78 -23.70 -60.76
CA ARG A 384 9.65 -24.25 -59.70
C ARG A 384 10.49 -25.46 -60.07
N GLN A 385 9.95 -26.31 -60.93
CA GLN A 385 10.73 -27.40 -61.49
C GLN A 385 12.08 -27.00 -62.13
N TYR A 386 12.26 -25.73 -62.55
CA TYR A 386 13.54 -25.32 -63.17
C TYR A 386 14.49 -24.66 -62.18
N HIS A 387 14.05 -24.47 -60.94
CA HIS A 387 14.88 -23.80 -59.96
C HIS A 387 14.98 -24.59 -58.65
N HIS A 388 15.03 -25.90 -58.77
CA HIS A 388 15.02 -26.79 -57.62
C HIS A 388 16.27 -26.55 -56.77
N ASP A 389 17.33 -26.14 -57.46
CA ASP A 389 18.61 -25.93 -56.84
C ASP A 389 18.51 -24.82 -55.81
N LYS A 390 17.50 -23.98 -55.90
CA LYS A 390 17.37 -22.93 -54.91
C LYS A 390 17.00 -23.46 -53.52
N LEU A 391 16.40 -24.65 -53.46
CA LEU A 391 16.01 -25.18 -52.16
C LEU A 391 17.07 -26.16 -51.64
N THR A 392 17.68 -26.91 -52.56
CA THR A 392 18.73 -27.86 -52.20
C THR A 392 20.09 -27.21 -51.89
N PHE A 393 20.47 -26.16 -52.62
CA PHE A 393 21.80 -25.53 -52.47
C PHE A 393 22.27 -25.22 -51.04
N GLY A 394 21.34 -24.79 -50.19
CA GLY A 394 21.66 -24.40 -48.82
C GLY A 394 22.40 -25.46 -48.04
N ILE A 395 22.24 -26.72 -48.43
CA ILE A 395 22.92 -27.79 -47.71
C ILE A 395 24.42 -27.85 -47.99
N LEU A 396 24.81 -27.48 -49.21
CA LEU A 396 26.19 -27.58 -49.65
C LEU A 396 27.12 -26.70 -48.84
N TYR A 397 26.65 -25.57 -48.37
CA TYR A 397 27.54 -24.72 -47.57
C TYR A 397 27.07 -24.63 -46.11
N ASN A 398 26.16 -25.50 -45.70
CA ASN A 398 25.61 -25.39 -44.35
C ASN A 398 26.65 -25.55 -43.25
N TYR A 399 27.64 -26.40 -43.49
CA TYR A 399 28.64 -26.68 -42.46
C TYR A 399 29.89 -25.79 -42.54
N THR A 400 29.84 -24.73 -43.36
CA THR A 400 30.91 -23.76 -43.38
C THR A 400 30.67 -22.65 -42.35
N GLU A 401 29.42 -22.43 -41.94
CA GLU A 401 29.15 -21.36 -40.97
C GLU A 401 28.04 -21.80 -40.03
N ASN A 402 28.00 -21.25 -38.80
CA ASN A 402 26.86 -21.53 -37.90
C ASN A 402 25.68 -20.58 -38.19
N PHE A 403 24.70 -21.05 -38.92
CA PHE A 403 23.78 -20.16 -39.59
C PHE A 403 22.48 -19.85 -38.83
N VAL A 404 21.94 -18.67 -39.11
CA VAL A 404 20.62 -18.29 -38.68
C VAL A 404 19.88 -18.01 -39.99
N LEU A 405 18.66 -18.52 -40.09
CA LEU A 405 17.82 -18.28 -41.22
C LEU A 405 16.97 -17.04 -40.92
N PRO A 406 17.21 -15.93 -41.63
CA PRO A 406 16.59 -14.69 -41.17
C PRO A 406 15.64 -14.08 -42.17
N LEU A 407 14.42 -13.82 -41.74
CA LEU A 407 13.50 -13.02 -42.51
C LEU A 407 13.39 -11.74 -41.72
N SER A 408 14.27 -10.80 -42.03
CA SER A 408 14.47 -9.67 -41.16
C SER A 408 13.84 -8.40 -41.72
N HIS A 409 13.98 -7.32 -40.97
CA HIS A 409 13.47 -6.04 -41.37
C HIS A 409 14.04 -5.50 -42.73
N ASP A 410 15.24 -5.91 -43.12
CA ASP A 410 15.83 -5.34 -44.35
C ASP A 410 15.03 -5.79 -45.56
N GLU A 411 14.28 -6.88 -45.43
CA GLU A 411 13.65 -7.53 -46.57
C GLU A 411 12.22 -7.07 -46.84
N VAL A 412 11.71 -6.21 -45.97
CA VAL A 412 10.33 -5.78 -46.09
C VAL A 412 10.17 -4.27 -46.07
N VAL A 413 11.20 -3.54 -46.49
CA VAL A 413 11.12 -2.09 -46.70
C VAL A 413 11.53 -1.71 -48.13
N HIS A 414 11.37 -0.44 -48.49
CA HIS A 414 11.94 0.10 -49.72
C HIS A 414 11.53 -0.61 -51.00
N GLY A 415 10.25 -0.96 -51.12
CA GLY A 415 9.74 -1.54 -52.36
C GLY A 415 9.99 -3.03 -52.49
N LYS A 416 10.71 -3.61 -51.53
CA LYS A 416 10.93 -5.08 -51.48
C LYS A 416 9.67 -5.90 -51.26
N LYS A 417 8.65 -5.25 -50.70
CA LYS A 417 7.37 -5.86 -50.33
C LYS A 417 7.38 -6.64 -49.00
N SER A 418 6.19 -6.96 -48.54
CA SER A 418 6.03 -7.85 -47.43
C SER A 418 6.41 -9.24 -47.91
N ILE A 419 6.58 -10.17 -46.96
CA ILE A 419 6.85 -11.55 -47.32
C ILE A 419 5.59 -12.16 -47.98
N LEU A 420 4.43 -11.94 -47.37
CA LEU A 420 3.18 -12.36 -47.99
C LEU A 420 3.10 -11.94 -49.46
N ASP A 421 3.42 -10.67 -49.75
CA ASP A 421 3.18 -10.11 -51.09
C ASP A 421 4.09 -10.63 -52.17
N ARG A 422 5.23 -11.19 -51.80
CA ARG A 422 6.06 -11.93 -52.73
C ARG A 422 5.39 -13.20 -53.29
N MET A 423 4.43 -13.75 -52.56
CA MET A 423 3.86 -15.04 -52.94
C MET A 423 3.00 -14.88 -54.21
N PRO A 424 2.99 -15.93 -55.07
CA PRO A 424 2.21 -15.86 -56.33
C PRO A 424 0.74 -16.28 -56.17
N GLY A 425 -0.09 -15.89 -57.13
CA GLY A 425 -1.50 -16.33 -57.20
C GLY A 425 -2.46 -15.44 -56.41
N ASP A 426 -3.73 -15.82 -56.41
CA ASP A 426 -4.71 -15.13 -55.61
C ASP A 426 -4.43 -15.35 -54.12
N ALA A 427 -5.19 -14.65 -53.29
CA ALA A 427 -4.91 -14.54 -51.86
C ALA A 427 -4.78 -15.89 -51.20
N TRP A 428 -5.72 -16.78 -51.45
CA TRP A 428 -5.63 -18.11 -50.85
C TRP A 428 -4.38 -18.90 -51.24
N GLN A 429 -3.82 -18.65 -52.43
CA GLN A 429 -2.56 -19.32 -52.78
C GLN A 429 -1.36 -18.64 -52.19
N LYS A 430 -1.48 -17.34 -51.95
CA LYS A 430 -0.40 -16.59 -51.30
C LYS A 430 -0.19 -17.10 -49.90
N PHE A 431 -1.28 -17.16 -49.13
CA PHE A 431 -1.19 -17.65 -47.74
C PHE A 431 -0.67 -19.06 -47.69
N ALA A 432 -1.13 -19.90 -48.60
CA ALA A 432 -0.69 -21.29 -48.64
C ALA A 432 0.81 -21.40 -48.92
N ASN A 433 1.28 -20.67 -49.94
CA ASN A 433 2.71 -20.59 -50.17
C ASN A 433 3.45 -20.15 -48.92
N LEU A 434 2.98 -19.10 -48.27
CA LEU A 434 3.69 -18.59 -47.12
C LEU A 434 3.71 -19.65 -45.98
N ARG A 435 2.57 -20.31 -45.76
CA ARG A 435 2.55 -21.39 -44.75
C ARG A 435 3.57 -22.48 -45.09
N ALA A 436 3.55 -22.97 -46.33
CA ALA A 436 4.45 -24.06 -46.73
C ALA A 436 5.89 -23.64 -46.46
N TYR A 437 6.20 -22.38 -46.75
CA TYR A 437 7.55 -21.83 -46.56
C TYR A 437 8.04 -21.76 -45.13
N TYR A 438 7.19 -21.31 -44.23
CA TYR A 438 7.54 -21.30 -42.82
C TYR A 438 7.77 -22.74 -42.40
N GLY A 439 6.92 -23.66 -42.87
CA GLY A 439 7.10 -25.08 -42.56
C GLY A 439 8.51 -25.55 -42.89
N TRP A 440 8.96 -25.20 -44.08
CA TRP A 440 10.25 -25.58 -44.63
C TRP A 440 11.36 -24.91 -43.84
N MET A 441 11.22 -23.60 -43.68
CA MET A 441 12.17 -22.80 -42.92
C MET A 441 12.44 -23.34 -41.53
N TRP A 442 11.38 -23.65 -40.79
CA TRP A 442 11.52 -24.14 -39.41
C TRP A 442 12.13 -25.55 -39.31
N ALA A 443 12.10 -26.34 -40.39
CA ALA A 443 12.70 -27.68 -40.40
C ALA A 443 14.14 -27.74 -40.92
N PHE A 444 14.56 -26.68 -41.62
CA PHE A 444 15.82 -26.63 -42.36
C PHE A 444 16.95 -26.20 -41.41
N PRO A 445 18.12 -26.82 -41.54
CA PRO A 445 19.20 -26.58 -40.57
C PRO A 445 19.50 -25.10 -40.33
N GLY A 446 19.79 -24.74 -39.09
CA GLY A 446 20.12 -23.37 -38.74
C GLY A 446 19.01 -22.75 -37.93
N LYS A 447 19.39 -21.81 -37.07
CA LYS A 447 18.44 -21.17 -36.15
C LYS A 447 17.44 -20.31 -36.93
N LYS A 448 16.45 -19.75 -36.23
CA LYS A 448 15.38 -19.02 -36.87
C LYS A 448 15.31 -17.56 -36.43
N LEU A 449 15.14 -16.68 -37.41
CA LEU A 449 14.84 -15.28 -37.12
C LEU A 449 13.65 -14.78 -37.95
N LEU A 450 12.71 -14.13 -37.27
CA LEU A 450 11.49 -13.67 -37.92
C LEU A 450 11.18 -12.29 -37.41
N PHE A 451 11.00 -11.37 -38.37
CA PHE A 451 10.71 -10.01 -38.06
C PHE A 451 9.21 -9.76 -37.80
N MET A 452 8.96 -8.98 -36.77
CA MET A 452 7.61 -8.71 -36.33
C MET A 452 6.77 -8.34 -37.54
N GLY A 453 5.51 -8.73 -37.50
CA GLY A 453 4.61 -8.53 -38.60
C GLY A 453 4.64 -9.74 -39.53
N ASN A 454 5.77 -10.39 -39.67
CA ASN A 454 5.77 -11.55 -40.53
C ASN A 454 4.90 -12.68 -40.00
N GLU A 455 4.71 -12.75 -38.67
CA GLU A 455 4.11 -13.95 -38.05
C GLU A 455 2.62 -13.94 -38.28
N PHE A 456 2.06 -12.79 -38.59
CA PHE A 456 0.66 -12.73 -38.91
C PHE A 456 0.48 -12.22 -40.33
N ALA A 457 1.52 -12.38 -41.11
CA ALA A 457 1.45 -12.12 -42.54
C ALA A 457 0.95 -10.72 -42.87
N GLN A 458 1.59 -9.70 -42.34
CA GLN A 458 1.24 -8.34 -42.76
C GLN A 458 1.30 -8.19 -44.29
N GLY A 459 0.36 -7.44 -44.84
CA GLY A 459 0.32 -7.18 -46.28
C GLY A 459 1.30 -6.10 -46.70
N ARG A 460 1.19 -4.92 -46.08
CA ARG A 460 2.07 -3.77 -46.33
C ARG A 460 3.50 -4.01 -45.83
N GLU A 461 4.42 -3.21 -46.35
CA GLU A 461 5.80 -3.17 -45.88
C GLU A 461 5.90 -2.68 -44.45
N TRP A 462 7.05 -2.87 -43.84
CA TRP A 462 7.24 -2.35 -42.51
C TRP A 462 7.40 -0.84 -42.58
N ASN A 463 6.69 -0.13 -41.70
CA ASN A 463 6.80 1.31 -41.58
C ASN A 463 7.23 1.63 -40.16
N HIS A 464 8.50 2.05 -40.02
CA HIS A 464 9.11 2.37 -38.71
C HIS A 464 8.40 3.52 -38.05
N ASP A 465 7.56 4.18 -38.82
CA ASP A 465 6.88 5.40 -38.38
C ASP A 465 5.42 5.14 -38.00
N ALA A 466 5.01 3.87 -38.11
CA ALA A 466 3.67 3.47 -37.67
C ALA A 466 3.65 2.14 -36.94
N SER A 467 2.59 1.91 -36.20
CA SER A 467 2.33 0.60 -35.66
C SER A 467 2.27 -0.41 -36.79
N LEU A 468 2.53 -1.68 -36.50
CA LEU A 468 2.20 -2.75 -37.43
C LEU A 468 0.69 -2.85 -37.65
N ASP A 469 0.30 -3.59 -38.69
CA ASP A 469 -1.10 -3.70 -39.05
C ASP A 469 -1.86 -4.70 -38.18
N TRP A 470 -1.92 -4.45 -36.87
CA TRP A 470 -2.67 -5.35 -35.98
C TRP A 470 -4.16 -5.38 -36.33
N HIS A 471 -4.66 -4.37 -37.05
CA HIS A 471 -6.07 -4.38 -37.41
C HIS A 471 -6.36 -5.56 -38.34
N LEU A 472 -5.34 -6.20 -38.87
CA LEU A 472 -5.56 -7.38 -39.71
C LEU A 472 -6.07 -8.55 -38.86
N LEU A 473 -5.83 -8.48 -37.56
CA LEU A 473 -6.26 -9.54 -36.66
C LEU A 473 -7.54 -9.22 -35.91
N GLU A 474 -8.30 -8.22 -36.37
N GLU A 474 -8.28 -8.21 -36.39
CA GLU A 474 -9.55 -7.89 -35.70
CA GLU A 474 -9.57 -7.84 -35.80
C GLU A 474 -10.75 -8.44 -36.43
C GLU A 474 -10.66 -8.68 -36.41
N GLY A 475 -11.75 -8.85 -35.66
CA GLY A 475 -12.96 -9.51 -36.23
C GLY A 475 -12.84 -11.02 -36.28
N GLY A 476 -13.66 -11.66 -37.12
CA GLY A 476 -13.73 -13.11 -37.18
C GLY A 476 -12.38 -13.72 -37.47
N ASP A 477 -12.21 -15.00 -37.15
CA ASP A 477 -10.97 -15.69 -37.44
C ASP A 477 -10.71 -15.64 -38.96
N ASN A 478 -9.53 -15.20 -39.37
CA ASN A 478 -9.24 -15.09 -40.80
C ASN A 478 -7.87 -15.69 -41.13
N TRP A 479 -7.41 -15.48 -42.37
CA TRP A 479 -6.17 -16.09 -42.82
C TRP A 479 -4.92 -15.62 -42.07
N HIS A 480 -4.97 -14.39 -41.54
CA HIS A 480 -3.88 -13.84 -40.72
C HIS A 480 -3.78 -14.55 -39.38
N HIS A 481 -4.89 -14.83 -38.72
CA HIS A 481 -4.82 -15.66 -37.53
C HIS A 481 -4.22 -17.04 -37.81
N GLY A 482 -4.55 -17.60 -38.97
CA GLY A 482 -4.10 -18.92 -39.41
C GLY A 482 -2.58 -19.03 -39.31
N VAL A 483 -1.90 -18.05 -39.91
CA VAL A 483 -0.44 -17.98 -39.94
C VAL A 483 0.12 -17.77 -38.56
N GLN A 484 -0.55 -16.91 -37.80
CA GLN A 484 -0.05 -16.60 -36.47
C GLN A 484 -0.09 -17.87 -35.64
N ARG A 485 -1.17 -18.64 -35.75
CA ARG A 485 -1.23 -19.96 -35.08
C ARG A 485 -0.19 -20.93 -35.54
N LEU A 486 0.17 -20.84 -36.84
CA LEU A 486 1.13 -21.79 -37.41
C LEU A 486 2.53 -21.50 -36.83
N VAL A 487 2.87 -20.22 -36.76
CA VAL A 487 4.20 -19.81 -36.34
C VAL A 487 4.37 -20.26 -34.89
N ARG A 488 3.35 -19.99 -34.08
CA ARG A 488 3.35 -20.48 -32.73
C ARG A 488 3.56 -21.99 -32.66
N ASP A 489 2.78 -22.76 -33.44
CA ASP A 489 2.91 -24.25 -33.42
C ASP A 489 4.23 -24.73 -33.97
N LEU A 490 4.76 -24.05 -34.97
CA LEU A 490 6.08 -24.33 -35.49
C LEU A 490 7.13 -24.13 -34.37
N ASN A 491 7.12 -22.99 -33.67
CA ASN A 491 8.09 -22.76 -32.55
C ASN A 491 7.97 -23.86 -31.49
N LEU A 492 6.77 -24.08 -30.97
CA LEU A 492 6.63 -25.04 -29.87
C LEU A 492 7.03 -26.44 -30.26
N THR A 493 6.69 -26.82 -31.50
CA THR A 493 6.97 -28.17 -32.01
C THR A 493 8.48 -28.27 -32.27
N TYR A 494 9.04 -27.21 -32.86
CA TYR A 494 10.49 -27.12 -33.11
C TYR A 494 11.31 -27.23 -31.80
N ARG A 495 10.77 -26.69 -30.73
CA ARG A 495 11.47 -26.70 -29.46
C ARG A 495 11.29 -28.03 -28.75
N HIS A 496 10.25 -28.76 -29.13
CA HIS A 496 9.91 -29.96 -28.37
C HIS A 496 10.83 -31.09 -28.76
N HIS A 497 11.05 -31.25 -30.07
CA HIS A 497 11.80 -32.40 -30.58
C HIS A 497 13.25 -32.03 -30.90
N LYS A 498 14.18 -32.51 -30.10
CA LYS A 498 15.60 -32.33 -30.36
C LYS A 498 16.07 -32.46 -31.85
N ALA A 499 15.48 -33.37 -32.62
CA ALA A 499 15.96 -33.60 -34.01
C ALA A 499 15.89 -32.31 -34.83
N MET A 500 14.84 -31.52 -34.60
CA MET A 500 14.65 -30.26 -35.31
C MET A 500 15.75 -29.23 -34.99
N HIS A 501 16.52 -29.48 -33.93
CA HIS A 501 17.42 -28.44 -33.45
C HIS A 501 18.78 -28.86 -32.85
N GLU A 502 19.00 -30.13 -32.54
CA GLU A 502 20.21 -30.52 -31.80
C GLU A 502 21.47 -30.42 -32.63
N LEU A 503 21.35 -30.78 -33.90
CA LEU A 503 22.50 -31.03 -34.73
C LEU A 503 22.42 -30.25 -36.05
N ASP A 504 22.05 -28.99 -35.95
CA ASP A 504 22.00 -28.11 -37.14
C ASP A 504 23.31 -28.09 -37.91
N PHE A 505 24.40 -28.20 -37.15
CA PHE A 505 25.74 -27.91 -37.63
C PHE A 505 26.57 -29.17 -37.81
N ASP A 506 25.90 -30.31 -37.83
CA ASP A 506 26.53 -31.60 -38.00
C ASP A 506 25.84 -32.36 -39.13
N PRO A 507 26.62 -32.88 -40.11
CA PRO A 507 26.00 -33.64 -41.21
C PRO A 507 25.04 -34.70 -40.67
N TYR A 508 25.31 -35.25 -39.50
CA TYR A 508 24.43 -36.31 -38.97
C TYR A 508 23.00 -35.84 -38.74
N GLY A 509 22.80 -34.54 -38.65
CA GLY A 509 21.51 -33.96 -38.27
C GLY A 509 20.54 -33.78 -39.40
N PHE A 510 20.97 -34.06 -40.62
CA PHE A 510 20.13 -33.84 -41.81
C PHE A 510 20.51 -34.83 -42.89
N GLU A 511 19.49 -35.39 -43.54
CA GLU A 511 19.75 -36.25 -44.68
C GLU A 511 18.62 -36.24 -45.72
N TRP A 512 18.94 -36.06 -47.00
CA TRP A 512 17.88 -36.12 -48.03
C TRP A 512 17.22 -37.50 -48.20
N LEU A 513 15.90 -37.54 -48.19
CA LEU A 513 15.17 -38.71 -48.66
C LEU A 513 14.83 -38.55 -50.19
N VAL A 514 14.53 -37.34 -50.61
CA VAL A 514 14.13 -37.12 -51.97
C VAL A 514 14.63 -35.74 -52.34
N VAL A 515 15.71 -35.73 -53.12
CA VAL A 515 16.36 -34.48 -53.46
C VAL A 515 16.17 -34.15 -54.93
N ASP A 516 15.71 -35.13 -55.69
N ASP A 516 15.75 -35.12 -55.72
CA ASP A 516 15.71 -35.01 -57.15
CA ASP A 516 15.73 -34.98 -57.18
C ASP A 516 14.32 -35.14 -57.79
C ASP A 516 14.35 -34.76 -57.83
N ASP A 517 13.27 -34.82 -57.04
CA ASP A 517 11.92 -34.70 -57.63
C ASP A 517 11.64 -33.27 -58.10
N LYS A 518 12.33 -32.84 -59.15
CA LYS A 518 12.18 -31.50 -59.66
C LYS A 518 10.84 -31.35 -60.36
N GLU A 519 10.50 -32.39 -61.13
N GLU A 519 10.52 -32.34 -61.17
CA GLU A 519 9.31 -32.38 -61.98
CA GLU A 519 9.30 -32.27 -61.93
C GLU A 519 7.96 -32.28 -61.24
C GLU A 519 8.15 -31.87 -61.03
N ARG A 520 7.97 -32.63 -59.96
CA ARG A 520 6.81 -32.45 -59.10
C ARG A 520 7.04 -31.44 -57.97
N SER A 521 8.26 -30.91 -57.89
CA SER A 521 8.68 -30.03 -56.79
C SER A 521 8.32 -30.56 -55.39
N VAL A 522 8.49 -31.86 -55.19
CA VAL A 522 8.40 -32.44 -53.89
C VAL A 522 9.80 -32.64 -53.34
N LEU A 523 10.02 -32.17 -52.11
CA LEU A 523 11.30 -32.33 -51.45
C LEU A 523 11.08 -33.00 -50.09
N ILE A 524 11.93 -33.96 -49.75
CA ILE A 524 11.77 -34.64 -48.48
C ILE A 524 13.10 -34.93 -47.83
N PHE A 525 13.24 -34.49 -46.59
CA PHE A 525 14.39 -34.87 -45.85
C PHE A 525 14.07 -35.32 -44.43
N VAL A 526 15.10 -35.79 -43.74
CA VAL A 526 14.97 -36.25 -42.40
C VAL A 526 15.82 -35.31 -41.53
N ARG A 527 15.37 -35.00 -40.33
CA ARG A 527 16.20 -34.37 -39.34
C ARG A 527 16.42 -35.38 -38.23
N ARG A 528 17.54 -35.27 -37.51
CA ARG A 528 17.99 -36.35 -36.64
C ARG A 528 18.61 -35.75 -35.43
N ASP A 529 18.29 -36.31 -34.25
CA ASP A 529 18.97 -35.95 -32.99
C ASP A 529 20.15 -36.86 -32.67
N LYS A 530 20.84 -36.54 -31.58
CA LYS A 530 22.03 -37.28 -31.13
C LYS A 530 21.78 -38.77 -30.89
N GLU A 531 20.52 -39.12 -30.67
CA GLU A 531 20.20 -40.49 -30.33
C GLU A 531 19.76 -41.21 -31.59
N GLY A 532 19.75 -40.51 -32.72
CA GLY A 532 19.40 -41.12 -33.97
C GLY A 532 17.91 -41.18 -34.24
N ASN A 533 17.09 -40.43 -33.49
CA ASN A 533 15.69 -40.29 -33.82
C ASN A 533 15.49 -39.30 -34.98
N GLU A 534 14.62 -39.65 -35.91
CA GLU A 534 14.49 -38.75 -37.03
C GLU A 534 13.06 -38.27 -37.27
N ILE A 535 12.93 -37.02 -37.66
CA ILE A 535 11.67 -36.53 -38.11
C ILE A 535 11.70 -36.34 -39.64
N ILE A 536 10.68 -36.85 -40.32
CA ILE A 536 10.56 -36.67 -41.77
C ILE A 536 9.87 -35.37 -42.06
N VAL A 537 10.50 -34.58 -42.91
CA VAL A 537 9.95 -33.34 -43.39
C VAL A 537 9.71 -33.45 -44.90
N ALA A 538 8.46 -33.23 -45.32
CA ALA A 538 8.09 -33.26 -46.75
C ALA A 538 7.33 -32.02 -47.22
N SER A 539 7.75 -31.49 -48.37
CA SER A 539 7.13 -30.32 -48.92
C SER A 539 6.74 -30.54 -50.35
N ASN A 540 5.51 -30.14 -50.64
CA ASN A 540 4.96 -30.14 -51.99
C ASN A 540 4.77 -28.67 -52.37
N PHE A 541 5.58 -28.18 -53.33
CA PHE A 541 5.53 -26.73 -53.69
C PHE A 541 4.77 -26.40 -54.96
N THR A 542 3.96 -27.33 -55.42
CA THR A 542 2.95 -26.96 -56.41
C THR A 542 1.55 -27.19 -55.84
N PRO A 543 0.52 -26.64 -56.51
CA PRO A 543 -0.84 -26.81 -56.02
C PRO A 543 -1.48 -28.12 -56.44
N VAL A 544 -0.68 -29.08 -56.91
CA VAL A 544 -1.22 -30.39 -57.28
C VAL A 544 -1.04 -31.36 -56.10
N PRO A 545 -2.17 -31.86 -55.53
CA PRO A 545 -2.06 -32.76 -54.35
C PRO A 545 -1.38 -34.06 -54.76
N ARG A 546 -0.45 -34.56 -53.96
CA ARG A 546 0.17 -35.83 -54.32
C ARG A 546 -0.33 -36.93 -53.38
N HIS A 547 -0.95 -37.96 -53.98
CA HIS A 547 -1.54 -39.06 -53.25
C HIS A 547 -0.69 -40.28 -53.58
N ASP A 548 -0.60 -41.23 -52.64
CA ASP A 548 0.23 -42.44 -52.82
C ASP A 548 1.65 -42.10 -53.34
N TYR A 549 2.25 -41.07 -52.74
CA TYR A 549 3.62 -40.70 -53.03
C TYR A 549 4.53 -41.55 -52.14
N ARG A 550 5.24 -42.49 -52.76
CA ARG A 550 6.13 -43.40 -52.08
C ARG A 550 7.57 -42.93 -52.15
N PHE A 551 8.23 -42.92 -51.00
CA PHE A 551 9.63 -42.56 -50.92
C PHE A 551 10.32 -43.47 -49.91
N GLY A 552 11.60 -43.75 -50.13
CA GLY A 552 12.41 -44.52 -49.19
C GLY A 552 12.59 -43.89 -47.80
N ILE A 553 12.54 -44.70 -46.75
CA ILE A 553 12.82 -44.18 -45.39
C ILE A 553 13.91 -44.96 -44.64
N ASN A 554 14.39 -44.44 -43.53
CA ASN A 554 15.43 -45.15 -42.79
C ASN A 554 14.87 -45.96 -41.59
N GLN A 555 13.85 -45.44 -40.88
CA GLN A 555 13.34 -46.16 -39.69
C GLN A 555 11.94 -46.74 -39.85
N PRO A 556 11.84 -47.99 -40.35
CA PRO A 556 10.51 -48.52 -40.60
C PRO A 556 9.65 -48.50 -39.34
N GLY A 557 8.33 -48.57 -39.54
CA GLY A 557 7.38 -48.58 -38.43
C GLY A 557 6.17 -47.69 -38.70
N LYS A 558 5.60 -47.17 -37.60
CA LYS A 558 4.40 -46.34 -37.62
C LYS A 558 4.78 -44.87 -37.54
N TRP A 559 4.32 -44.10 -38.52
CA TRP A 559 4.63 -42.69 -38.64
C TRP A 559 3.35 -41.87 -38.61
N ARG A 560 3.43 -40.68 -38.05
CA ARG A 560 2.24 -39.86 -37.77
C ARG A 560 2.61 -38.38 -38.02
N GLU A 561 1.68 -37.58 -38.55
CA GLU A 561 1.92 -36.14 -38.68
C GLU A 561 1.92 -35.48 -37.32
N ILE A 562 2.89 -34.61 -37.09
CA ILE A 562 2.94 -33.72 -35.91
C ILE A 562 2.86 -32.29 -36.41
N LEU A 563 2.95 -32.08 -37.72
CA LEU A 563 2.81 -30.76 -38.25
C LEU A 563 2.36 -30.79 -39.70
N ASN A 564 1.37 -29.95 -40.04
CA ASN A 564 0.78 -29.94 -41.37
C ASN A 564 0.31 -28.51 -41.67
N THR A 565 0.98 -27.82 -42.59
CA THR A 565 0.66 -26.42 -42.90
C THR A 565 -0.68 -26.29 -43.62
N ASP A 566 -1.26 -27.40 -44.01
CA ASP A 566 -2.56 -27.36 -44.72
C ASP A 566 -3.72 -27.64 -43.78
N SER A 567 -3.45 -27.74 -42.47
CA SER A 567 -4.55 -27.96 -41.51
C SER A 567 -5.57 -26.86 -41.63
N MET A 568 -6.85 -27.20 -41.57
CA MET A 568 -7.87 -26.19 -41.38
C MET A 568 -7.63 -25.30 -40.14
N HIS A 569 -6.89 -25.79 -39.15
N HIS A 569 -6.88 -25.80 -39.16
CA HIS A 569 -6.62 -24.95 -37.99
CA HIS A 569 -6.59 -24.99 -38.00
C HIS A 569 -5.85 -23.69 -38.41
C HIS A 569 -5.87 -23.70 -38.42
N TYR A 570 -5.29 -23.74 -39.62
CA TYR A 570 -4.62 -22.58 -40.20
C TYR A 570 -5.30 -22.11 -41.50
N HIS A 571 -6.52 -22.60 -41.75
CA HIS A 571 -7.28 -22.21 -42.92
C HIS A 571 -6.72 -22.84 -44.20
N GLY A 572 -5.98 -23.93 -44.02
CA GLY A 572 -5.67 -24.88 -45.07
C GLY A 572 -6.90 -25.66 -45.45
N SER A 573 -6.81 -26.47 -46.52
CA SER A 573 -7.92 -27.34 -46.91
C SER A 573 -8.04 -28.59 -46.05
N ASN A 574 -7.19 -28.72 -45.05
CA ASN A 574 -7.22 -29.87 -44.20
C ASN A 574 -6.97 -31.24 -44.87
N ALA A 575 -6.26 -31.28 -46.00
CA ALA A 575 -5.80 -32.56 -46.54
C ALA A 575 -4.58 -33.08 -45.74
N GLY A 576 -4.40 -34.39 -45.74
CA GLY A 576 -3.21 -35.00 -45.19
C GLY A 576 -3.43 -36.47 -44.98
N ASN A 577 -2.69 -37.05 -44.07
CA ASN A 577 -2.73 -38.49 -43.93
C ASN A 577 -3.77 -39.05 -42.93
N GLY A 578 -4.29 -38.16 -42.09
CA GLY A 578 -5.46 -38.48 -41.26
C GLY A 578 -5.27 -39.80 -40.52
N GLY A 579 -4.15 -39.87 -39.81
CA GLY A 579 -3.82 -41.02 -39.02
C GLY A 579 -2.37 -41.48 -39.15
N THR A 580 -2.04 -42.46 -38.33
CA THR A 580 -0.82 -43.21 -38.44
C THR A 580 -0.70 -43.92 -39.77
N VAL A 581 0.50 -43.86 -40.35
CA VAL A 581 0.79 -44.56 -41.58
C VAL A 581 1.98 -45.50 -41.37
N HIS A 582 1.81 -46.78 -41.66
CA HIS A 582 2.89 -47.76 -41.52
C HIS A 582 3.72 -47.89 -42.81
N SER A 583 5.03 -48.06 -42.66
CA SER A 583 5.91 -48.19 -43.80
C SER A 583 5.75 -49.55 -44.48
N ASP A 584 6.16 -49.67 -45.72
CA ASP A 584 6.15 -50.96 -46.37
C ASP A 584 7.57 -51.43 -46.70
N GLU A 585 7.72 -52.75 -46.74
CA GLU A 585 8.96 -53.31 -47.18
C GLU A 585 8.94 -53.34 -48.73
N ILE A 586 9.13 -52.18 -49.33
CA ILE A 586 9.10 -51.99 -50.76
C ILE A 586 10.20 -50.98 -51.01
N ALA A 587 11.14 -51.38 -51.84
CA ALA A 587 12.30 -50.54 -52.08
C ALA A 587 11.85 -49.24 -52.77
N SER A 588 12.52 -48.14 -52.45
CA SER A 588 12.28 -46.87 -53.08
C SER A 588 13.46 -45.94 -52.78
N HIS A 589 13.97 -45.28 -53.82
CA HIS A 589 15.07 -44.34 -53.69
C HIS A 589 16.29 -44.99 -53.00
N GLY A 590 16.54 -46.26 -53.32
CA GLY A 590 17.77 -46.91 -52.88
C GLY A 590 17.67 -47.39 -51.44
N ARG A 591 16.46 -47.34 -50.90
CA ARG A 591 16.20 -47.78 -49.54
C ARG A 591 15.27 -48.96 -49.56
N GLN A 592 15.36 -49.75 -48.49
CA GLN A 592 14.71 -51.04 -48.42
C GLN A 592 13.24 -50.90 -48.01
N HIS A 593 12.93 -49.91 -47.19
CA HIS A 593 11.56 -49.66 -46.74
C HIS A 593 11.05 -48.29 -47.22
N SER A 594 9.73 -48.13 -47.31
CA SER A 594 9.17 -46.88 -47.82
C SER A 594 7.87 -46.44 -47.13
N LEU A 595 7.54 -45.15 -47.23
CA LEU A 595 6.22 -44.66 -46.87
C LEU A 595 5.45 -44.24 -48.12
N SER A 596 4.15 -44.50 -48.12
CA SER A 596 3.33 -44.01 -49.21
C SER A 596 2.32 -42.99 -48.69
N LEU A 597 2.61 -41.70 -48.86
CA LEU A 597 1.85 -40.63 -48.19
C LEU A 597 1.05 -39.76 -49.14
N THR A 598 0.05 -39.11 -48.58
CA THR A 598 -0.56 -37.95 -49.14
C THR A 598 0.28 -36.71 -48.80
N LEU A 599 0.60 -35.93 -49.82
CA LEU A 599 1.30 -34.67 -49.66
C LEU A 599 0.34 -33.58 -50.12
N PRO A 600 -0.19 -32.80 -49.18
CA PRO A 600 -1.14 -31.75 -49.54
C PRO A 600 -0.50 -30.71 -50.47
N PRO A 601 -1.31 -30.01 -51.27
CA PRO A 601 -0.79 -29.05 -52.25
C PRO A 601 -0.32 -27.79 -51.53
N LEU A 602 0.83 -27.25 -51.93
CA LEU A 602 1.42 -26.03 -51.32
C LEU A 602 1.45 -26.16 -49.82
N ALA A 603 2.11 -27.20 -49.35
CA ALA A 603 2.17 -27.42 -47.95
C ALA A 603 3.40 -28.22 -47.60
N THR A 604 3.81 -28.09 -46.35
CA THR A 604 4.77 -29.01 -45.79
C THR A 604 4.24 -29.66 -44.51
N ILE A 605 4.70 -30.89 -44.27
CA ILE A 605 4.28 -31.66 -43.14
C ILE A 605 5.51 -32.27 -42.52
N TRP A 606 5.40 -32.55 -41.21
CA TRP A 606 6.46 -33.26 -40.49
C TRP A 606 5.85 -34.45 -39.84
N LEU A 607 6.56 -35.58 -39.90
CA LEU A 607 6.10 -36.79 -39.27
C LEU A 607 7.12 -37.26 -38.24
N VAL A 608 6.61 -37.90 -37.18
CA VAL A 608 7.42 -38.55 -36.18
C VAL A 608 7.11 -40.08 -36.16
N ARG A 609 8.05 -40.87 -35.67
CA ARG A 609 7.86 -42.32 -35.57
C ARG A 609 7.22 -42.65 -34.23
N GLU A 610 6.17 -43.47 -34.24
CA GLU A 610 5.54 -43.91 -32.99
C GLU A 610 6.25 -45.08 -32.37
N ALA A 611 6.58 -44.97 -31.09
CA ALA A 611 7.14 -46.12 -30.39
C ALA A 611 6.14 -47.25 -30.40
N GLU A 612 6.63 -48.47 -30.52
CA GLU A 612 5.77 -49.63 -30.26
C GLU A 612 6.17 -50.38 -28.96
N THR B 1 21.22 -39.50 10.59
CA THR B 1 21.49 -40.04 11.97
C THR B 1 20.25 -40.80 12.46
N HIS B 2 19.51 -40.17 13.39
CA HIS B 2 18.16 -40.65 13.69
C HIS B 2 17.18 -40.23 12.64
N LEU B 3 17.45 -39.11 11.97
CA LEU B 3 16.57 -38.66 10.91
C LEU B 3 16.73 -39.48 9.63
N ARG B 4 17.95 -39.97 9.37
CA ARG B 4 18.17 -40.77 8.17
C ARG B 4 18.76 -42.14 8.47
N PRO B 5 17.97 -43.01 9.12
CA PRO B 5 18.40 -44.37 9.42
C PRO B 5 18.81 -45.19 8.19
N TYR B 6 18.29 -44.84 7.02
CA TYR B 6 18.65 -45.57 5.80
C TYR B 6 20.10 -45.37 5.42
N GLU B 7 20.78 -44.39 6.01
CA GLU B 7 22.21 -44.18 5.78
C GLU B 7 23.13 -45.12 6.58
N THR B 8 22.62 -45.77 7.63
CA THR B 8 23.41 -46.78 8.34
C THR B 8 22.77 -48.18 8.37
N LEU B 9 21.44 -48.23 8.44
CA LEU B 9 20.74 -49.50 8.46
C LEU B 9 20.66 -50.09 7.07
N GLY B 10 20.61 -51.42 7.01
CA GLY B 10 20.53 -52.13 5.75
C GLY B 10 21.90 -52.58 5.25
N ALA B 11 22.02 -52.75 3.94
CA ALA B 11 23.24 -53.31 3.38
C ALA B 11 24.05 -52.23 2.69
N HIS B 12 25.28 -52.03 3.16
CA HIS B 12 26.11 -50.93 2.70
C HIS B 12 27.56 -51.36 2.44
N ALA B 13 28.11 -50.88 1.34
CA ALA B 13 29.48 -51.19 0.97
C ALA B 13 30.40 -50.58 2.00
N ASP B 14 31.47 -51.29 2.36
CA ASP B 14 32.39 -50.79 3.36
C ASP B 14 33.78 -51.43 3.22
N THR B 15 34.72 -50.94 4.02
CA THR B 15 36.12 -51.37 3.95
C THR B 15 36.73 -51.54 5.34
N MET B 16 37.10 -52.78 5.65
CA MET B 16 37.66 -53.10 6.94
C MET B 16 39.15 -53.39 6.79
N ASP B 17 39.99 -52.48 7.27
CA ASP B 17 41.43 -52.72 7.24
C ASP B 17 41.91 -52.99 5.82
N GLY B 18 41.30 -52.33 4.83
CA GLY B 18 41.67 -52.52 3.43
C GLY B 18 40.93 -53.66 2.72
N VAL B 19 40.05 -54.34 3.46
CA VAL B 19 39.26 -55.43 2.90
C VAL B 19 37.82 -54.98 2.56
N THR B 20 37.45 -55.13 1.30
CA THR B 20 36.16 -54.62 0.87
C THR B 20 35.08 -55.63 1.14
N GLY B 21 33.85 -55.14 1.25
CA GLY B 21 32.73 -56.02 1.53
C GLY B 21 31.50 -55.20 1.75
N THR B 22 30.55 -55.74 2.48
CA THR B 22 29.31 -55.03 2.71
C THR B 22 28.85 -55.29 4.13
N ARG B 23 28.59 -54.20 4.85
CA ARG B 23 28.12 -54.19 6.23
C ARG B 23 26.60 -54.28 6.29
N PHE B 24 26.07 -55.16 7.12
CA PHE B 24 24.64 -55.35 7.27
C PHE B 24 24.20 -54.97 8.67
N SER B 25 22.98 -54.43 8.75
CA SER B 25 22.44 -53.90 9.98
C SER B 25 20.94 -54.02 9.92
N VAL B 26 20.38 -54.62 10.97
CA VAL B 26 18.96 -54.82 11.02
C VAL B 26 18.43 -54.80 12.46
N TRP B 27 17.47 -53.92 12.70
CA TRP B 27 16.92 -53.69 14.03
C TRP B 27 15.98 -54.84 14.34
N ALA B 28 16.35 -55.67 15.32
CA ALA B 28 15.49 -56.77 15.76
C ALA B 28 15.69 -57.09 17.27
N PRO B 29 15.37 -56.14 18.14
CA PRO B 29 15.79 -56.25 19.56
C PRO B 29 15.50 -57.60 20.23
N ASN B 30 14.35 -58.18 19.95
CA ASN B 30 13.96 -59.40 20.61
C ASN B 30 14.32 -60.70 19.91
N ALA B 31 15.05 -60.62 18.80
CA ALA B 31 15.47 -61.85 18.13
C ALA B 31 16.39 -62.68 19.04
N ARG B 32 16.45 -63.98 18.82
CA ARG B 32 17.38 -64.78 19.60
C ARG B 32 18.71 -64.89 18.85
N ARG B 33 18.60 -65.04 17.53
CA ARG B 33 19.77 -65.22 16.69
C ARG B 33 19.40 -64.61 15.36
N VAL B 34 20.32 -63.80 14.80
CA VAL B 34 20.15 -63.35 13.41
C VAL B 34 21.41 -63.61 12.61
N SER B 35 21.21 -64.27 11.49
CA SER B 35 22.27 -64.57 10.56
C SER B 35 22.00 -63.96 9.15
N VAL B 36 23.07 -63.65 8.41
CA VAL B 36 22.91 -63.14 7.06
C VAL B 36 23.06 -64.29 6.09
N VAL B 37 22.09 -64.45 5.20
CA VAL B 37 22.21 -65.44 4.11
C VAL B 37 22.04 -64.83 2.71
N GLY B 38 22.73 -65.42 1.74
CA GLY B 38 22.62 -64.99 0.37
C GLY B 38 23.50 -65.76 -0.60
N GLN B 39 23.72 -65.19 -1.78
CA GLN B 39 24.48 -65.85 -2.84
C GLN B 39 25.96 -66.00 -2.48
N PHE B 40 26.51 -65.02 -1.76
CA PHE B 40 27.86 -65.12 -1.24
C PHE B 40 27.91 -66.19 -0.14
N ASN B 41 26.74 -66.68 0.27
CA ASN B 41 26.63 -67.69 1.34
C ASN B 41 26.20 -69.08 0.90
N TYR B 42 25.72 -69.20 -0.32
CA TYR B 42 24.90 -70.37 -0.69
C TYR B 42 23.75 -70.54 0.33
N TRP B 43 23.31 -69.40 0.87
CA TRP B 43 22.15 -69.34 1.78
C TRP B 43 22.32 -70.23 3.01
N ASP B 44 23.51 -70.26 3.58
CA ASP B 44 23.78 -71.08 4.74
C ASP B 44 23.79 -70.24 6.03
N GLY B 45 22.78 -70.46 6.88
CA GLY B 45 22.61 -69.68 8.12
C GLY B 45 23.69 -69.86 9.19
N ARG B 46 24.48 -70.93 9.07
CA ARG B 46 25.60 -71.20 10.01
C ARG B 46 26.82 -70.27 9.80
N ARG B 47 27.00 -69.79 8.56
CA ARG B 47 28.23 -69.13 8.12
C ARG B 47 28.51 -67.76 8.74
N HIS B 48 27.50 -66.90 8.72
CA HIS B 48 27.67 -65.51 9.13
C HIS B 48 26.61 -65.10 10.16
N PRO B 49 26.82 -65.52 11.42
CA PRO B 49 25.96 -65.03 12.52
C PRO B 49 26.19 -63.53 12.76
N MET B 50 25.13 -62.78 13.04
CA MET B 50 25.31 -61.36 13.33
C MET B 50 25.51 -61.11 14.81
N ARG B 51 26.11 -59.96 15.14
CA ARG B 51 26.39 -59.61 16.54
C ARG B 51 25.42 -58.53 17.03
N LEU B 52 24.62 -58.86 18.04
CA LEU B 52 23.60 -57.95 18.58
C LEU B 52 24.22 -56.83 19.40
N ARG B 53 23.79 -55.60 19.14
CA ARG B 53 24.23 -54.48 19.95
C ARG B 53 23.11 -54.16 20.94
N LYS B 54 23.28 -54.67 22.16
CA LYS B 54 22.24 -54.66 23.19
C LYS B 54 21.66 -53.27 23.43
N GLU B 55 22.45 -52.23 23.25
CA GLU B 55 22.01 -50.86 23.52
C GLU B 55 20.97 -50.34 22.52
N SER B 56 20.84 -50.98 21.37
CA SER B 56 20.02 -50.37 20.33
C SER B 56 19.18 -51.38 19.57
N GLY B 57 19.36 -52.67 19.88
CA GLY B 57 18.57 -53.71 19.28
C GLY B 57 18.96 -54.00 17.85
N ILE B 58 20.13 -53.51 17.46
CA ILE B 58 20.63 -53.66 16.10
C ILE B 58 21.66 -54.78 15.98
N TRP B 59 21.37 -55.71 15.08
CA TRP B 59 22.27 -56.80 14.75
C TRP B 59 23.14 -56.30 13.61
N GLU B 60 24.46 -56.47 13.72
CA GLU B 60 25.34 -55.99 12.67
C GLU B 60 26.52 -56.92 12.39
N LEU B 61 26.98 -56.92 11.14
CA LEU B 61 28.03 -57.79 10.65
C LEU B 61 28.63 -57.26 9.34
N PHE B 62 29.96 -57.19 9.29
CA PHE B 62 30.65 -56.92 8.03
C PHE B 62 31.02 -58.25 7.37
N ILE B 63 30.70 -58.40 6.09
CA ILE B 63 31.06 -59.60 5.37
C ILE B 63 31.98 -59.23 4.19
N PRO B 64 33.26 -59.63 4.29
CA PRO B 64 34.20 -59.41 3.22
C PRO B 64 33.80 -60.15 1.95
N GLY B 65 33.94 -59.50 0.80
CA GLY B 65 33.67 -60.18 -0.47
C GLY B 65 32.24 -60.05 -0.97
N ALA B 66 31.26 -59.94 -0.07
CA ALA B 66 29.87 -59.70 -0.50
C ALA B 66 29.80 -58.34 -1.20
N HIS B 67 29.11 -58.27 -2.34
CA HIS B 67 29.10 -57.04 -3.14
C HIS B 67 27.75 -56.69 -3.79
N ASN B 68 27.63 -55.48 -4.33
CA ASN B 68 26.45 -55.04 -5.09
C ASN B 68 26.03 -56.09 -6.12
N GLY B 69 24.73 -56.27 -6.33
CA GLY B 69 24.24 -57.35 -7.15
C GLY B 69 23.83 -58.62 -6.43
N GLN B 70 24.39 -58.87 -5.24
CA GLN B 70 24.11 -60.15 -4.55
C GLN B 70 22.83 -60.13 -3.75
N LEU B 71 22.07 -61.21 -3.86
CA LEU B 71 20.82 -61.35 -3.15
C LEU B 71 21.08 -61.81 -1.75
N TYR B 72 20.20 -61.43 -0.84
CA TYR B 72 20.40 -61.80 0.55
C TYR B 72 19.08 -61.72 1.29
N LYS B 73 19.05 -62.36 2.46
CA LYS B 73 17.98 -62.29 3.42
C LYS B 73 18.60 -62.40 4.83
N TYR B 74 17.77 -62.30 5.85
CA TYR B 74 18.19 -62.48 7.23
C TYR B 74 17.52 -63.71 7.77
N GLU B 75 18.33 -64.62 8.31
CA GLU B 75 17.80 -65.81 8.96
C GLU B 75 17.78 -65.48 10.43
N MET B 76 16.61 -65.59 11.03
CA MET B 76 16.52 -65.34 12.45
C MET B 76 15.79 -66.43 13.17
N ILE B 77 16.17 -66.60 14.43
CA ILE B 77 15.32 -67.28 15.42
C ILE B 77 14.49 -66.22 16.14
N ASP B 78 13.18 -66.35 16.02
CA ASP B 78 12.19 -65.55 16.80
C ASP B 78 12.44 -65.34 18.28
N ALA B 79 11.65 -64.44 18.85
CA ALA B 79 11.59 -64.25 20.27
C ALA B 79 10.90 -65.48 20.84
N ASN B 80 10.26 -66.25 19.95
CA ASN B 80 9.59 -67.49 20.29
C ASN B 80 10.31 -68.74 19.76
N GLY B 81 11.56 -68.58 19.34
CA GLY B 81 12.31 -69.73 18.86
C GLY B 81 11.95 -70.24 17.47
N ASN B 82 11.12 -69.51 16.75
CA ASN B 82 10.79 -69.88 15.37
C ASN B 82 11.82 -69.41 14.33
N LEU B 83 12.07 -70.27 13.34
CA LEU B 83 13.06 -69.99 12.33
C LEU B 83 12.40 -69.21 11.19
N ARG B 84 12.93 -68.02 10.90
CA ARG B 84 12.34 -67.19 9.85
C ARG B 84 13.36 -66.60 8.87
N LEU B 85 13.01 -66.59 7.59
CA LEU B 85 13.78 -65.80 6.62
C LEU B 85 13.06 -64.46 6.39
N LYS B 86 13.73 -63.36 6.77
CA LYS B 86 13.15 -62.01 6.60
C LYS B 86 13.78 -61.26 5.43
N SER B 87 12.96 -60.57 4.64
CA SER B 87 13.45 -59.50 3.76
C SER B 87 13.88 -58.30 4.59
N ASP B 88 14.91 -57.60 4.13
CA ASP B 88 15.42 -56.44 4.84
C ASP B 88 14.45 -55.25 4.73
N PRO B 89 13.94 -54.75 5.87
CA PRO B 89 13.00 -53.62 5.79
C PRO B 89 13.58 -52.45 4.99
N TYR B 90 14.91 -52.34 4.95
CA TYR B 90 15.55 -51.25 4.19
C TYR B 90 16.16 -51.79 2.90
N ALA B 91 15.47 -52.70 2.23
CA ALA B 91 16.01 -53.19 0.98
C ALA B 91 15.93 -52.02 -0.01
N PHE B 92 17.04 -51.65 -0.62
CA PHE B 92 17.04 -50.57 -1.63
C PHE B 92 16.74 -51.05 -3.04
N GLU B 93 16.76 -52.37 -3.23
CA GLU B 93 16.17 -53.00 -4.37
C GLU B 93 15.76 -54.39 -3.94
N ALA B 94 14.72 -54.93 -4.56
CA ALA B 94 14.22 -56.25 -4.25
C ALA B 94 14.12 -57.13 -5.50
N GLN B 95 14.01 -58.43 -5.27
CA GLN B 95 13.76 -59.39 -6.34
C GLN B 95 12.46 -59.16 -7.10
N MET B 96 12.41 -59.64 -8.34
CA MET B 96 11.33 -59.29 -9.28
C MET B 96 9.92 -59.65 -8.78
N ARG B 97 9.79 -60.81 -8.15
CA ARG B 97 8.48 -61.41 -7.85
C ARG B 97 8.35 -62.69 -8.71
N PRO B 98 7.71 -63.73 -8.16
CA PRO B 98 7.12 -63.65 -6.82
C PRO B 98 8.21 -63.74 -5.74
N GLU B 99 9.48 -63.66 -6.14
CA GLU B 99 10.59 -63.87 -5.21
C GLU B 99 10.75 -62.66 -4.30
N THR B 100 11.59 -62.79 -3.28
CA THR B 100 11.48 -61.91 -2.14
C THR B 100 12.84 -61.51 -1.52
N ALA B 101 13.94 -61.99 -2.10
CA ALA B 101 15.25 -61.64 -1.58
C ALA B 101 15.51 -60.15 -1.80
N SER B 102 16.28 -59.52 -0.92
CA SER B 102 16.77 -58.15 -1.17
C SER B 102 18.05 -58.24 -1.98
N LEU B 103 18.45 -57.11 -2.51
CA LEU B 103 19.57 -57.07 -3.42
C LEU B 103 20.49 -56.03 -2.86
N ILE B 104 21.77 -56.36 -2.76
CA ILE B 104 22.73 -55.41 -2.20
C ILE B 104 23.03 -54.33 -3.25
N CYS B 105 22.93 -53.06 -2.84
CA CYS B 105 23.31 -51.96 -3.73
C CYS B 105 23.55 -50.59 -3.09
N GLY B 106 23.32 -50.45 -1.79
CA GLY B 106 23.56 -49.14 -1.17
C GLY B 106 22.68 -48.01 -1.75
N LEU B 107 23.13 -46.78 -1.51
CA LEU B 107 22.36 -45.58 -1.73
C LEU B 107 22.74 -44.90 -3.05
N PRO B 108 21.74 -44.33 -3.75
CA PRO B 108 22.05 -43.50 -4.92
C PRO B 108 22.79 -42.28 -4.44
N GLU B 109 23.38 -41.55 -5.36
CA GLU B 109 24.18 -40.42 -4.96
C GLU B 109 23.49 -39.34 -4.11
N LYS B 110 22.36 -38.78 -4.54
CA LYS B 110 21.83 -37.67 -3.71
C LYS B 110 21.65 -36.44 -4.57
N VAL B 111 20.43 -35.94 -4.57
CA VAL B 111 20.03 -34.90 -5.50
C VAL B 111 19.72 -33.59 -4.81
N VAL B 112 20.41 -32.52 -5.23
CA VAL B 112 20.11 -31.18 -4.76
C VAL B 112 18.86 -30.79 -5.51
N GLN B 113 17.90 -30.16 -4.83
CA GLN B 113 16.72 -29.69 -5.53
C GLN B 113 17.00 -28.29 -6.09
N THR B 114 16.61 -28.04 -7.33
CA THR B 114 16.94 -26.78 -7.96
C THR B 114 15.94 -25.71 -7.55
N GLU B 115 16.33 -24.44 -7.68
CA GLU B 115 15.42 -23.36 -7.41
C GLU B 115 14.17 -23.44 -8.31
N GLU B 116 14.36 -23.80 -9.57
CA GLU B 116 13.26 -23.91 -10.53
C GLU B 116 12.21 -24.93 -10.06
N ARG B 117 12.65 -26.00 -9.41
CA ARG B 117 11.72 -27.01 -8.89
C ARG B 117 11.03 -26.64 -7.55
N LYS B 118 11.69 -25.86 -6.70
CA LYS B 118 11.02 -25.33 -5.52
C LYS B 118 9.98 -24.33 -5.98
N LYS B 119 10.36 -23.56 -6.98
CA LYS B 119 9.52 -22.55 -7.59
C LYS B 119 8.17 -23.16 -7.98
N ALA B 120 8.24 -24.25 -8.73
CA ALA B 120 7.07 -24.84 -9.26
C ALA B 120 6.14 -25.51 -8.19
N ASN B 121 6.64 -25.73 -6.97
CA ASN B 121 5.80 -26.25 -5.86
C ASN B 121 5.05 -25.21 -5.02
N GLN B 122 5.38 -23.93 -5.19
CA GLN B 122 4.82 -22.88 -4.33
C GLN B 122 3.33 -22.53 -4.59
N PHE B 123 2.70 -21.90 -3.62
CA PHE B 123 1.29 -21.59 -3.66
C PHE B 123 0.91 -20.67 -4.82
N ASP B 124 1.84 -19.83 -5.26
CA ASP B 124 1.53 -18.97 -6.38
C ASP B 124 1.92 -19.55 -7.76
N ALA B 125 2.32 -20.82 -7.82
CA ALA B 125 2.68 -21.41 -9.08
C ALA B 125 1.46 -22.02 -9.72
N PRO B 126 1.41 -22.01 -11.07
CA PRO B 126 0.40 -22.82 -11.70
C PRO B 126 0.82 -24.26 -11.47
N ILE B 127 -0.09 -25.09 -10.98
CA ILE B 127 0.26 -26.45 -10.70
C ILE B 127 -0.76 -27.31 -11.34
N SER B 128 -0.35 -28.08 -12.33
CA SER B 128 -1.31 -28.91 -13.03
C SER B 128 -0.69 -30.28 -13.17
N ILE B 129 -1.34 -31.21 -12.48
CA ILE B 129 -0.79 -32.50 -12.24
C ILE B 129 -1.34 -33.55 -13.19
N TYR B 130 -0.44 -34.38 -13.70
CA TYR B 130 -0.87 -35.51 -14.52
C TYR B 130 -0.68 -36.72 -13.67
N GLU B 131 -1.76 -37.42 -13.33
CA GLU B 131 -1.62 -38.47 -12.34
C GLU B 131 -1.52 -39.83 -13.06
N VAL B 132 -0.55 -40.65 -12.70
CA VAL B 132 -0.24 -41.79 -13.53
C VAL B 132 0.08 -43.06 -12.74
N HIS B 133 -0.49 -44.18 -13.19
CA HIS B 133 -0.10 -45.51 -12.75
C HIS B 133 0.85 -46.14 -13.81
N LEU B 134 2.13 -46.28 -13.48
CA LEU B 134 3.17 -46.71 -14.40
C LEU B 134 2.89 -48.03 -15.09
N GLY B 135 2.18 -48.94 -14.42
CA GLY B 135 1.96 -50.28 -14.97
C GLY B 135 0.77 -50.33 -15.92
N SER B 136 0.11 -49.21 -16.16
CA SER B 136 -1.05 -49.27 -17.03
C SER B 136 -1.24 -48.06 -17.97
N TRP B 137 -0.21 -47.23 -18.09
CA TRP B 137 -0.28 -46.04 -18.92
C TRP B 137 -0.23 -46.45 -20.41
N ARG B 138 0.83 -47.19 -20.75
N ARG B 138 0.83 -47.20 -20.77
CA ARG B 138 0.92 -47.88 -22.03
CA ARG B 138 0.96 -47.83 -22.09
C ARG B 138 1.33 -49.32 -21.77
C ARG B 138 1.61 -49.20 -21.93
N ARG B 139 1.27 -50.13 -22.83
CA ARG B 139 1.84 -51.47 -22.86
C ARG B 139 2.49 -51.67 -24.24
N HIS B 140 3.57 -52.45 -24.28
CA HIS B 140 4.21 -52.81 -25.53
C HIS B 140 3.24 -53.60 -26.36
N THR B 141 3.28 -53.31 -27.66
CA THR B 141 2.33 -53.78 -28.66
C THR B 141 2.05 -55.27 -28.72
N ASP B 142 3.09 -56.09 -28.83
CA ASP B 142 2.78 -57.50 -29.04
C ASP B 142 2.31 -58.11 -27.71
N ASN B 143 3.25 -58.31 -26.79
CA ASN B 143 3.06 -59.18 -25.64
C ASN B 143 2.44 -58.49 -24.46
N ASN B 144 1.98 -57.26 -24.66
CA ASN B 144 1.32 -56.58 -23.59
C ASN B 144 2.27 -56.34 -22.41
N PHE B 145 3.57 -56.30 -22.69
CA PHE B 145 4.57 -56.02 -21.69
C PHE B 145 4.59 -54.57 -21.23
N TRP B 146 4.80 -54.40 -19.93
CA TRP B 146 5.03 -53.12 -19.33
C TRP B 146 6.13 -52.32 -20.05
N LEU B 147 6.02 -51.00 -20.09
CA LEU B 147 7.21 -50.22 -20.45
C LEU B 147 8.19 -50.21 -19.24
N SER B 148 9.48 -50.23 -19.52
CA SER B 148 10.46 -49.99 -18.48
C SER B 148 10.48 -48.52 -18.07
N TYR B 149 11.27 -48.21 -17.05
CA TYR B 149 11.41 -46.84 -16.64
C TYR B 149 12.09 -46.06 -17.74
N ARG B 150 12.96 -46.69 -18.53
CA ARG B 150 13.68 -45.96 -19.58
C ARG B 150 12.73 -45.59 -20.74
N GLU B 151 11.82 -46.48 -21.08
CA GLU B 151 10.84 -46.19 -22.11
C GLU B 151 9.88 -45.13 -21.64
N LEU B 152 9.49 -45.20 -20.37
CA LEU B 152 8.59 -44.23 -19.82
C LEU B 152 9.29 -42.89 -19.78
N ALA B 153 10.59 -42.88 -19.54
CA ALA B 153 11.30 -41.61 -19.58
C ALA B 153 11.33 -41.07 -21.01
N ASP B 154 11.21 -41.95 -22.00
CA ASP B 154 11.25 -41.56 -23.41
C ASP B 154 9.86 -41.27 -23.97
N GLN B 155 8.81 -41.73 -23.29
CA GLN B 155 7.44 -41.57 -23.89
C GLN B 155 6.49 -40.78 -23.01
N LEU B 156 6.46 -41.10 -21.72
CA LEU B 156 5.55 -40.48 -20.79
C LEU B 156 6.03 -39.06 -20.50
N VAL B 157 7.33 -38.94 -20.19
CA VAL B 157 7.87 -37.64 -19.87
C VAL B 157 7.57 -36.60 -21.00
N PRO B 158 8.07 -36.83 -22.24
CA PRO B 158 7.75 -35.90 -23.37
C PRO B 158 6.26 -35.69 -23.60
N TYR B 159 5.44 -36.72 -23.37
CA TYR B 159 3.98 -36.59 -23.49
C TYR B 159 3.39 -35.63 -22.48
N ALA B 160 3.81 -35.74 -21.23
CA ALA B 160 3.20 -34.94 -20.19
C ALA B 160 3.74 -33.57 -20.36
N LYS B 161 4.92 -33.47 -20.93
CA LYS B 161 5.44 -32.13 -21.16
C LYS B 161 4.68 -31.39 -22.27
N TRP B 162 4.50 -32.03 -23.42
CA TRP B 162 3.74 -31.47 -24.52
C TRP B 162 2.35 -31.05 -24.08
N MET B 163 1.73 -31.89 -23.26
CA MET B 163 0.34 -31.64 -22.82
C MET B 163 0.27 -30.47 -21.90
N GLY B 164 1.44 -30.04 -21.46
CA GLY B 164 1.54 -28.81 -20.73
C GLY B 164 1.28 -28.90 -19.23
N PHE B 165 1.42 -30.09 -18.63
CA PHE B 165 1.34 -30.26 -17.17
C PHE B 165 2.66 -29.84 -16.52
N THR B 166 2.63 -29.62 -15.21
CA THR B 166 3.79 -29.12 -14.55
C THR B 166 4.33 -30.24 -13.68
N HIS B 167 3.47 -31.17 -13.33
CA HIS B 167 3.87 -32.20 -12.38
C HIS B 167 3.41 -33.53 -12.89
N LEU B 168 4.24 -34.53 -12.66
CA LEU B 168 3.83 -35.90 -12.83
C LEU B 168 3.56 -36.47 -11.38
N GLU B 169 2.41 -37.08 -11.16
CA GLU B 169 2.16 -37.77 -9.89
C GLU B 169 2.05 -39.30 -10.07
N LEU B 170 2.86 -40.09 -9.39
CA LEU B 170 2.87 -41.53 -9.61
C LEU B 170 2.14 -42.29 -8.49
N LEU B 171 1.29 -43.24 -8.88
CA LEU B 171 0.77 -44.18 -7.87
C LEU B 171 2.00 -44.86 -7.28
N PRO B 172 1.86 -45.38 -6.06
CA PRO B 172 3.04 -45.73 -5.26
C PRO B 172 3.97 -46.67 -6.01
N ILE B 173 5.25 -46.33 -6.09
CA ILE B 173 6.21 -47.19 -6.74
C ILE B 173 7.05 -48.00 -5.77
N ASN B 174 6.67 -47.99 -4.51
CA ASN B 174 7.33 -48.91 -3.58
C ASN B 174 7.07 -50.34 -4.01
N GLU B 175 8.00 -51.24 -3.73
CA GLU B 175 7.79 -52.66 -4.07
C GLU B 175 6.48 -53.16 -3.48
N HIS B 176 5.79 -54.03 -4.20
CA HIS B 176 4.51 -54.55 -3.75
C HIS B 176 4.18 -55.79 -4.58
N PRO B 177 3.57 -56.78 -3.94
CA PRO B 177 3.48 -58.09 -4.58
C PRO B 177 2.35 -58.20 -5.60
N PHE B 178 1.27 -57.45 -5.40
CA PHE B 178 0.09 -57.64 -6.23
C PHE B 178 -0.30 -56.37 -6.99
N ASP B 179 -0.44 -56.49 -8.31
CA ASP B 179 -0.71 -55.30 -9.16
C ASP B 179 -2.03 -54.66 -8.80
N GLY B 180 -3.00 -55.48 -8.44
CA GLY B 180 -4.34 -54.98 -8.17
C GLY B 180 -4.47 -54.11 -6.92
N SER B 181 -3.41 -53.99 -6.13
CA SER B 181 -3.45 -53.02 -5.02
C SER B 181 -3.00 -51.64 -5.52
N TRP B 182 -2.48 -51.63 -6.74
CA TRP B 182 -2.03 -50.41 -7.43
C TRP B 182 -0.86 -49.77 -6.75
N GLY B 183 -0.22 -50.49 -5.83
CA GLY B 183 0.87 -49.90 -5.07
C GLY B 183 0.50 -49.62 -3.62
N TYR B 184 -0.79 -49.59 -3.30
CA TYR B 184 -1.22 -49.23 -1.94
C TYR B 184 -1.05 -50.31 -0.86
N GLN B 185 -0.59 -51.49 -1.25
CA GLN B 185 -0.24 -52.53 -0.31
C GLN B 185 1.24 -52.94 -0.44
N PRO B 186 2.15 -52.11 0.11
CA PRO B 186 3.60 -52.24 -0.07
C PRO B 186 4.20 -53.40 0.70
N THR B 187 5.37 -53.87 0.27
CA THR B 187 6.21 -54.74 1.08
C THR B 187 7.63 -54.21 1.28
N GLY B 188 8.10 -53.34 0.39
CA GLY B 188 9.42 -52.76 0.55
C GLY B 188 9.35 -51.25 0.41
N LEU B 189 9.45 -50.56 1.53
CA LEU B 189 9.27 -49.13 1.51
C LEU B 189 10.36 -48.40 0.71
N TYR B 190 11.57 -48.95 0.73
CA TYR B 190 12.74 -48.25 0.24
C TYR B 190 13.16 -48.76 -1.13
N ALA B 191 12.38 -49.69 -1.69
CA ALA B 191 12.70 -50.28 -2.99
C ALA B 191 11.77 -49.81 -4.12
N PRO B 192 12.32 -49.14 -5.13
CA PRO B 192 11.41 -48.83 -6.23
C PRO B 192 11.01 -50.13 -6.86
N THR B 193 9.75 -50.29 -7.27
CA THR B 193 9.39 -51.60 -7.80
C THR B 193 10.22 -52.03 -9.01
N ARG B 194 10.39 -53.34 -9.12
CA ARG B 194 11.35 -53.94 -10.00
C ARG B 194 10.66 -54.29 -11.30
N ARG B 195 9.34 -54.19 -11.29
CA ARG B 195 8.50 -54.32 -12.47
C ARG B 195 9.03 -53.63 -13.73
N PHE B 196 9.58 -52.43 -13.59
CA PHE B 196 9.90 -51.63 -14.77
C PHE B 196 11.41 -51.40 -14.93
N GLY B 197 12.23 -52.15 -14.18
CA GLY B 197 13.70 -52.00 -14.17
C GLY B 197 14.33 -51.80 -12.80
N THR B 198 15.57 -51.32 -12.78
CA THR B 198 16.34 -51.20 -11.55
C THR B 198 16.13 -49.84 -10.86
N ARG B 199 16.48 -49.76 -9.58
CA ARG B 199 16.40 -48.48 -8.92
C ARG B 199 17.10 -47.39 -9.76
N ASP B 200 18.24 -47.70 -10.36
CA ASP B 200 18.98 -46.71 -11.16
C ASP B 200 18.22 -46.33 -12.46
N ASP B 201 17.51 -47.25 -13.06
CA ASP B 201 16.59 -46.95 -14.13
C ASP B 201 15.59 -45.93 -13.63
N PHE B 202 14.99 -46.22 -12.49
CA PHE B 202 13.92 -45.37 -11.96
C PHE B 202 14.43 -43.99 -11.76
N ARG B 203 15.66 -43.91 -11.26
CA ARG B 203 16.27 -42.64 -10.94
C ARG B 203 16.55 -41.92 -12.26
N TYR B 204 16.87 -42.67 -13.31
CA TYR B 204 17.01 -42.10 -14.63
C TYR B 204 15.68 -41.49 -15.08
N PHE B 205 14.57 -42.18 -14.86
CA PHE B 205 13.28 -41.65 -15.25
C PHE B 205 13.00 -40.28 -14.55
N ILE B 206 13.19 -40.20 -13.22
CA ILE B 206 13.02 -38.94 -12.48
C ILE B 206 13.90 -37.80 -13.05
N ASP B 207 15.15 -38.11 -13.38
CA ASP B 207 16.02 -37.13 -14.00
C ASP B 207 15.46 -36.69 -15.36
N ALA B 208 14.95 -37.66 -16.12
CA ALA B 208 14.36 -37.34 -17.42
C ALA B 208 13.24 -36.32 -17.20
N ALA B 209 12.47 -36.52 -16.12
CA ALA B 209 11.32 -35.66 -15.85
C ALA B 209 11.81 -34.26 -15.50
N HIS B 210 12.88 -34.20 -14.73
CA HIS B 210 13.41 -32.91 -14.34
C HIS B 210 14.02 -32.15 -15.54
N ALA B 211 14.66 -32.88 -16.43
CA ALA B 211 15.31 -32.25 -17.56
C ALA B 211 14.22 -31.66 -18.49
N ALA B 212 13.04 -32.27 -18.48
CA ALA B 212 11.92 -31.77 -19.29
C ALA B 212 11.11 -30.64 -18.60
N GLY B 213 11.55 -30.22 -17.42
CA GLY B 213 10.83 -29.19 -16.69
C GLY B 213 9.60 -29.65 -15.90
N LEU B 214 9.52 -30.94 -15.57
CA LEU B 214 8.43 -31.45 -14.73
C LEU B 214 8.85 -31.70 -13.27
N ASN B 215 8.03 -31.31 -12.33
CA ASN B 215 8.23 -31.80 -10.96
C ASN B 215 7.61 -33.18 -10.80
N VAL B 216 8.08 -33.94 -9.81
CA VAL B 216 7.51 -35.27 -9.61
C VAL B 216 7.01 -35.45 -8.21
N ILE B 217 5.77 -35.93 -8.13
CA ILE B 217 5.10 -36.24 -6.88
C ILE B 217 4.98 -37.75 -6.72
N LEU B 218 5.35 -38.23 -5.56
CA LEU B 218 5.28 -39.68 -5.27
C LEU B 218 4.10 -39.93 -4.36
N ASP B 219 3.17 -40.80 -4.73
CA ASP B 219 2.18 -41.24 -3.73
C ASP B 219 2.95 -42.02 -2.65
N TRP B 220 2.87 -41.57 -1.42
CA TRP B 220 3.67 -42.14 -0.35
C TRP B 220 2.74 -42.82 0.66
N VAL B 221 3.02 -44.06 1.05
CA VAL B 221 2.03 -44.82 1.81
C VAL B 221 2.38 -45.16 3.29
N PRO B 222 2.63 -44.14 4.14
CA PRO B 222 2.93 -44.48 5.53
C PRO B 222 1.69 -44.88 6.31
N GLY B 223 0.54 -44.95 5.63
CA GLY B 223 -0.74 -45.20 6.25
C GLY B 223 -1.19 -46.63 6.07
N HIS B 224 -0.51 -47.38 5.22
CA HIS B 224 -0.84 -48.80 4.99
C HIS B 224 0.29 -49.73 5.40
N PHE B 225 0.11 -50.39 6.55
CA PHE B 225 1.06 -51.34 7.08
C PHE B 225 1.13 -52.52 6.14
N PRO B 226 2.33 -53.05 5.91
CA PRO B 226 2.47 -54.22 5.01
C PRO B 226 1.74 -55.48 5.53
N THR B 227 0.95 -56.09 4.67
CA THR B 227 0.08 -57.20 5.08
C THR B 227 0.39 -58.47 4.34
N ASP B 228 1.30 -58.37 3.38
CA ASP B 228 1.61 -59.48 2.48
C ASP B 228 2.94 -60.10 2.86
N ASP B 229 3.06 -61.41 2.68
CA ASP B 229 4.34 -62.11 2.75
C ASP B 229 5.02 -62.03 4.12
N PHE B 230 4.28 -61.72 5.17
CA PHE B 230 4.92 -61.38 6.46
C PHE B 230 6.15 -60.49 6.26
N ALA B 231 6.02 -59.45 5.44
CA ALA B 231 7.14 -58.54 5.19
C ALA B 231 7.57 -57.73 6.43
N LEU B 232 6.63 -57.26 7.24
CA LEU B 232 6.97 -56.42 8.39
C LEU B 232 6.33 -56.87 9.71
N ALA B 233 5.17 -57.50 9.65
CA ALA B 233 4.44 -57.92 10.85
C ALA B 233 5.33 -58.80 11.71
N GLU B 234 5.19 -58.67 13.03
CA GLU B 234 5.90 -59.52 14.00
C GLU B 234 7.39 -59.70 13.66
N PHE B 235 8.03 -58.62 13.27
CA PHE B 235 9.34 -58.74 12.63
C PHE B 235 10.34 -59.58 13.42
N ASP B 236 10.51 -59.30 14.70
CA ASP B 236 11.41 -60.12 15.54
C ASP B 236 10.67 -61.10 16.43
N GLY B 237 9.43 -61.38 16.04
CA GLY B 237 8.57 -62.22 16.85
C GLY B 237 7.84 -61.43 17.92
N THR B 238 7.99 -60.11 17.93
CA THR B 238 7.10 -59.25 18.73
C THR B 238 6.48 -58.20 17.83
N ASN B 239 5.55 -57.42 18.39
CA ASN B 239 5.04 -56.20 17.74
C ASN B 239 6.13 -55.13 17.64
N LEU B 240 6.98 -55.27 16.63
CA LEU B 240 8.09 -54.35 16.49
C LEU B 240 7.60 -53.07 15.81
N TYR B 241 7.08 -53.21 14.59
CA TYR B 241 6.73 -52.04 13.77
C TYR B 241 5.26 -51.64 13.93
N GLU B 242 4.44 -52.62 14.30
CA GLU B 242 3.01 -52.45 14.36
C GLU B 242 2.47 -52.43 15.82
N HIS B 243 1.27 -51.92 16.01
CA HIS B 243 0.69 -51.75 17.32
C HIS B 243 -0.63 -52.47 17.48
N SER B 244 -0.70 -53.36 18.47
CA SER B 244 -1.97 -53.94 18.93
C SER B 244 -2.29 -53.50 20.37
N ASP B 245 -3.51 -53.01 20.61
CA ASP B 245 -4.01 -52.73 21.98
C ASP B 245 -4.00 -53.97 22.89
N PRO B 246 -3.73 -53.82 24.19
CA PRO B 246 -4.10 -54.97 25.02
C PRO B 246 -5.64 -54.92 25.12
N ARG B 247 -6.32 -56.05 25.15
CA ARG B 247 -5.80 -57.41 25.15
C ARG B 247 -7.02 -58.21 25.61
N GLU B 248 -6.93 -59.53 25.69
CA GLU B 248 -8.17 -60.27 25.70
C GLU B 248 -8.26 -61.37 26.77
N ASN B 255 -7.07 -53.23 13.28
CA ASN B 255 -7.96 -54.34 13.59
C ASN B 255 -7.42 -55.75 13.28
N THR B 256 -6.60 -55.94 12.23
CA THR B 256 -6.15 -54.93 11.24
C THR B 256 -4.84 -54.21 11.68
N LEU B 257 -3.74 -54.52 11.01
CA LEU B 257 -2.48 -54.01 11.48
C LEU B 257 -2.19 -52.58 11.08
N ILE B 258 -1.73 -51.79 12.04
CA ILE B 258 -1.30 -50.42 11.79
C ILE B 258 0.06 -50.17 12.48
N TYR B 259 0.83 -49.25 11.91
CA TYR B 259 2.12 -48.85 12.49
C TYR B 259 1.99 -48.33 13.93
N ASN B 260 3.03 -48.60 14.71
CA ASN B 260 3.17 -47.95 15.98
C ASN B 260 3.85 -46.61 15.77
N TYR B 261 3.09 -45.61 15.31
CA TYR B 261 3.68 -44.32 14.92
C TYR B 261 4.47 -43.66 16.08
N GLY B 262 4.05 -43.92 17.31
CA GLY B 262 4.71 -43.33 18.49
C GLY B 262 6.04 -43.95 18.87
N ARG B 263 6.34 -45.13 18.34
CA ARG B 263 7.62 -45.76 18.61
C ARG B 263 8.74 -45.14 17.77
N ARG B 264 9.74 -44.62 18.47
CA ARG B 264 10.73 -43.75 17.89
C ARG B 264 11.43 -44.35 16.66
N GLU B 265 11.65 -45.67 16.66
CA GLU B 265 12.32 -46.34 15.54
C GLU B 265 11.40 -46.59 14.35
N VAL B 266 10.09 -46.55 14.60
CA VAL B 266 9.10 -46.77 13.57
C VAL B 266 8.92 -45.43 12.90
N SER B 267 8.82 -44.42 13.74
CA SER B 267 8.79 -43.05 13.27
C SER B 267 10.02 -42.74 12.39
N ASN B 268 11.22 -43.05 12.91
CA ASN B 268 12.47 -42.83 12.17
C ASN B 268 12.40 -43.54 10.82
N PHE B 269 11.85 -44.75 10.81
CA PHE B 269 11.76 -45.56 9.63
C PHE B 269 10.87 -44.88 8.56
N LEU B 270 9.78 -44.20 8.99
CA LEU B 270 8.87 -43.55 8.06
C LEU B 270 9.33 -42.15 7.66
N VAL B 271 9.67 -41.32 8.63
CA VAL B 271 10.22 -40.03 8.32
C VAL B 271 11.45 -40.25 7.40
N GLY B 272 12.31 -41.20 7.77
CA GLY B 272 13.54 -41.41 7.05
C GLY B 272 13.21 -41.71 5.60
N ASN B 273 12.12 -42.43 5.39
CA ASN B 273 11.74 -42.89 4.10
C ASN B 273 11.29 -41.71 3.21
N ALA B 274 10.61 -40.75 3.83
CA ALA B 274 10.23 -39.53 3.16
C ALA B 274 11.50 -38.85 2.71
N LEU B 275 12.42 -38.66 3.64
CA LEU B 275 13.67 -38.00 3.33
C LEU B 275 14.44 -38.68 2.16
N TYR B 276 14.42 -40.01 2.15
CA TYR B 276 15.13 -40.82 1.22
C TYR B 276 14.64 -40.59 -0.22
N TRP B 277 13.32 -40.49 -0.40
CA TRP B 277 12.82 -40.31 -1.74
C TRP B 277 13.25 -38.93 -2.26
N ILE B 278 13.21 -37.95 -1.37
CA ILE B 278 13.46 -36.60 -1.77
C ILE B 278 14.95 -36.38 -1.98
N GLU B 279 15.75 -36.82 -1.01
CA GLU B 279 17.20 -36.60 -1.07
C GLU B 279 17.95 -37.54 -2.03
N ARG B 280 17.48 -38.77 -2.15
CA ARG B 280 18.20 -39.79 -2.92
C ARG B 280 17.59 -40.00 -4.32
N PHE B 281 16.33 -39.64 -4.51
CA PHE B 281 15.84 -39.73 -5.87
C PHE B 281 15.41 -38.39 -6.47
N GLY B 282 15.43 -37.30 -5.69
CA GLY B 282 15.06 -35.97 -6.18
C GLY B 282 13.56 -35.82 -6.37
N ILE B 283 12.79 -36.58 -5.61
CA ILE B 283 11.35 -36.45 -5.63
C ILE B 283 11.02 -35.07 -5.07
N ASP B 284 10.00 -34.45 -5.65
CA ASP B 284 9.68 -33.08 -5.39
C ASP B 284 8.59 -32.87 -4.35
N ALA B 285 7.74 -33.87 -4.16
CA ALA B 285 6.57 -33.75 -3.31
C ALA B 285 6.02 -35.15 -3.03
N LEU B 286 5.35 -35.27 -1.90
CA LEU B 286 4.81 -36.57 -1.48
C LEU B 286 3.32 -36.34 -1.22
N ARG B 287 2.55 -37.33 -1.61
CA ARG B 287 1.13 -37.28 -1.44
C ARG B 287 0.70 -38.46 -0.52
N VAL B 288 0.09 -38.15 0.63
CA VAL B 288 -0.44 -39.16 1.57
C VAL B 288 -1.95 -39.33 1.43
N ASP B 289 -2.36 -40.54 1.09
CA ASP B 289 -3.75 -40.89 0.96
C ASP B 289 -4.34 -41.46 2.27
N ALA B 290 -5.66 -41.47 2.35
CA ALA B 290 -6.35 -42.14 3.44
C ALA B 290 -5.88 -41.66 4.81
N VAL B 291 -5.72 -40.35 4.95
CA VAL B 291 -5.30 -39.77 6.23
C VAL B 291 -6.31 -39.99 7.36
N ALA B 292 -7.59 -40.10 7.03
CA ALA B 292 -8.64 -40.38 8.00
C ALA B 292 -8.43 -41.70 8.77
N SER B 293 -8.11 -42.76 8.03
CA SER B 293 -7.78 -44.03 8.62
C SER B 293 -6.51 -44.01 9.48
N MET B 294 -5.64 -43.02 9.30
CA MET B 294 -4.49 -42.90 10.22
C MET B 294 -4.91 -42.16 11.47
N ILE B 295 -5.61 -41.05 11.31
CA ILE B 295 -5.79 -40.18 12.45
C ILE B 295 -6.92 -40.63 13.37
N TYR B 296 -7.72 -41.61 12.92
CA TYR B 296 -8.89 -42.05 13.68
C TYR B 296 -8.86 -43.51 14.14
N ARG B 297 -8.71 -43.72 15.46
CA ARG B 297 -8.87 -45.06 16.05
C ARG B 297 -10.22 -45.64 15.58
N ASP B 298 -11.14 -44.73 15.24
CA ASP B 298 -12.39 -45.00 14.50
C ASP B 298 -13.62 -44.65 15.35
N ILE B 307 -10.50 -48.65 22.07
CA ILE B 307 -10.23 -47.80 23.23
C ILE B 307 -9.98 -46.32 22.83
N PRO B 308 -10.70 -45.39 23.48
CA PRO B 308 -10.47 -43.95 23.41
C PRO B 308 -9.08 -43.55 23.95
N ASN B 309 -8.43 -42.58 23.30
CA ASN B 309 -7.15 -42.04 23.79
C ASN B 309 -7.17 -41.56 25.28
N GLU B 310 -6.01 -41.16 25.80
CA GLU B 310 -5.90 -40.76 27.21
C GLU B 310 -6.92 -39.65 27.60
N PHE B 311 -7.47 -38.95 26.59
CA PHE B 311 -8.47 -37.89 26.79
C PHE B 311 -9.93 -38.34 26.49
N GLY B 312 -10.11 -39.64 26.25
CA GLY B 312 -11.42 -40.21 25.92
C GLY B 312 -11.92 -39.89 24.52
N GLY B 313 -11.01 -39.47 23.64
CA GLY B 313 -11.37 -39.08 22.26
C GLY B 313 -11.19 -40.21 21.26
N ARG B 314 -11.61 -39.97 20.02
CA ARG B 314 -11.50 -41.00 18.96
C ARG B 314 -10.21 -40.86 18.11
N GLU B 315 -9.45 -39.81 18.38
CA GLU B 315 -8.24 -39.54 17.63
C GLU B 315 -7.12 -40.50 18.00
N ASN B 316 -6.38 -40.94 16.99
CA ASN B 316 -5.10 -41.58 17.23
C ASN B 316 -4.06 -40.49 17.31
N LEU B 317 -3.76 -40.11 18.55
CA LEU B 317 -2.90 -38.95 18.79
C LEU B 317 -1.49 -39.18 18.29
N GLU B 318 -1.05 -40.44 18.29
CA GLU B 318 0.31 -40.71 17.87
C GLU B 318 0.41 -40.59 16.34
N ALA B 319 -0.65 -40.98 15.64
CA ALA B 319 -0.68 -40.85 14.18
C ALA B 319 -0.70 -39.38 13.79
N ILE B 320 -1.33 -38.55 14.62
CA ILE B 320 -1.50 -37.14 14.33
C ILE B 320 -0.19 -36.46 14.58
N GLU B 321 0.49 -36.86 15.64
CA GLU B 321 1.77 -36.25 15.92
C GLU B 321 2.74 -36.68 14.85
N PHE B 322 2.73 -37.96 14.53
CA PHE B 322 3.64 -38.45 13.51
C PHE B 322 3.57 -37.55 12.27
N LEU B 323 2.36 -37.16 11.89
CA LEU B 323 2.13 -36.41 10.62
C LEU B 323 2.64 -34.99 10.69
N ARG B 324 2.44 -34.41 11.86
CA ARG B 324 2.78 -33.03 12.11
C ARG B 324 4.27 -32.91 12.10
N ASN B 325 4.89 -33.91 12.71
CA ASN B 325 6.32 -34.06 12.80
C ASN B 325 6.94 -34.26 11.44
N THR B 326 6.44 -35.22 10.67
CA THR B 326 6.95 -35.41 9.32
C THR B 326 6.97 -34.11 8.52
N ASN B 327 5.85 -33.39 8.54
CA ASN B 327 5.73 -32.16 7.77
C ASN B 327 6.68 -31.10 8.30
N ARG B 328 6.93 -31.12 9.62
CA ARG B 328 7.86 -30.14 10.21
C ARG B 328 9.30 -30.41 9.80
N ILE B 329 9.67 -31.70 9.86
CA ILE B 329 11.03 -32.13 9.51
C ILE B 329 11.29 -31.89 8.01
N LEU B 330 10.35 -32.31 7.17
CA LEU B 330 10.41 -32.04 5.74
C LEU B 330 10.65 -30.54 5.49
N GLY B 331 9.89 -29.71 6.19
CA GLY B 331 9.97 -28.27 6.02
C GLY B 331 11.34 -27.77 6.41
N GLU B 332 11.95 -28.39 7.42
CA GLU B 332 13.26 -27.97 7.90
C GLU B 332 14.41 -28.61 7.13
N GLN B 333 14.21 -29.82 6.63
CA GLN B 333 15.34 -30.58 6.14
C GLN B 333 15.48 -30.48 4.63
N VAL B 334 14.34 -30.42 3.94
CA VAL B 334 14.33 -30.34 2.47
C VAL B 334 13.39 -29.26 1.97
N SER B 335 13.72 -28.01 2.27
CA SER B 335 12.95 -26.85 1.85
C SER B 335 12.74 -26.86 0.36
N GLY B 336 11.53 -26.59 -0.08
CA GLY B 336 11.23 -26.70 -1.51
C GLY B 336 10.39 -27.91 -1.87
N ALA B 337 10.43 -28.94 -1.03
CA ALA B 337 9.60 -30.10 -1.27
C ALA B 337 8.32 -29.91 -0.47
N VAL B 338 7.22 -30.46 -0.95
CA VAL B 338 5.92 -30.24 -0.33
C VAL B 338 5.16 -31.56 -0.13
N THR B 339 4.13 -31.52 0.71
CA THR B 339 3.33 -32.72 0.96
C THR B 339 1.87 -32.38 0.72
N MET B 340 1.11 -33.38 0.33
CA MET B 340 -0.26 -33.16 0.03
C MET B 340 -1.01 -34.31 0.66
N ALA B 341 -2.25 -34.05 1.09
CA ALA B 341 -3.05 -35.04 1.82
C ALA B 341 -4.39 -35.25 1.19
N GLU B 342 -4.84 -36.50 1.27
CA GLU B 342 -6.22 -36.80 1.00
C GLU B 342 -6.82 -37.27 2.34
N GLU B 343 -7.74 -36.47 2.88
CA GLU B 343 -8.35 -36.69 4.17
C GLU B 343 -9.81 -36.43 4.03
N SER B 344 -10.62 -37.43 4.30
CA SER B 344 -12.01 -37.36 3.90
C SER B 344 -13.04 -37.13 4.99
N THR B 345 -12.68 -36.51 6.11
CA THR B 345 -13.67 -36.32 7.17
C THR B 345 -13.74 -34.88 7.65
N ASP B 346 -13.15 -33.99 6.87
CA ASP B 346 -13.15 -32.58 7.26
C ASP B 346 -12.45 -32.31 8.57
N PHE B 347 -11.40 -33.08 8.87
CA PHE B 347 -10.55 -32.76 10.00
C PHE B 347 -10.06 -31.32 9.75
N PRO B 348 -10.14 -30.46 10.76
CA PRO B 348 -9.78 -29.09 10.41
C PRO B 348 -8.27 -28.87 10.31
N GLY B 349 -7.86 -28.06 9.33
CA GLY B 349 -6.48 -27.63 9.24
C GLY B 349 -5.52 -28.67 8.69
N VAL B 350 -5.97 -29.48 7.75
CA VAL B 350 -5.07 -30.43 7.18
C VAL B 350 -3.88 -29.76 6.53
N SER B 351 -4.09 -28.61 5.91
CA SER B 351 -2.99 -27.92 5.26
C SER B 351 -2.79 -26.57 5.94
N ARG B 352 -2.87 -26.57 7.27
CA ARG B 352 -2.60 -25.39 8.04
C ARG B 352 -1.47 -25.75 9.01
N PRO B 353 -0.72 -24.73 9.48
CA PRO B 353 0.46 -24.93 10.36
C PRO B 353 0.11 -25.67 11.65
N GLN B 354 1.04 -26.49 12.13
CA GLN B 354 0.85 -27.24 13.39
C GLN B 354 0.57 -26.32 14.59
N ASP B 355 1.23 -25.16 14.62
CA ASP B 355 1.11 -24.24 15.77
C ASP B 355 -0.29 -23.60 15.91
N MET B 356 -1.20 -23.91 14.98
CA MET B 356 -2.61 -23.55 15.13
C MET B 356 -3.49 -24.81 15.13
N GLY B 357 -2.89 -25.96 15.43
CA GLY B 357 -3.65 -27.22 15.49
C GLY B 357 -3.74 -28.00 14.18
N GLY B 358 -2.96 -27.60 13.17
CA GLY B 358 -3.03 -28.26 11.89
C GLY B 358 -2.15 -29.51 11.78
N LEU B 359 -2.23 -30.16 10.64
CA LEU B 359 -1.44 -31.34 10.36
C LEU B 359 -0.17 -30.91 9.62
N GLY B 360 -0.18 -29.69 9.09
CA GLY B 360 0.99 -29.12 8.44
C GLY B 360 1.26 -29.58 7.01
N PHE B 361 0.29 -30.20 6.34
CA PHE B 361 0.40 -30.40 4.87
C PHE B 361 0.40 -29.06 4.13
N TRP B 362 1.03 -29.00 2.96
CA TRP B 362 0.88 -27.83 2.08
C TRP B 362 -0.45 -27.82 1.30
N TYR B 363 -0.91 -28.94 0.78
CA TYR B 363 -2.12 -28.96 -0.01
C TYR B 363 -3.03 -30.08 0.44
N LYS B 364 -4.34 -29.92 0.22
CA LYS B 364 -5.33 -30.96 0.52
C LYS B 364 -6.19 -31.22 -0.69
N TRP B 365 -6.46 -32.49 -1.02
CA TRP B 365 -7.37 -32.85 -2.12
C TRP B 365 -8.78 -32.35 -1.82
N ASN B 366 -9.39 -31.71 -2.79
CA ASN B 366 -10.73 -31.17 -2.56
C ASN B 366 -11.77 -32.17 -3.01
N LEU B 367 -12.07 -33.15 -2.14
CA LEU B 367 -13.03 -34.19 -2.50
C LEU B 367 -14.44 -33.69 -2.60
N GLY B 368 -14.77 -32.67 -1.80
CA GLY B 368 -16.14 -32.16 -1.81
C GLY B 368 -16.38 -31.52 -3.17
N TRP B 369 -15.35 -30.87 -3.72
CA TRP B 369 -15.54 -30.19 -4.99
C TRP B 369 -15.76 -31.23 -6.05
N MET B 370 -14.94 -32.25 -6.02
CA MET B 370 -15.08 -33.35 -6.95
C MET B 370 -16.49 -33.93 -6.86
N HIS B 371 -16.93 -34.36 -5.67
CA HIS B 371 -18.30 -34.81 -5.52
C HIS B 371 -19.35 -33.81 -5.97
N ASP B 372 -19.30 -32.56 -5.51
CA ASP B 372 -20.34 -31.61 -5.86
C ASP B 372 -20.36 -31.34 -7.37
N THR B 373 -19.20 -31.20 -8.02
CA THR B 373 -19.21 -30.83 -9.44
C THR B 373 -19.50 -32.01 -10.33
N LEU B 374 -19.21 -33.19 -9.81
CA LEU B 374 -19.50 -34.38 -10.62
C LEU B 374 -20.99 -34.65 -10.55
N ASP B 375 -21.58 -34.55 -9.36
CA ASP B 375 -23.04 -34.64 -9.25
C ASP B 375 -23.77 -33.61 -10.10
N TYR B 376 -23.26 -32.39 -10.17
CA TYR B 376 -23.82 -31.36 -11.03
C TYR B 376 -23.77 -31.76 -12.52
N MET B 377 -22.59 -32.13 -13.00
CA MET B 377 -22.43 -32.50 -14.41
C MET B 377 -23.31 -33.68 -14.81
N LYS B 378 -23.58 -34.57 -13.85
CA LYS B 378 -24.35 -35.77 -14.13
C LYS B 378 -25.82 -35.46 -14.43
N LEU B 379 -26.33 -34.39 -13.82
CA LEU B 379 -27.69 -33.96 -14.04
C LEU B 379 -27.95 -33.61 -15.51
N ASP B 380 -29.02 -34.18 -16.03
CA ASP B 380 -29.66 -33.67 -17.19
C ASP B 380 -29.75 -32.18 -16.99
N PRO B 381 -29.36 -31.39 -18.01
CA PRO B 381 -29.41 -29.93 -18.04
C PRO B 381 -30.71 -29.35 -17.55
N VAL B 382 -31.83 -29.99 -17.86
CA VAL B 382 -33.11 -29.53 -17.36
C VAL B 382 -33.16 -29.45 -15.83
N TYR B 383 -32.39 -30.27 -15.11
CA TYR B 383 -32.46 -30.28 -13.63
C TYR B 383 -31.35 -29.45 -12.99
N ARG B 384 -30.47 -28.91 -13.81
CA ARG B 384 -29.37 -28.13 -13.28
C ARG B 384 -29.76 -26.82 -12.57
N GLN B 385 -30.89 -26.24 -12.97
CA GLN B 385 -31.33 -24.99 -12.39
C GLN B 385 -31.61 -25.15 -10.87
N TYR B 386 -31.90 -26.37 -10.43
CA TYR B 386 -32.27 -26.58 -9.03
C TYR B 386 -31.08 -27.02 -8.24
N HIS B 387 -29.92 -27.11 -8.91
CA HIS B 387 -28.74 -27.51 -8.18
C HIS B 387 -27.57 -26.58 -8.32
N HIS B 388 -27.85 -25.31 -8.58
CA HIS B 388 -26.85 -24.29 -8.72
C HIS B 388 -25.86 -24.35 -7.56
N ASP B 389 -26.37 -24.68 -6.35
CA ASP B 389 -25.52 -24.68 -5.13
C ASP B 389 -24.29 -25.54 -5.33
N LYS B 390 -24.39 -26.58 -6.13
CA LYS B 390 -23.26 -27.47 -6.41
C LYS B 390 -22.07 -26.82 -7.05
N LEU B 391 -22.30 -25.76 -7.81
CA LEU B 391 -21.23 -25.09 -8.46
C LEU B 391 -20.67 -23.93 -7.61
N THR B 392 -21.55 -23.31 -6.80
CA THR B 392 -21.24 -22.10 -6.02
C THR B 392 -20.67 -22.34 -4.60
N PHE B 393 -20.94 -23.50 -4.03
CA PHE B 393 -20.59 -23.78 -2.66
C PHE B 393 -19.07 -23.90 -2.44
N GLY B 394 -18.37 -24.44 -3.44
CA GLY B 394 -16.94 -24.60 -3.32
C GLY B 394 -16.23 -23.37 -2.77
N ILE B 395 -16.61 -22.19 -3.26
CA ILE B 395 -15.90 -21.00 -2.85
C ILE B 395 -16.11 -20.67 -1.36
N LEU B 396 -17.24 -21.07 -0.81
CA LEU B 396 -17.53 -20.80 0.61
C LEU B 396 -16.48 -21.36 1.59
N TYR B 397 -15.84 -22.47 1.27
CA TYR B 397 -14.83 -23.01 2.16
C TYR B 397 -13.46 -23.09 1.48
N ASN B 398 -13.31 -22.39 0.35
CA ASN B 398 -12.09 -22.47 -0.40
C ASN B 398 -10.87 -21.95 0.38
N TYR B 399 -11.09 -21.02 1.29
CA TYR B 399 -9.98 -20.40 2.04
C TYR B 399 -9.72 -21.09 3.38
N THR B 400 -10.30 -22.27 3.59
CA THR B 400 -10.02 -23.04 4.83
C THR B 400 -8.88 -24.06 4.62
N GLU B 401 -8.58 -24.41 3.35
CA GLU B 401 -7.52 -25.34 3.03
C GLU B 401 -6.88 -24.89 1.69
N ASN B 402 -5.66 -25.32 1.38
CA ASN B 402 -5.05 -25.03 0.10
C ASN B 402 -5.37 -26.23 -0.80
N PHE B 403 -6.39 -26.07 -1.62
CA PHE B 403 -6.98 -27.20 -2.32
C PHE B 403 -6.32 -27.57 -3.63
N VAL B 404 -6.33 -28.88 -3.91
CA VAL B 404 -6.07 -29.41 -5.25
C VAL B 404 -7.41 -29.92 -5.76
N LEU B 405 -7.76 -29.55 -6.99
CA LEU B 405 -8.98 -30.08 -7.61
C LEU B 405 -8.69 -31.38 -8.33
N PRO B 406 -9.14 -32.53 -7.77
CA PRO B 406 -8.74 -33.85 -8.22
C PRO B 406 -9.77 -34.60 -9.06
N LEU B 407 -9.35 -35.09 -10.22
CA LEU B 407 -10.15 -36.06 -10.96
C LEU B 407 -9.18 -37.24 -11.03
N SER B 408 -9.15 -38.01 -9.95
CA SER B 408 -8.11 -38.97 -9.75
C SER B 408 -8.58 -40.32 -10.15
N HIS B 409 -7.65 -41.28 -10.06
CA HIS B 409 -7.95 -42.68 -10.27
C HIS B 409 -9.10 -43.24 -9.43
N ASP B 410 -9.36 -42.70 -8.22
CA ASP B 410 -10.41 -43.32 -7.38
C ASP B 410 -11.78 -43.08 -8.00
N GLU B 411 -11.87 -42.13 -8.92
CA GLU B 411 -13.20 -41.78 -9.45
C GLU B 411 -13.54 -42.54 -10.76
N VAL B 412 -12.62 -43.40 -11.21
CA VAL B 412 -12.84 -44.13 -12.49
C VAL B 412 -12.68 -45.62 -12.38
N VAL B 413 -13.01 -46.17 -11.20
CA VAL B 413 -12.96 -47.62 -10.96
C VAL B 413 -14.22 -48.16 -10.30
N HIS B 414 -14.37 -49.48 -10.29
CA HIS B 414 -15.39 -50.16 -9.49
C HIS B 414 -16.79 -49.66 -9.76
N GLY B 415 -17.14 -49.58 -11.04
CA GLY B 415 -18.51 -49.25 -11.43
C GLY B 415 -18.83 -47.77 -11.27
N LYS B 416 -17.84 -46.96 -10.90
CA LYS B 416 -18.03 -45.51 -10.90
C LYS B 416 -18.09 -44.89 -12.29
N LYS B 417 -17.62 -45.62 -13.30
CA LYS B 417 -17.55 -45.16 -14.71
C LYS B 417 -16.46 -44.16 -14.93
N SER B 418 -16.24 -43.82 -16.20
CA SER B 418 -15.29 -42.79 -16.59
C SER B 418 -15.93 -41.44 -16.40
N ILE B 419 -15.11 -40.40 -16.46
CA ILE B 419 -15.63 -39.04 -16.46
C ILE B 419 -16.53 -38.76 -17.67
N LEU B 420 -16.12 -39.22 -18.86
CA LEU B 420 -16.97 -39.02 -20.03
C LEU B 420 -18.36 -39.68 -19.88
N ASP B 421 -18.41 -40.87 -19.28
CA ASP B 421 -19.67 -41.60 -19.22
C ASP B 421 -20.60 -41.10 -18.09
N ARG B 422 -20.18 -40.10 -17.32
CA ARG B 422 -21.06 -39.46 -16.35
C ARG B 422 -21.86 -38.38 -17.08
N MET B 423 -21.37 -37.93 -18.25
CA MET B 423 -22.04 -36.81 -18.96
C MET B 423 -23.35 -37.23 -19.59
N PRO B 424 -24.39 -36.45 -19.39
CA PRO B 424 -25.65 -36.79 -20.04
C PRO B 424 -25.71 -36.22 -21.51
N GLY B 425 -26.72 -36.67 -22.25
CA GLY B 425 -26.97 -36.15 -23.62
C GLY B 425 -26.51 -37.07 -24.72
N ASP B 426 -26.68 -36.65 -25.97
CA ASP B 426 -26.16 -37.38 -27.10
C ASP B 426 -24.64 -37.20 -27.18
N ALA B 427 -24.01 -37.79 -28.20
CA ALA B 427 -22.54 -37.77 -28.25
C ALA B 427 -21.99 -36.34 -28.26
N TRP B 428 -22.60 -35.47 -29.05
CA TRP B 428 -22.13 -34.10 -29.09
C TRP B 428 -22.22 -33.44 -27.71
N GLN B 429 -23.34 -33.66 -27.02
CA GLN B 429 -23.59 -33.05 -25.74
C GLN B 429 -22.69 -33.66 -24.68
N LYS B 430 -22.34 -34.92 -24.85
CA LYS B 430 -21.48 -35.57 -23.90
C LYS B 430 -20.09 -34.97 -23.85
N PHE B 431 -19.47 -34.77 -25.02
CA PHE B 431 -18.11 -34.22 -25.06
C PHE B 431 -18.19 -32.75 -24.76
N ALA B 432 -19.29 -32.12 -25.17
CA ALA B 432 -19.42 -30.73 -24.91
C ALA B 432 -19.43 -30.47 -23.37
N ASN B 433 -20.31 -31.18 -22.65
CA ASN B 433 -20.32 -31.14 -21.17
C ASN B 433 -18.92 -31.37 -20.62
N LEU B 434 -18.29 -32.48 -21.00
CA LEU B 434 -16.94 -32.75 -20.50
C LEU B 434 -15.98 -31.55 -20.69
N ARG B 435 -16.03 -30.92 -21.85
CA ARG B 435 -15.19 -29.80 -22.14
C ARG B 435 -15.51 -28.54 -21.33
N ALA B 436 -16.79 -28.19 -21.25
CA ALA B 436 -17.23 -27.05 -20.43
C ALA B 436 -16.78 -27.29 -19.01
N TYR B 437 -16.91 -28.53 -18.53
CA TYR B 437 -16.48 -28.87 -17.21
C TYR B 437 -14.98 -28.66 -17.01
N TYR B 438 -14.15 -29.17 -17.90
CA TYR B 438 -12.68 -28.88 -17.83
C TYR B 438 -12.39 -27.37 -17.87
N GLY B 439 -13.16 -26.66 -18.70
CA GLY B 439 -13.02 -25.20 -18.75
C GLY B 439 -13.26 -24.59 -17.38
N TRP B 440 -14.29 -25.11 -16.70
CA TRP B 440 -14.65 -24.63 -15.38
C TRP B 440 -13.54 -25.02 -14.40
N MET B 441 -13.16 -26.27 -14.43
CA MET B 441 -12.18 -26.77 -13.49
C MET B 441 -10.87 -25.97 -13.51
N TRP B 442 -10.40 -25.65 -14.73
CA TRP B 442 -9.08 -25.01 -14.93
C TRP B 442 -9.14 -23.55 -14.55
N ALA B 443 -10.35 -23.02 -14.43
CA ALA B 443 -10.54 -21.64 -13.97
C ALA B 443 -10.84 -21.51 -12.48
N PHE B 444 -11.39 -22.57 -11.89
CA PHE B 444 -11.84 -22.49 -10.50
C PHE B 444 -10.66 -22.48 -9.52
N PRO B 445 -10.73 -21.68 -8.44
CA PRO B 445 -9.60 -21.68 -7.44
C PRO B 445 -9.19 -23.10 -7.01
N GLY B 446 -7.89 -23.32 -6.95
CA GLY B 446 -7.25 -24.59 -6.54
C GLY B 446 -6.34 -25.11 -7.66
N LYS B 447 -5.32 -25.86 -7.31
CA LYS B 447 -4.50 -26.51 -8.32
C LYS B 447 -5.28 -27.65 -9.01
N LYS B 448 -4.69 -28.26 -10.06
CA LYS B 448 -5.43 -29.21 -10.87
C LYS B 448 -4.76 -30.57 -10.80
N LEU B 449 -5.56 -31.65 -10.86
CA LEU B 449 -4.96 -32.97 -10.92
C LEU B 449 -5.91 -33.72 -11.80
N LEU B 450 -5.36 -34.40 -12.81
CA LEU B 450 -6.17 -35.14 -13.76
C LEU B 450 -5.49 -36.48 -13.93
N PHE B 451 -6.29 -37.54 -13.87
CA PHE B 451 -5.78 -38.88 -14.00
C PHE B 451 -5.69 -39.26 -15.48
N MET B 452 -4.61 -39.98 -15.80
CA MET B 452 -4.38 -40.45 -17.16
C MET B 452 -5.64 -41.07 -17.76
N GLY B 453 -5.87 -40.82 -19.05
CA GLY B 453 -7.10 -41.22 -19.74
C GLY B 453 -8.24 -40.19 -19.72
N ASN B 454 -8.26 -39.29 -18.74
CA ASN B 454 -9.27 -38.24 -18.68
C ASN B 454 -9.02 -37.17 -19.71
N GLU B 455 -7.76 -36.99 -20.09
CA GLU B 455 -7.40 -35.92 -21.01
C GLU B 455 -7.74 -36.26 -22.45
N PHE B 456 -8.00 -37.52 -22.76
CA PHE B 456 -8.55 -37.80 -24.09
C PHE B 456 -9.94 -38.41 -23.97
N ALA B 457 -10.54 -38.23 -22.81
CA ALA B 457 -11.89 -38.74 -22.58
C ALA B 457 -12.00 -40.25 -22.87
N GLN B 458 -11.13 -41.04 -22.23
CA GLN B 458 -11.33 -42.49 -22.31
C GLN B 458 -12.77 -42.84 -21.99
N GLY B 459 -13.31 -43.80 -22.73
CA GLY B 459 -14.69 -44.23 -22.54
C GLY B 459 -14.88 -45.21 -21.38
N ARG B 460 -13.97 -46.19 -21.29
CA ARG B 460 -14.07 -47.23 -20.28
C ARG B 460 -13.33 -46.81 -19.03
N GLU B 461 -13.72 -47.41 -17.92
CA GLU B 461 -13.03 -47.27 -16.63
C GLU B 461 -11.55 -47.61 -16.74
N TRP B 462 -10.76 -46.99 -15.89
CA TRP B 462 -9.34 -47.38 -15.84
C TRP B 462 -9.17 -48.86 -15.46
N ASN B 463 -8.20 -49.55 -16.08
CA ASN B 463 -7.95 -50.97 -15.89
C ASN B 463 -6.44 -51.11 -15.61
N HIS B 464 -6.06 -51.42 -14.38
CA HIS B 464 -4.64 -51.42 -14.00
C HIS B 464 -3.93 -52.53 -14.72
N ASP B 465 -4.70 -53.48 -15.20
CA ASP B 465 -4.11 -54.65 -15.80
C ASP B 465 -3.99 -54.50 -17.32
N ALA B 466 -4.19 -53.29 -17.83
CA ALA B 466 -4.03 -53.08 -19.28
C ALA B 466 -3.64 -51.64 -19.54
N SER B 467 -3.26 -51.39 -20.80
CA SER B 467 -3.06 -50.10 -21.36
C SER B 467 -4.33 -49.25 -21.29
N LEU B 468 -4.13 -47.93 -21.25
CA LEU B 468 -5.22 -47.02 -21.49
C LEU B 468 -5.63 -47.18 -22.97
N ASP B 469 -6.77 -46.62 -23.33
CA ASP B 469 -7.32 -46.87 -24.64
C ASP B 469 -6.86 -45.90 -25.75
N TRP B 470 -5.57 -45.93 -26.05
CA TRP B 470 -5.01 -45.04 -27.07
C TRP B 470 -5.60 -45.32 -28.47
N HIS B 471 -6.11 -46.52 -28.69
CA HIS B 471 -6.81 -46.80 -29.94
C HIS B 471 -7.89 -45.74 -30.21
N LEU B 472 -8.39 -45.07 -29.19
CA LEU B 472 -9.44 -44.05 -29.37
C LEU B 472 -8.90 -42.87 -30.16
N LEU B 473 -7.58 -42.72 -30.09
CA LEU B 473 -6.91 -41.60 -30.74
C LEU B 473 -6.32 -42.01 -32.07
N GLU B 474 -6.54 -43.24 -32.51
CA GLU B 474 -6.05 -43.55 -33.84
C GLU B 474 -7.08 -43.27 -34.95
N GLY B 475 -6.54 -43.07 -36.15
CA GLY B 475 -7.38 -42.95 -37.34
C GLY B 475 -8.15 -41.67 -37.56
N GLY B 476 -7.56 -40.51 -37.44
CA GLY B 476 -8.37 -39.39 -37.94
C GLY B 476 -9.18 -38.64 -36.90
N ASP B 477 -9.19 -37.32 -37.05
CA ASP B 477 -9.56 -36.45 -35.99
C ASP B 477 -10.97 -36.70 -35.53
N ASN B 478 -11.10 -37.02 -34.23
CA ASN B 478 -12.38 -37.33 -33.62
C ASN B 478 -12.55 -36.53 -32.31
N TRP B 479 -13.69 -36.72 -31.64
CA TRP B 479 -13.96 -36.08 -30.36
C TRP B 479 -12.73 -36.17 -29.45
N HIS B 480 -12.09 -37.30 -29.38
CA HIS B 480 -11.09 -37.46 -28.36
C HIS B 480 -9.88 -36.61 -28.60
N HIS B 481 -9.57 -36.34 -29.87
CA HIS B 481 -8.47 -35.47 -30.19
C HIS B 481 -8.84 -34.09 -29.74
N GLY B 482 -10.12 -33.76 -29.85
CA GLY B 482 -10.59 -32.44 -29.46
C GLY B 482 -10.38 -32.20 -27.98
N VAL B 483 -10.87 -33.11 -27.12
CA VAL B 483 -10.66 -32.98 -25.67
C VAL B 483 -9.19 -32.94 -25.33
N GLN B 484 -8.43 -33.82 -25.98
CA GLN B 484 -7.00 -33.83 -25.77
C GLN B 484 -6.39 -32.49 -26.13
N ARG B 485 -6.85 -31.88 -27.22
CA ARG B 485 -6.30 -30.62 -27.67
C ARG B 485 -6.75 -29.53 -26.68
N LEU B 486 -7.99 -29.64 -26.19
CA LEU B 486 -8.44 -28.69 -25.23
C LEU B 486 -7.63 -28.75 -23.92
N VAL B 487 -7.33 -29.94 -23.42
CA VAL B 487 -6.61 -30.00 -22.15
C VAL B 487 -5.23 -29.34 -22.26
N ARG B 488 -4.57 -29.52 -23.42
CA ARG B 488 -3.29 -28.88 -23.68
C ARG B 488 -3.48 -27.39 -23.68
N ASP B 489 -4.55 -26.91 -24.32
CA ASP B 489 -4.75 -25.45 -24.32
C ASP B 489 -5.06 -24.88 -22.95
N LEU B 490 -5.84 -25.61 -22.15
CA LEU B 490 -6.14 -25.23 -20.74
C LEU B 490 -4.86 -25.04 -19.93
N ASN B 491 -4.05 -26.09 -19.85
CA ASN B 491 -2.71 -26.00 -19.26
C ASN B 491 -1.87 -24.82 -19.72
N LEU B 492 -1.72 -24.63 -21.04
CA LEU B 492 -0.84 -23.56 -21.52
C LEU B 492 -1.41 -22.18 -21.22
N THR B 493 -2.71 -22.02 -21.42
CA THR B 493 -3.38 -20.76 -21.12
C THR B 493 -3.38 -20.51 -19.61
N TYR B 494 -3.73 -21.52 -18.81
CA TYR B 494 -3.67 -21.43 -17.33
C TYR B 494 -2.29 -21.07 -16.80
N ARG B 495 -1.24 -21.61 -17.41
CA ARG B 495 0.11 -21.29 -16.96
C ARG B 495 0.62 -19.94 -17.46
N HIS B 496 0.10 -19.45 -18.58
CA HIS B 496 0.62 -18.20 -19.14
C HIS B 496 0.07 -16.96 -18.41
N HIS B 497 -1.15 -17.02 -17.93
CA HIS B 497 -1.84 -15.90 -17.25
C HIS B 497 -1.88 -16.03 -15.72
N LYS B 498 -1.13 -15.18 -15.03
CA LYS B 498 -1.06 -15.19 -13.57
C LYS B 498 -2.41 -15.13 -12.87
N ALA B 499 -3.36 -14.38 -13.42
CA ALA B 499 -4.71 -14.36 -12.84
C ALA B 499 -5.32 -15.75 -12.64
N MET B 500 -4.97 -16.74 -13.48
CA MET B 500 -5.58 -18.09 -13.35
C MET B 500 -5.03 -18.91 -12.15
N HIS B 501 -3.94 -18.46 -11.55
CA HIS B 501 -3.24 -19.31 -10.60
C HIS B 501 -2.55 -18.59 -9.45
N GLU B 502 -2.33 -17.28 -9.57
CA GLU B 502 -1.47 -16.59 -8.61
C GLU B 502 -2.13 -16.40 -7.23
N LEU B 503 -3.44 -16.24 -7.22
CA LEU B 503 -4.19 -15.93 -6.02
C LEU B 503 -5.30 -16.98 -5.74
N ASP B 504 -4.98 -18.27 -5.85
CA ASP B 504 -5.98 -19.32 -5.57
C ASP B 504 -6.51 -19.24 -4.15
N PHE B 505 -5.68 -18.74 -3.25
CA PHE B 505 -5.96 -18.87 -1.82
C PHE B 505 -6.12 -17.54 -1.12
N ASP B 506 -6.25 -16.49 -1.92
CA ASP B 506 -6.57 -15.17 -1.40
C ASP B 506 -7.95 -14.70 -1.95
N PRO B 507 -8.82 -14.24 -1.05
CA PRO B 507 -10.16 -13.90 -1.51
C PRO B 507 -10.09 -12.92 -2.69
N TYR B 508 -9.01 -12.17 -2.77
CA TYR B 508 -8.90 -11.18 -3.83
C TYR B 508 -8.80 -11.82 -5.22
N GLY B 509 -8.50 -13.10 -5.29
CA GLY B 509 -8.28 -13.74 -6.56
C GLY B 509 -9.53 -14.27 -7.23
N PHE B 510 -10.70 -14.10 -6.61
CA PHE B 510 -11.93 -14.64 -7.19
C PHE B 510 -13.09 -13.72 -6.87
N GLU B 511 -13.91 -13.37 -7.86
CA GLU B 511 -15.08 -12.56 -7.57
C GLU B 511 -16.19 -12.95 -8.50
N TRP B 512 -17.34 -13.30 -7.93
CA TRP B 512 -18.53 -13.58 -8.72
C TRP B 512 -18.96 -12.37 -9.57
N LEU B 513 -19.35 -12.62 -10.82
CA LEU B 513 -20.05 -11.57 -11.59
C LEU B 513 -21.55 -11.87 -11.73
N VAL B 514 -21.89 -13.14 -11.88
CA VAL B 514 -23.27 -13.63 -11.90
C VAL B 514 -23.28 -14.95 -11.14
N VAL B 515 -23.70 -14.94 -9.88
CA VAL B 515 -23.76 -16.12 -9.01
C VAL B 515 -25.17 -16.70 -9.01
N ASP B 516 -26.15 -15.93 -9.49
CA ASP B 516 -27.53 -16.39 -9.30
C ASP B 516 -28.41 -16.54 -10.54
N ASP B 517 -27.83 -16.79 -11.71
CA ASP B 517 -28.66 -17.05 -12.88
C ASP B 517 -28.97 -18.52 -12.88
N LYS B 518 -29.82 -18.95 -11.96
CA LYS B 518 -30.13 -20.36 -11.87
C LYS B 518 -30.95 -20.81 -13.06
N GLU B 519 -31.92 -20.02 -13.49
CA GLU B 519 -32.83 -20.50 -14.54
C GLU B 519 -32.07 -20.90 -15.77
N ARG B 520 -31.01 -20.17 -16.11
CA ARG B 520 -30.30 -20.47 -17.35
C ARG B 520 -29.01 -21.26 -17.13
N SER B 521 -28.72 -21.57 -15.88
CA SER B 521 -27.45 -22.25 -15.57
C SER B 521 -26.25 -21.56 -16.23
N VAL B 522 -26.15 -20.26 -16.07
CA VAL B 522 -25.00 -19.52 -16.49
C VAL B 522 -24.32 -18.97 -15.23
N LEU B 523 -23.01 -19.12 -15.17
CA LEU B 523 -22.31 -18.71 -13.99
C LEU B 523 -21.12 -17.95 -14.47
N ILE B 524 -20.86 -16.77 -13.91
CA ILE B 524 -19.76 -15.95 -14.39
C ILE B 524 -18.94 -15.39 -13.25
N PHE B 525 -17.63 -15.54 -13.37
CA PHE B 525 -16.75 -14.97 -12.39
C PHE B 525 -15.49 -14.43 -13.00
N VAL B 526 -14.75 -13.71 -12.19
CA VAL B 526 -13.47 -13.17 -12.51
C VAL B 526 -12.41 -13.81 -11.62
N ARG B 527 -11.22 -14.03 -12.20
CA ARG B 527 -10.04 -14.48 -11.46
C ARG B 527 -9.08 -13.32 -11.55
N ARG B 528 -8.29 -13.06 -10.51
CA ARG B 528 -7.40 -11.85 -10.48
C ARG B 528 -5.96 -12.16 -10.06
N ASP B 529 -5.00 -11.47 -10.67
CA ASP B 529 -3.61 -11.58 -10.19
C ASP B 529 -3.28 -10.45 -9.23
N LYS B 530 -2.07 -10.46 -8.69
CA LYS B 530 -1.59 -9.43 -7.76
C LYS B 530 -1.65 -7.99 -8.30
N GLU B 531 -1.55 -7.82 -9.62
CA GLU B 531 -1.65 -6.49 -10.25
C GLU B 531 -3.07 -6.10 -10.63
N GLY B 532 -4.06 -6.89 -10.20
CA GLY B 532 -5.46 -6.57 -10.52
C GLY B 532 -5.90 -6.83 -11.96
N ASN B 533 -5.06 -7.44 -12.77
CA ASN B 533 -5.59 -7.98 -14.03
C ASN B 533 -6.69 -9.02 -13.76
N GLU B 534 -7.80 -8.90 -14.46
CA GLU B 534 -8.90 -9.85 -14.26
C GLU B 534 -9.05 -10.63 -15.55
N ILE B 535 -9.42 -11.89 -15.42
CA ILE B 535 -9.98 -12.53 -16.56
C ILE B 535 -11.35 -13.07 -16.25
N ILE B 536 -12.23 -12.92 -17.22
CA ILE B 536 -13.61 -13.29 -17.07
C ILE B 536 -13.82 -14.70 -17.53
N VAL B 537 -14.44 -15.50 -16.66
CA VAL B 537 -14.82 -16.86 -16.96
C VAL B 537 -16.35 -16.91 -16.96
N ALA B 538 -16.92 -17.34 -18.09
CA ALA B 538 -18.35 -17.54 -18.17
C ALA B 538 -18.68 -18.93 -18.71
N SER B 539 -19.53 -19.67 -17.98
CA SER B 539 -19.91 -21.00 -18.50
C SER B 539 -21.41 -21.02 -18.76
N ASN B 540 -21.81 -21.90 -19.66
CA ASN B 540 -23.21 -22.06 -20.02
C ASN B 540 -23.48 -23.55 -19.98
N PHE B 541 -24.23 -24.00 -18.95
CA PHE B 541 -24.37 -25.43 -18.69
C PHE B 541 -25.67 -26.04 -19.19
N THR B 542 -26.24 -25.37 -20.18
CA THR B 542 -27.40 -25.77 -20.94
C THR B 542 -27.07 -25.80 -22.47
N PRO B 543 -27.76 -26.65 -23.24
CA PRO B 543 -27.50 -26.71 -24.67
C PRO B 543 -28.05 -25.52 -25.45
N VAL B 544 -28.62 -24.55 -24.74
CA VAL B 544 -29.17 -23.36 -25.37
C VAL B 544 -28.17 -22.22 -25.45
N PRO B 545 -27.80 -21.81 -26.67
CA PRO B 545 -26.86 -20.69 -26.83
C PRO B 545 -27.51 -19.43 -26.30
N ARG B 546 -26.71 -18.47 -25.83
CA ARG B 546 -27.26 -17.23 -25.29
C ARG B 546 -26.70 -16.06 -26.09
N HIS B 547 -27.55 -15.20 -26.60
CA HIS B 547 -27.06 -14.05 -27.35
C HIS B 547 -27.42 -12.81 -26.58
N ASP B 548 -26.59 -11.77 -26.71
CA ASP B 548 -26.85 -10.52 -26.03
C ASP B 548 -27.07 -10.80 -24.54
N TYR B 549 -26.24 -11.69 -24.00
CA TYR B 549 -26.25 -11.92 -22.56
C TYR B 549 -25.47 -10.82 -21.90
N ARG B 550 -26.14 -9.94 -21.19
CA ARG B 550 -25.48 -8.78 -20.60
C ARG B 550 -25.21 -8.99 -19.12
N PHE B 551 -24.02 -8.62 -18.66
CA PHE B 551 -23.69 -8.72 -17.25
C PHE B 551 -22.68 -7.66 -16.86
N GLY B 552 -22.67 -7.30 -15.58
CA GLY B 552 -21.77 -6.27 -15.06
C GLY B 552 -20.32 -6.74 -14.95
N ILE B 553 -19.38 -5.84 -15.22
CA ILE B 553 -17.96 -6.14 -15.08
C ILE B 553 -17.28 -5.05 -14.24
N ASN B 554 -16.01 -5.24 -13.90
CA ASN B 554 -15.29 -4.27 -13.06
C ASN B 554 -14.37 -3.37 -13.84
N GLN B 555 -13.94 -3.83 -15.01
CA GLN B 555 -12.97 -3.08 -15.80
C GLN B 555 -13.49 -2.75 -17.18
N PRO B 556 -13.83 -1.49 -17.44
CA PRO B 556 -14.36 -1.22 -18.77
C PRO B 556 -13.27 -1.32 -19.82
N GLY B 557 -13.67 -1.52 -21.08
CA GLY B 557 -12.73 -1.55 -22.20
C GLY B 557 -12.99 -2.70 -23.16
N LYS B 558 -11.92 -3.18 -23.78
CA LYS B 558 -12.03 -4.13 -24.86
C LYS B 558 -11.68 -5.53 -24.42
N TRP B 559 -12.61 -6.45 -24.60
CA TRP B 559 -12.42 -7.81 -24.18
C TRP B 559 -12.45 -8.80 -25.37
N ARG B 560 -11.61 -9.80 -25.27
CA ARG B 560 -11.48 -10.79 -26.33
C ARG B 560 -11.39 -12.20 -25.66
N GLU B 561 -11.99 -13.22 -26.28
CA GLU B 561 -11.83 -14.64 -25.89
C GLU B 561 -10.40 -15.13 -26.01
N ILE B 562 -9.91 -15.80 -24.97
CA ILE B 562 -8.60 -16.43 -25.03
C ILE B 562 -8.70 -17.96 -24.99
N LEU B 563 -9.87 -18.45 -24.63
CA LEU B 563 -10.18 -19.85 -24.52
C LEU B 563 -11.68 -19.98 -24.74
N ASN B 564 -12.10 -20.97 -25.51
CA ASN B 564 -13.50 -21.14 -25.84
C ASN B 564 -13.72 -22.63 -26.08
N THR B 565 -14.30 -23.36 -25.09
CA THR B 565 -14.48 -24.82 -25.22
C THR B 565 -15.41 -25.24 -26.38
N ASP B 566 -16.19 -24.32 -26.94
CA ASP B 566 -17.02 -24.64 -28.11
C ASP B 566 -16.31 -24.43 -29.49
N SER B 567 -15.00 -24.21 -29.47
CA SER B 567 -14.32 -23.94 -30.74
C SER B 567 -14.31 -25.19 -31.61
N MET B 568 -14.38 -25.01 -32.93
CA MET B 568 -14.32 -26.13 -33.83
C MET B 568 -13.00 -26.85 -33.74
N HIS B 569 -11.98 -26.19 -33.19
N HIS B 569 -11.96 -26.19 -33.21
CA HIS B 569 -10.69 -26.83 -32.96
CA HIS B 569 -10.69 -26.86 -32.98
C HIS B 569 -10.79 -27.93 -31.91
C HIS B 569 -10.86 -28.03 -32.03
N TYR B 570 -11.94 -27.97 -31.22
CA TYR B 570 -12.22 -29.03 -30.26
C TYR B 570 -13.43 -29.86 -30.65
N HIS B 571 -13.91 -29.70 -31.87
CA HIS B 571 -15.16 -30.34 -32.28
C HIS B 571 -16.45 -29.77 -31.62
N GLY B 572 -16.36 -28.57 -31.06
CA GLY B 572 -17.57 -27.83 -30.69
C GLY B 572 -18.23 -27.21 -31.91
N SER B 573 -19.24 -26.38 -31.70
CA SER B 573 -20.06 -25.89 -32.78
C SER B 573 -19.53 -24.56 -33.28
N ASN B 574 -18.56 -24.00 -32.56
CA ASN B 574 -17.86 -22.78 -32.99
C ASN B 574 -18.64 -21.49 -32.84
N ALA B 575 -19.58 -21.45 -31.91
CA ALA B 575 -20.23 -20.20 -31.55
C ALA B 575 -19.29 -19.35 -30.68
N GLY B 576 -19.53 -18.06 -30.61
CA GLY B 576 -18.68 -17.19 -29.81
C GLY B 576 -18.79 -15.76 -30.28
N ASN B 577 -17.90 -14.93 -29.78
CA ASN B 577 -17.93 -13.52 -30.08
C ASN B 577 -16.89 -13.29 -31.16
N GLY B 578 -17.22 -12.47 -32.14
CA GLY B 578 -16.39 -12.46 -33.35
C GLY B 578 -14.89 -12.39 -33.08
N GLY B 579 -14.46 -11.24 -32.60
CA GLY B 579 -13.19 -11.10 -31.91
C GLY B 579 -13.20 -9.68 -31.33
N THR B 580 -13.30 -9.56 -30.02
CA THR B 580 -13.19 -8.24 -29.34
C THR B 580 -14.51 -7.51 -29.20
N VAL B 581 -15.01 -7.50 -27.97
CA VAL B 581 -16.25 -6.84 -27.66
C VAL B 581 -15.93 -5.64 -26.75
N HIS B 582 -16.49 -4.48 -27.01
CA HIS B 582 -16.28 -3.35 -26.13
C HIS B 582 -17.32 -3.37 -25.02
N SER B 583 -16.93 -3.04 -23.80
CA SER B 583 -17.90 -2.83 -22.74
C SER B 583 -18.84 -1.63 -23.01
N ASP B 584 -20.00 -1.64 -22.36
CA ASP B 584 -20.93 -0.51 -22.42
C ASP B 584 -21.01 0.18 -21.07
N GLU B 585 -21.31 1.47 -21.05
CA GLU B 585 -21.61 2.11 -19.77
C GLU B 585 -23.11 1.99 -19.47
N ILE B 586 -23.54 0.77 -19.24
CA ILE B 586 -24.93 0.43 -19.00
C ILE B 586 -25.00 -0.42 -17.74
N ALA B 587 -25.36 0.18 -16.62
CA ALA B 587 -25.40 -0.53 -15.34
C ALA B 587 -25.92 -1.96 -15.47
N SER B 588 -25.39 -2.84 -14.62
CA SER B 588 -25.89 -4.23 -14.60
C SER B 588 -25.34 -4.97 -13.38
N HIS B 589 -26.19 -5.76 -12.72
CA HIS B 589 -25.77 -6.54 -11.55
C HIS B 589 -25.04 -5.69 -10.57
N GLY B 590 -25.46 -4.46 -10.40
CA GLY B 590 -24.88 -3.59 -9.37
C GLY B 590 -23.57 -2.93 -9.77
N ARG B 591 -23.24 -2.98 -11.07
CA ARG B 591 -21.96 -2.47 -11.54
C ARG B 591 -22.12 -1.41 -12.60
N GLN B 592 -21.21 -0.45 -12.63
CA GLN B 592 -21.25 0.63 -13.61
C GLN B 592 -21.27 0.16 -15.07
N HIS B 593 -20.29 -0.66 -15.46
CA HIS B 593 -20.17 -1.10 -16.86
C HIS B 593 -20.58 -2.55 -17.03
N SER B 594 -20.86 -2.95 -18.26
CA SER B 594 -21.26 -4.31 -18.54
C SER B 594 -20.78 -4.75 -19.93
N LEU B 595 -20.88 -6.05 -20.20
CA LEU B 595 -20.56 -6.58 -21.51
C LEU B 595 -21.78 -7.29 -21.98
N SER B 596 -21.94 -7.32 -23.29
CA SER B 596 -23.03 -8.08 -23.89
C SER B 596 -22.49 -9.13 -24.87
N LEU B 597 -22.45 -10.36 -24.40
CA LEU B 597 -21.79 -11.47 -25.10
C LEU B 597 -22.71 -12.53 -25.63
N THR B 598 -22.18 -13.33 -26.54
CA THR B 598 -22.74 -14.63 -26.85
C THR B 598 -22.06 -15.66 -25.96
N LEU B 599 -22.85 -16.52 -25.34
CA LEU B 599 -22.32 -17.67 -24.55
C LEU B 599 -22.63 -18.97 -25.27
N PRO B 600 -21.59 -19.64 -25.82
CA PRO B 600 -21.86 -20.85 -26.60
C PRO B 600 -22.57 -21.84 -25.73
N PRO B 601 -23.23 -22.83 -26.34
CA PRO B 601 -24.01 -23.83 -25.60
C PRO B 601 -23.12 -24.87 -24.96
N LEU B 602 -23.44 -25.27 -23.72
CA LEU B 602 -22.63 -26.27 -22.98
C LEU B 602 -21.15 -25.99 -23.14
N ALA B 603 -20.72 -24.82 -22.65
CA ALA B 603 -19.37 -24.36 -22.85
C ALA B 603 -18.94 -23.32 -21.82
N THR B 604 -17.61 -23.23 -21.64
CA THR B 604 -16.99 -22.25 -20.80
C THR B 604 -16.07 -21.38 -21.67
N ILE B 605 -16.07 -20.08 -21.44
CA ILE B 605 -15.15 -19.22 -22.16
C ILE B 605 -14.42 -18.35 -21.17
N TRP B 606 -13.21 -17.94 -21.52
CA TRP B 606 -12.37 -17.07 -20.70
C TRP B 606 -12.02 -15.88 -21.54
N LEU B 607 -12.03 -14.71 -20.92
CA LEU B 607 -11.80 -13.45 -21.65
C LEU B 607 -10.74 -12.63 -20.96
N VAL B 608 -9.93 -11.99 -21.79
CA VAL B 608 -8.88 -11.10 -21.32
C VAL B 608 -9.21 -9.69 -21.76
N ARG B 609 -8.66 -8.73 -21.06
CA ARG B 609 -8.93 -7.35 -21.36
C ARG B 609 -7.74 -6.79 -22.13
N GLU B 610 -7.97 -6.10 -23.24
CA GLU B 610 -6.85 -5.64 -24.05
C GLU B 610 -6.33 -4.28 -23.59
N ALA B 611 -5.01 -4.14 -23.49
CA ALA B 611 -4.44 -2.83 -23.15
C ALA B 611 -4.86 -1.76 -24.16
N GLU B 612 -4.86 -0.52 -23.66
CA GLU B 612 -5.06 0.71 -24.41
C GLU B 612 -3.71 1.28 -24.87
N HIS C 2 6.86 39.87 53.79
CA HIS C 2 7.80 38.95 53.08
C HIS C 2 7.03 37.77 52.47
N LEU C 3 6.21 38.08 51.46
CA LEU C 3 5.44 37.05 50.76
C LEU C 3 6.36 36.15 49.96
N ARG C 4 7.40 36.74 49.39
CA ARG C 4 8.29 36.06 48.47
C ARG C 4 9.75 36.17 48.92
N PRO C 5 10.14 35.34 49.90
CA PRO C 5 11.52 35.32 50.41
C PRO C 5 12.52 34.74 49.41
N TYR C 6 12.01 34.03 48.41
CA TYR C 6 12.86 33.47 47.36
C TYR C 6 13.50 34.57 46.50
N GLU C 7 12.92 35.76 46.56
CA GLU C 7 13.46 36.90 45.82
C GLU C 7 14.73 37.48 46.46
N THR C 8 14.93 37.25 47.77
CA THR C 8 16.15 37.73 48.44
C THR C 8 16.99 36.63 49.13
N LEU C 9 16.34 35.60 49.63
CA LEU C 9 17.10 34.45 50.17
C LEU C 9 17.62 33.58 49.03
N GLY C 10 18.76 32.92 49.27
CA GLY C 10 19.40 32.10 48.24
C GLY C 10 20.55 32.83 47.57
N ALA C 11 20.89 32.41 46.35
CA ALA C 11 21.98 33.04 45.61
C ALA C 11 21.47 33.89 44.44
N HIS C 12 21.66 35.20 44.54
CA HIS C 12 21.20 36.13 43.50
C HIS C 12 22.33 36.94 42.92
N ALA C 13 22.34 37.06 41.59
CA ALA C 13 23.21 38.01 40.93
C ALA C 13 22.96 39.39 41.53
N ASP C 14 24.04 40.15 41.74
CA ASP C 14 23.98 41.38 42.49
C ASP C 14 25.15 42.27 42.07
N THR C 15 25.04 43.57 42.34
CA THR C 15 26.10 44.52 42.01
C THR C 15 26.27 45.57 43.11
N MET C 16 27.51 45.75 43.56
CA MET C 16 27.83 46.78 44.56
C MET C 16 29.16 47.46 44.27
N ASP C 17 29.09 48.75 43.91
CA ASP C 17 30.26 49.55 43.51
C ASP C 17 30.72 49.27 42.09
N GLY C 18 29.77 48.92 41.22
CA GLY C 18 30.07 48.60 39.83
C GLY C 18 30.75 47.24 39.67
N VAL C 19 30.84 46.50 40.77
CA VAL C 19 31.40 45.15 40.78
C VAL C 19 30.32 44.07 40.91
N THR C 20 30.18 43.27 39.85
CA THR C 20 29.15 42.24 39.82
C THR C 20 29.62 40.94 40.48
N GLY C 21 28.69 40.20 41.06
CA GLY C 21 28.96 38.94 41.74
C GLY C 21 27.65 38.34 42.18
N THR C 22 27.66 37.54 43.23
CA THR C 22 26.42 37.00 43.78
C THR C 22 26.31 37.19 45.29
N ARG C 23 25.12 37.58 45.72
CA ARG C 23 24.85 37.78 47.14
C ARG C 23 24.20 36.53 47.72
N PHE C 24 24.91 35.93 48.68
CA PHE C 24 24.43 34.72 49.34
C PHE C 24 23.73 35.04 50.66
N SER C 25 22.51 34.52 50.82
CA SER C 25 21.72 34.75 52.03
C SER C 25 21.06 33.47 52.51
N VAL C 26 21.07 33.25 53.81
CA VAL C 26 20.51 32.03 54.40
C VAL C 26 20.13 32.21 55.87
N TRP C 27 18.88 31.88 56.20
CA TRP C 27 18.33 32.03 57.54
C TRP C 27 18.76 30.90 58.47
N ALA C 28 19.53 31.24 59.52
CA ALA C 28 20.01 30.27 60.51
C ALA C 28 20.51 30.97 61.78
N PRO C 29 19.57 31.46 62.62
CA PRO C 29 19.88 32.34 63.75
C PRO C 29 20.78 31.75 64.84
N ASN C 30 20.80 30.43 64.96
CA ASN C 30 21.49 29.78 66.07
C ASN C 30 22.85 29.16 65.75
N ALA C 31 23.32 29.35 64.50
CA ALA C 31 24.60 28.80 64.08
C ALA C 31 25.76 29.72 64.47
N ARG C 32 26.88 29.13 64.88
CA ARG C 32 28.03 29.91 65.36
C ARG C 32 28.84 30.53 64.21
N ARG C 33 29.11 29.73 63.17
CA ARG C 33 29.76 30.23 61.96
C ARG C 33 29.16 29.55 60.73
N VAL C 34 29.03 30.32 59.65
CA VAL C 34 28.59 29.79 58.36
C VAL C 34 29.46 30.36 57.27
N SER C 35 29.89 29.48 56.36
CA SER C 35 30.69 29.92 55.22
C SER C 35 30.12 29.41 53.89
N VAL C 36 30.42 30.13 52.81
CA VAL C 36 29.98 29.75 51.48
C VAL C 36 31.10 29.00 50.75
N VAL C 37 31.05 27.67 50.80
CA VAL C 37 32.03 26.85 50.10
C VAL C 37 31.54 26.53 48.69
N GLY C 38 32.46 26.16 47.81
CA GLY C 38 32.10 25.81 46.44
C GLY C 38 33.28 25.73 45.50
N GLN C 39 32.99 25.60 44.21
CA GLN C 39 34.03 25.49 43.19
C GLN C 39 34.42 26.85 42.62
N PHE C 40 34.15 27.90 43.39
CA PHE C 40 34.63 29.25 43.08
C PHE C 40 35.74 29.63 44.06
N ASN C 41 36.14 28.65 44.88
CA ASN C 41 37.24 28.79 45.80
C ASN C 41 37.69 27.42 46.26
N TYR C 42 37.37 26.42 45.45
CA TYR C 42 37.78 25.04 45.68
C TYR C 42 37.29 24.48 47.04
N TRP C 43 35.98 24.46 47.23
CA TRP C 43 35.35 23.95 48.46
C TRP C 43 36.15 24.28 49.71
N ASP C 44 36.79 25.45 49.73
CA ASP C 44 37.67 25.83 50.82
C ASP C 44 36.91 26.22 52.09
N GLY C 45 37.17 25.50 53.18
CA GLY C 45 36.50 25.73 54.46
C GLY C 45 36.42 27.18 54.92
N ARG C 46 37.57 27.81 55.11
CA ARG C 46 37.61 29.20 55.56
C ARG C 46 38.26 30.13 54.52
N ARG C 47 37.41 30.70 53.67
CA ARG C 47 37.84 31.62 52.61
C ARG C 47 36.84 32.76 52.45
N HIS C 48 35.57 32.40 52.51
CA HIS C 48 34.49 33.36 52.32
C HIS C 48 33.44 33.20 53.42
N PRO C 49 33.77 33.64 54.63
CA PRO C 49 32.85 33.56 55.76
C PRO C 49 31.80 34.66 55.68
N MET C 50 30.60 34.36 56.16
CA MET C 50 29.49 35.30 56.07
C MET C 50 29.25 35.99 57.41
N ARG C 51 28.66 37.18 57.36
CA ARG C 51 28.35 37.91 58.59
C ARG C 51 26.88 37.80 58.96
N LEU C 52 26.63 37.46 60.22
CA LEU C 52 25.28 37.37 60.75
C LEU C 52 24.66 38.75 60.85
N ARG C 53 23.38 38.85 60.48
CA ARG C 53 22.59 40.06 60.73
C ARG C 53 21.57 39.70 61.82
N LYS C 54 21.93 40.05 63.06
CA LYS C 54 21.30 39.48 64.27
C LYS C 54 19.80 39.70 64.39
N GLU C 55 19.31 40.82 63.86
CA GLU C 55 17.89 41.18 64.00
C GLU C 55 16.95 40.36 63.11
N SER C 56 17.49 39.46 62.32
CA SER C 56 16.69 38.62 61.43
C SER C 56 17.13 37.17 61.46
N GLY C 57 18.42 36.95 61.66
CA GLY C 57 18.97 35.60 61.65
C GLY C 57 19.56 35.27 60.30
N ILE C 58 19.66 36.27 59.43
CA ILE C 58 20.10 36.04 58.05
C ILE C 58 21.59 36.26 57.84
N TRP C 59 22.35 35.16 57.78
CA TRP C 59 23.75 35.17 57.34
C TRP C 59 23.82 35.66 55.90
N GLU C 60 24.82 36.50 55.61
CA GLU C 60 24.91 37.14 54.29
C GLU C 60 26.34 37.36 53.84
N LEU C 61 26.57 37.26 52.52
CA LEU C 61 27.87 37.59 51.94
C LEU C 61 27.81 37.84 50.43
N PHE C 62 28.46 38.92 50.00
CA PHE C 62 28.66 39.21 48.60
C PHE C 62 29.99 38.61 48.19
N ILE C 63 29.98 37.77 47.16
CA ILE C 63 31.21 37.23 46.59
C ILE C 63 31.36 37.68 45.16
N PRO C 64 32.24 38.67 44.93
CA PRO C 64 32.48 39.19 43.58
C PRO C 64 33.09 38.12 42.66
N GLY C 65 32.64 38.11 41.41
CA GLY C 65 33.16 37.17 40.41
C GLY C 65 32.50 35.80 40.36
N ALA C 66 31.74 35.47 41.41
CA ALA C 66 31.01 34.19 41.46
C ALA C 66 29.80 34.20 40.53
N HIS C 67 29.90 33.46 39.42
CA HIS C 67 28.95 33.56 38.32
C HIS C 67 27.94 32.41 38.26
N ASN C 68 27.28 32.28 37.12
CA ASN C 68 26.30 31.21 36.88
C ASN C 68 26.89 29.83 36.64
N GLY C 69 26.28 28.82 37.25
CA GLY C 69 26.68 27.43 37.02
C GLY C 69 27.64 26.90 38.05
N GLN C 70 28.12 27.77 38.94
CA GLN C 70 29.06 27.34 39.98
C GLN C 70 28.34 26.65 41.12
N LEU C 71 28.83 25.47 41.48
CA LEU C 71 28.25 24.69 42.55
C LEU C 71 28.73 25.21 43.91
N TYR C 72 27.86 25.16 44.91
CA TYR C 72 28.17 25.68 46.23
C TYR C 72 27.33 25.04 47.35
N LYS C 73 27.90 25.00 48.55
CA LYS C 73 27.20 24.55 49.74
C LYS C 73 27.37 25.57 50.87
N TYR C 74 26.73 25.32 52.00
CA TYR C 74 26.98 26.10 53.21
C TYR C 74 27.72 25.27 54.25
N GLU C 75 29.01 25.56 54.44
CA GLU C 75 29.77 24.93 55.50
C GLU C 75 29.50 25.66 56.80
N MET C 76 28.93 24.95 57.77
CA MET C 76 28.35 25.58 58.94
C MET C 76 28.82 24.97 60.27
N ILE C 77 29.03 25.84 61.26
CA ILE C 77 29.23 25.40 62.63
C ILE C 77 27.89 25.58 63.34
N ASP C 78 27.18 24.47 63.54
CA ASP C 78 25.81 24.54 64.08
C ASP C 78 25.78 25.04 65.53
N ALA C 79 24.63 24.92 66.17
CA ALA C 79 24.47 25.38 67.55
C ALA C 79 25.31 24.58 68.53
N ASN C 80 25.62 23.35 68.15
CA ASN C 80 26.31 22.41 69.04
C ASN C 80 27.80 22.24 68.74
N GLY C 81 28.31 23.01 67.79
CA GLY C 81 29.73 22.98 67.45
C GLY C 81 30.13 21.85 66.50
N ASN C 82 29.22 21.50 65.61
CA ASN C 82 29.49 20.46 64.60
C ASN C 82 29.88 21.05 63.25
N LEU C 83 30.66 20.30 62.50
CA LEU C 83 30.98 20.66 61.12
C LEU C 83 30.01 19.90 60.20
N ARG C 84 29.05 20.62 59.62
CA ARG C 84 28.06 20.00 58.74
C ARG C 84 27.86 20.78 57.44
N LEU C 85 28.00 20.07 56.31
CA LEU C 85 27.75 20.66 55.00
C LEU C 85 26.25 20.76 54.73
N LYS C 86 25.82 21.94 54.29
CA LYS C 86 24.41 22.20 54.03
C LYS C 86 24.16 22.68 52.61
N SER C 87 23.12 22.12 51.97
CA SER C 87 22.66 22.59 50.67
C SER C 87 21.59 23.66 50.88
N ASP C 88 21.74 24.81 50.21
CA ASP C 88 20.82 25.94 50.37
C ASP C 88 19.35 25.51 50.27
N PRO C 89 18.56 25.82 51.32
CA PRO C 89 17.13 25.54 51.33
C PRO C 89 16.38 26.17 50.16
N TYR C 90 16.90 27.32 49.69
CA TYR C 90 16.37 28.00 48.51
C TYR C 90 17.28 27.81 47.28
N ALA C 91 17.72 26.58 47.05
CA ALA C 91 18.47 26.25 45.85
C ALA C 91 17.50 26.14 44.67
N PHE C 92 17.69 26.99 43.66
CA PHE C 92 16.79 27.03 42.51
C PHE C 92 17.19 26.02 41.44
N GLU C 93 18.25 25.27 41.73
CA GLU C 93 18.69 24.14 40.91
C GLU C 93 19.80 23.45 41.68
N ALA C 94 19.88 22.12 41.55
CA ALA C 94 20.90 21.34 42.27
C ALA C 94 21.78 20.51 41.33
N GLN C 95 22.50 19.55 41.91
CA GLN C 95 23.38 18.69 41.13
C GLN C 95 22.72 17.34 40.83
N MET C 96 23.25 16.65 39.82
CA MET C 96 22.64 15.45 39.28
C MET C 96 22.80 14.21 40.18
N ARG C 97 21.76 13.37 40.20
CA ARG C 97 21.81 12.00 40.77
C ARG C 97 22.18 11.89 42.26
N PRO C 98 23.37 11.35 42.58
CA PRO C 98 23.72 11.10 43.96
C PRO C 98 24.24 12.35 44.65
N GLU C 99 24.69 13.32 43.86
CA GLU C 99 25.24 14.56 44.39
C GLU C 99 24.16 15.35 45.13
N THR C 100 24.59 16.35 45.91
CA THR C 100 23.68 17.04 46.82
C THR C 100 23.82 18.57 46.80
N ALA C 101 24.82 19.08 46.07
CA ALA C 101 25.15 20.51 46.10
C ALA C 101 24.13 21.41 45.41
N SER C 102 24.06 22.66 45.86
CA SER C 102 23.20 23.66 45.27
C SER C 102 23.93 24.32 44.09
N LEU C 103 23.19 25.06 43.27
CA LEU C 103 23.78 25.64 42.07
C LEU C 103 23.31 27.07 41.80
N ILE C 104 24.27 27.97 41.59
CA ILE C 104 23.99 29.37 41.28
C ILE C 104 23.37 29.50 39.89
N CYS C 105 22.15 30.03 39.84
CA CYS C 105 21.48 30.33 38.58
C CYS C 105 20.55 31.55 38.73
N GLY C 106 19.95 31.68 39.90
CA GLY C 106 19.01 32.77 40.14
C GLY C 106 17.57 32.47 39.74
N LEU C 107 16.75 33.51 39.71
CA LEU C 107 15.33 33.40 39.43
C LEU C 107 14.99 33.51 37.96
N PRO C 108 13.95 32.80 37.50
CA PRO C 108 13.45 33.01 36.15
C PRO C 108 12.60 34.27 36.10
N GLU C 109 12.44 34.85 34.91
CA GLU C 109 11.55 36.01 34.70
C GLU C 109 10.15 35.63 35.19
N LYS C 110 9.30 36.62 35.45
CA LYS C 110 7.94 36.34 35.90
C LYS C 110 7.03 35.97 34.73
N VAL C 111 6.26 34.90 34.90
CA VAL C 111 5.29 34.47 33.90
C VAL C 111 3.93 35.10 34.19
N VAL C 112 3.45 35.94 33.29
CA VAL C 112 2.10 36.52 33.44
C VAL C 112 1.04 35.58 32.89
N GLN C 113 0.07 35.26 33.74
CA GLN C 113 -0.97 34.28 33.43
C GLN C 113 -2.04 34.87 32.51
N THR C 114 -2.30 34.19 31.39
CA THR C 114 -3.29 34.64 30.43
C THR C 114 -4.70 34.48 30.99
N GLU C 115 -5.63 35.28 30.48
CA GLU C 115 -7.02 35.18 30.92
C GLU C 115 -7.65 33.85 30.49
N GLU C 116 -7.19 33.29 29.37
CA GLU C 116 -7.72 32.04 28.86
C GLU C 116 -7.34 30.84 29.76
N ARG C 117 -6.19 30.94 30.44
CA ARG C 117 -5.76 29.88 31.37
C ARG C 117 -6.48 29.93 32.72
N LYS C 118 -6.81 31.14 33.17
CA LYS C 118 -7.59 31.33 34.41
C LYS C 118 -9.01 30.80 34.22
N LYS C 119 -9.62 31.12 33.08
CA LYS C 119 -10.94 30.58 32.72
C LYS C 119 -11.00 29.06 32.86
N ALA C 120 -10.07 28.37 32.20
CA ALA C 120 -10.04 26.90 32.19
C ALA C 120 -9.90 26.27 33.58
N ASN C 121 -9.81 27.10 34.62
CA ASN C 121 -9.75 26.62 36.01
C ASN C 121 -11.08 26.77 36.74
N GLN C 122 -11.97 27.60 36.17
CA GLN C 122 -13.29 27.93 36.74
C GLN C 122 -14.21 26.71 36.90
N PHE C 123 -15.18 26.84 37.81
CA PHE C 123 -16.12 25.77 38.10
C PHE C 123 -16.95 25.42 36.86
N ASP C 124 -17.21 26.41 36.02
CA ASP C 124 -18.05 26.24 34.83
C ASP C 124 -17.26 25.80 33.59
N ALA C 125 -15.98 25.46 33.80
CA ALA C 125 -15.14 24.96 32.71
C ALA C 125 -15.11 23.44 32.66
N PRO C 126 -14.95 22.88 31.46
CA PRO C 126 -14.68 21.45 31.45
C PRO C 126 -13.25 21.23 31.94
N ILE C 127 -13.10 20.42 32.98
CA ILE C 127 -11.78 20.09 33.50
C ILE C 127 -11.50 18.58 33.37
N SER C 128 -10.55 18.24 32.50
CA SER C 128 -10.14 16.86 32.28
C SER C 128 -8.65 16.75 32.50
N ILE C 129 -8.27 16.10 33.58
CA ILE C 129 -6.88 16.07 34.01
C ILE C 129 -6.20 14.74 33.65
N TYR C 130 -5.05 14.84 33.00
CA TYR C 130 -4.22 13.68 32.72
C TYR C 130 -3.06 13.72 33.71
N GLU C 131 -3.11 12.84 34.70
CA GLU C 131 -2.11 12.81 35.79
C GLU C 131 -0.89 11.97 35.40
N VAL C 132 0.30 12.53 35.55
CA VAL C 132 1.51 11.85 35.11
C VAL C 132 2.69 11.96 36.07
N HIS C 133 3.39 10.85 36.26
CA HIS C 133 4.72 10.83 36.83
C HIS C 133 5.73 10.89 35.67
N LEU C 134 6.48 11.98 35.58
CA LEU C 134 7.34 12.23 34.42
C LEU C 134 8.45 11.20 34.24
N GLY C 135 8.79 10.47 35.30
CA GLY C 135 9.90 9.54 35.26
C GLY C 135 9.53 8.13 34.82
N SER C 136 8.26 7.92 34.47
CA SER C 136 7.76 6.58 34.11
C SER C 136 6.69 6.56 33.01
N TRP C 137 6.44 7.69 32.38
CA TRP C 137 5.44 7.76 31.30
C TRP C 137 5.98 7.08 30.04
N ARG C 138 7.18 7.45 29.62
CA ARG C 138 7.90 6.77 28.54
C ARG C 138 9.40 6.68 28.86
N ARG C 139 10.07 5.76 28.17
CA ARG C 139 11.52 5.56 28.29
C ARG C 139 12.12 5.35 26.91
N HIS C 140 13.40 5.68 26.75
CA HIS C 140 14.12 5.34 25.52
C HIS C 140 14.28 3.83 25.45
N THR C 141 13.89 3.26 24.32
CA THR C 141 13.87 1.81 24.17
C THR C 141 15.26 1.22 23.95
N ASP C 142 16.28 2.07 23.94
CA ASP C 142 17.66 1.62 23.71
C ASP C 142 18.33 1.19 25.02
N ASN C 143 18.54 2.16 25.91
CA ASN C 143 19.18 1.94 27.20
C ASN C 143 18.22 1.98 28.40
N ASN C 144 16.99 2.42 28.15
CA ASN C 144 15.93 2.52 29.18
C ASN C 144 16.00 3.81 30.04
N PHE C 145 16.63 4.86 29.50
CA PHE C 145 16.83 6.09 30.27
C PHE C 145 15.65 7.06 30.13
N TRP C 146 15.57 8.01 31.07
CA TRP C 146 14.49 9.00 31.14
C TRP C 146 14.35 9.86 29.88
N LEU C 147 13.11 10.21 29.55
CA LEU C 147 12.87 11.28 28.60
C LEU C 147 13.15 12.59 29.31
N SER C 148 13.97 13.44 28.68
CA SER C 148 14.28 14.76 29.24
C SER C 148 13.05 15.68 29.18
N TYR C 149 13.18 16.88 29.76
CA TYR C 149 12.11 17.88 29.72
C TYR C 149 11.72 18.28 28.29
N ARG C 150 12.71 18.40 27.40
CA ARG C 150 12.47 18.79 26.01
C ARG C 150 11.78 17.69 25.20
N GLU C 151 12.11 16.44 25.50
CA GLU C 151 11.50 15.31 24.81
C GLU C 151 10.05 15.13 25.25
N LEU C 152 9.79 15.32 26.55
CA LEU C 152 8.42 15.29 27.07
C LEU C 152 7.58 16.40 26.42
N ALA C 153 8.19 17.58 26.30
CA ALA C 153 7.55 18.74 25.67
C ALA C 153 7.13 18.44 24.24
N ASP C 154 7.83 17.50 23.60
CA ASP C 154 7.57 17.20 22.21
C ASP C 154 6.75 15.94 22.00
N GLN C 155 6.45 15.23 23.08
CA GLN C 155 5.72 13.95 23.03
C GLN C 155 4.52 13.91 23.97
N LEU C 156 4.79 14.12 25.26
CA LEU C 156 3.74 14.13 26.27
C LEU C 156 2.73 15.24 25.98
N VAL C 157 3.23 16.42 25.64
CA VAL C 157 2.36 17.58 25.39
C VAL C 157 1.38 17.36 24.21
N PRO C 158 1.89 17.03 23.01
CA PRO C 158 0.99 16.78 21.87
C PRO C 158 0.06 15.60 22.09
N TYR C 159 0.53 14.57 22.79
CA TYR C 159 -0.31 13.43 23.16
C TYR C 159 -1.49 13.89 24.02
N ALA C 160 -1.22 14.68 25.05
CA ALA C 160 -2.28 15.18 25.91
C ALA C 160 -3.28 16.08 25.17
N LYS C 161 -2.79 16.91 24.26
CA LYS C 161 -3.65 17.78 23.45
C LYS C 161 -4.54 16.96 22.50
N TRP C 162 -3.92 16.04 21.77
CA TRP C 162 -4.67 15.18 20.88
C TRP C 162 -5.72 14.42 21.66
N MET C 163 -5.33 13.89 22.83
CA MET C 163 -6.24 13.07 23.64
C MET C 163 -7.40 13.88 24.23
N GLY C 164 -7.35 15.21 24.07
CA GLY C 164 -8.42 16.09 24.49
C GLY C 164 -8.46 16.45 25.97
N PHE C 165 -7.35 16.24 26.67
CA PHE C 165 -7.28 16.68 28.05
C PHE C 165 -7.08 18.20 28.05
N THR C 166 -7.59 18.86 29.08
CA THR C 166 -7.41 20.31 29.24
C THR C 166 -6.26 20.61 30.18
N HIS C 167 -5.97 19.66 31.08
CA HIS C 167 -5.00 19.83 32.17
C HIS C 167 -3.98 18.71 32.24
N LEU C 168 -2.76 19.09 32.62
CA LEU C 168 -1.66 18.18 32.83
C LEU C 168 -1.28 18.28 34.30
N GLU C 169 -1.35 17.17 35.05
CA GLU C 169 -0.99 17.20 36.46
C GLU C 169 0.22 16.33 36.74
N LEU C 170 1.29 16.97 37.19
CA LEU C 170 2.57 16.30 37.38
C LEU C 170 2.76 15.89 38.83
N LEU C 171 3.14 14.62 39.03
CA LEU C 171 3.65 14.21 40.34
C LEU C 171 4.83 15.12 40.72
N PRO C 172 5.03 15.35 42.03
CA PRO C 172 5.97 16.37 42.48
C PRO C 172 7.28 16.40 41.70
N ILE C 173 7.60 17.53 41.08
CA ILE C 173 8.89 17.69 40.40
C ILE C 173 9.97 18.33 41.28
N ASN C 174 9.71 18.42 42.59
CA ASN C 174 10.71 18.83 43.58
C ASN C 174 11.91 17.90 43.49
N GLU C 175 13.09 18.41 43.80
CA GLU C 175 14.24 17.52 43.86
C GLU C 175 14.00 16.49 44.96
N HIS C 176 14.31 15.24 44.65
CA HIS C 176 14.15 14.13 45.58
C HIS C 176 15.16 13.03 45.26
N PRO C 177 15.70 12.35 46.30
CA PRO C 177 16.77 11.36 46.15
C PRO C 177 16.30 10.00 45.61
N PHE C 178 15.44 9.30 46.36
CA PHE C 178 14.93 7.99 45.96
C PHE C 178 13.78 8.13 44.96
N ASP C 179 13.88 7.45 43.82
CA ASP C 179 12.82 7.45 42.80
C ASP C 179 11.53 6.90 43.37
N GLY C 180 11.68 6.05 44.38
CA GLY C 180 10.58 5.28 44.97
C GLY C 180 9.54 6.10 45.72
N SER C 181 9.91 7.33 46.10
CA SER C 181 8.96 8.22 46.76
C SER C 181 8.12 8.96 45.71
N TRP C 182 8.45 8.71 44.44
CA TRP C 182 7.73 9.30 43.30
C TRP C 182 7.89 10.80 43.20
N GLY C 183 8.27 11.41 44.33
CA GLY C 183 8.48 12.86 44.43
C GLY C 183 7.98 13.41 45.76
N TYR C 184 7.22 12.60 46.49
CA TYR C 184 6.54 13.04 47.72
C TYR C 184 7.44 13.22 48.95
N GLN C 185 8.72 12.88 48.80
CA GLN C 185 9.67 13.07 49.90
C GLN C 185 10.86 13.91 49.41
N PRO C 186 10.66 15.24 49.37
CA PRO C 186 11.60 16.18 48.74
C PRO C 186 12.85 16.45 49.56
N THR C 187 13.88 17.00 48.92
CA THR C 187 15.06 17.52 49.62
C THR C 187 15.26 19.01 49.31
N GLY C 188 14.72 19.44 48.17
CA GLY C 188 14.74 20.84 47.75
C GLY C 188 13.41 21.29 47.17
N LEU C 189 12.68 22.11 47.92
CA LEU C 189 11.35 22.58 47.51
C LEU C 189 11.40 23.50 46.29
N TYR C 190 12.47 24.28 46.16
CA TYR C 190 12.56 25.30 45.10
C TYR C 190 13.27 24.84 43.83
N ALA C 191 13.72 23.58 43.82
CA ALA C 191 14.46 23.05 42.68
C ALA C 191 13.71 21.93 41.93
N PRO C 192 13.55 22.10 40.60
CA PRO C 192 13.03 21.04 39.73
C PRO C 192 14.10 19.94 39.60
N THR C 193 13.71 18.70 39.88
CA THR C 193 14.66 17.57 39.81
C THR C 193 15.46 17.59 38.50
N ARG C 194 16.75 17.26 38.60
CA ARG C 194 17.65 17.28 37.43
C ARG C 194 17.63 15.99 36.59
N ARG C 195 16.67 15.11 36.85
CA ARG C 195 16.57 13.86 36.10
C ARG C 195 16.36 14.12 34.62
N PHE C 196 15.68 15.22 34.31
CA PHE C 196 15.17 15.44 32.98
C PHE C 196 15.81 16.64 32.29
N GLY C 197 16.75 17.28 32.97
CA GLY C 197 17.45 18.43 32.40
C GLY C 197 17.47 19.64 33.31
N THR C 198 17.76 20.80 32.74
CA THR C 198 17.90 22.03 33.52
C THR C 198 16.55 22.66 33.87
N ARG C 199 16.56 23.57 34.84
CA ARG C 199 15.34 24.25 35.23
C ARG C 199 14.83 25.16 34.10
N ASP C 200 15.73 25.65 33.26
CA ASP C 200 15.34 26.33 32.02
C ASP C 200 14.58 25.39 31.08
N ASP C 201 14.97 24.11 31.08
CA ASP C 201 14.33 23.08 30.25
C ASP C 201 12.92 22.78 30.75
N PHE C 202 12.78 22.65 32.07
CA PHE C 202 11.47 22.43 32.68
C PHE C 202 10.49 23.58 32.42
N ARG C 203 11.02 24.81 32.38
CA ARG C 203 10.24 25.97 32.02
C ARG C 203 9.78 25.85 30.56
N TYR C 204 10.69 25.42 29.68
CA TYR C 204 10.39 25.20 28.26
C TYR C 204 9.24 24.20 28.12
N PHE C 205 9.24 23.17 28.97
CA PHE C 205 8.16 22.18 29.05
C PHE C 205 6.82 22.83 29.38
N ILE C 206 6.77 23.56 30.49
CA ILE C 206 5.58 24.32 30.88
C ILE C 206 5.14 25.28 29.78
N ASP C 207 6.10 25.93 29.11
CA ASP C 207 5.82 26.83 27.99
C ASP C 207 5.20 26.07 26.81
N ALA C 208 5.72 24.88 26.53
CA ALA C 208 5.17 24.04 25.47
C ALA C 208 3.73 23.61 25.77
N ALA C 209 3.43 23.43 27.05
CA ALA C 209 2.12 22.95 27.47
C ALA C 209 1.08 24.06 27.34
N HIS C 210 1.44 25.26 27.78
CA HIS C 210 0.60 26.43 27.53
C HIS C 210 0.41 26.62 26.02
N ALA C 211 1.52 26.71 25.27
CA ALA C 211 1.47 26.92 23.82
C ALA C 211 0.48 26.02 23.08
N ALA C 212 0.31 24.80 23.58
CA ALA C 212 -0.61 23.85 22.96
C ALA C 212 -1.99 23.92 23.62
N GLY C 213 -2.20 24.95 24.44
CA GLY C 213 -3.47 25.19 25.10
C GLY C 213 -3.80 24.23 26.22
N LEU C 214 -2.81 23.87 27.03
CA LEU C 214 -3.05 23.06 28.22
C LEU C 214 -2.75 23.85 29.49
N ASN C 215 -3.48 23.56 30.56
CA ASN C 215 -3.09 24.00 31.89
C ASN C 215 -2.22 22.93 32.56
N VAL C 216 -1.30 23.36 33.40
CA VAL C 216 -0.44 22.43 34.13
C VAL C 216 -0.67 22.53 35.64
N ILE C 217 -1.20 21.45 36.22
CA ILE C 217 -1.29 21.33 37.67
C ILE C 217 -0.05 20.66 38.24
N LEU C 218 0.61 21.33 39.19
CA LEU C 218 1.76 20.74 39.84
C LEU C 218 1.36 20.19 41.21
N ASP C 219 1.70 18.92 41.46
CA ASP C 219 1.61 18.39 42.83
C ASP C 219 2.59 19.18 43.70
N TRP C 220 2.15 19.52 44.89
CA TRP C 220 2.90 20.41 45.75
C TRP C 220 2.81 19.86 47.17
N VAL C 221 3.96 19.82 47.86
CA VAL C 221 4.03 19.08 49.13
C VAL C 221 4.59 19.87 50.30
N PRO C 222 3.75 20.75 50.88
CA PRO C 222 4.08 21.44 52.12
C PRO C 222 3.81 20.56 53.33
N GLY C 223 3.27 19.37 53.08
CA GLY C 223 2.89 18.44 54.14
C GLY C 223 3.88 17.30 54.33
N HIS C 224 4.86 17.21 53.44
CA HIS C 224 5.86 16.13 53.51
C HIS C 224 7.27 16.67 53.81
N PHE C 225 7.72 16.43 55.03
CA PHE C 225 9.04 16.88 55.47
C PHE C 225 10.17 16.03 54.88
N PRO C 226 11.28 16.67 54.47
CA PRO C 226 12.46 16.09 53.80
C PRO C 226 13.01 14.76 54.33
N THR C 227 13.20 14.65 55.65
CA THR C 227 13.89 13.51 56.30
C THR C 227 15.21 13.09 55.66
N ASP C 228 15.18 12.81 54.36
CA ASP C 228 16.33 12.29 53.63
C ASP C 228 17.52 13.27 53.54
N ASP C 229 18.71 12.75 53.82
CA ASP C 229 19.98 13.49 53.65
C ASP C 229 20.21 14.70 54.58
N PHE C 230 19.54 14.70 55.73
CA PHE C 230 19.69 15.80 56.68
C PHE C 230 19.74 17.14 55.95
N ALA C 231 18.82 17.32 55.00
CA ALA C 231 18.79 18.51 54.13
C ALA C 231 18.13 19.74 54.76
N LEU C 232 17.01 19.51 55.46
CA LEU C 232 16.30 20.59 56.12
C LEU C 232 16.10 20.27 57.61
N ALA C 233 16.28 18.98 57.95
CA ALA C 233 16.16 18.52 59.33
C ALA C 233 17.33 19.00 60.17
N GLU C 234 17.04 19.51 61.37
CA GLU C 234 18.05 20.00 62.29
C GLU C 234 18.91 21.12 61.67
N PHE C 235 18.52 21.56 60.47
CA PHE C 235 19.25 22.62 59.76
C PHE C 235 19.50 23.83 60.66
N ASP C 236 20.77 24.20 60.81
CA ASP C 236 21.18 25.38 61.58
C ASP C 236 21.76 25.02 62.96
N GLY C 237 21.07 24.15 63.69
CA GLY C 237 21.49 23.77 65.04
C GLY C 237 20.38 23.02 65.77
N THR C 238 19.53 23.76 66.46
CA THR C 238 18.38 23.17 67.14
C THR C 238 17.28 22.88 66.13
N ASN C 239 16.18 22.30 66.59
CA ASN C 239 15.06 21.94 65.72
C ASN C 239 14.53 23.14 64.93
N LEU C 240 15.17 23.45 63.81
CA LEU C 240 14.72 24.55 62.96
C LEU C 240 14.08 24.00 61.69
N TYR C 241 12.88 24.51 61.39
CA TYR C 241 12.03 24.01 60.30
C TYR C 241 11.14 22.85 60.78
N GLU C 242 11.56 22.17 61.85
CA GLU C 242 10.79 21.04 62.38
C GLU C 242 10.37 21.24 63.85
N HIS C 243 9.31 20.54 64.26
CA HIS C 243 8.75 20.65 65.60
C HIS C 243 8.62 19.26 66.25
N SER C 244 9.57 18.94 67.14
CA SER C 244 9.61 17.62 67.79
C SER C 244 10.63 17.54 68.92
N LEU C 257 7.73 14.59 63.51
CA LEU C 257 8.33 14.45 62.18
C LEU C 257 7.77 15.51 61.20
N ILE C 258 6.98 16.44 61.70
CA ILE C 258 6.31 17.45 60.85
C ILE C 258 7.04 18.80 60.74
N TYR C 259 6.29 19.84 60.38
CA TYR C 259 6.88 21.12 60.00
C TYR C 259 6.91 22.20 61.08
N ASN C 260 5.76 22.48 61.69
CA ASN C 260 5.60 23.68 62.52
C ASN C 260 5.40 24.89 61.64
N TYR C 261 4.18 25.04 61.14
CA TYR C 261 3.82 26.17 60.30
C TYR C 261 3.44 27.34 61.19
N GLY C 262 3.58 27.14 62.50
CA GLY C 262 3.38 28.20 63.47
C GLY C 262 4.50 29.24 63.43
N ARG C 263 5.71 28.77 63.12
CA ARG C 263 6.87 29.66 62.99
C ARG C 263 6.71 30.54 61.75
N ARG C 264 6.87 31.84 61.94
CA ARG C 264 6.50 32.83 60.92
C ARG C 264 7.39 32.82 59.67
N GLU C 265 8.62 32.31 59.80
CA GLU C 265 9.53 32.19 58.66
C GLU C 265 9.36 30.88 57.90
N VAL C 266 8.97 29.82 58.61
CA VAL C 266 8.75 28.51 58.00
C VAL C 266 7.53 28.60 57.08
N SER C 267 6.53 29.37 57.50
CA SER C 267 5.36 29.62 56.67
C SER C 267 5.76 30.36 55.41
N ASN C 268 6.48 31.46 55.57
CA ASN C 268 6.93 32.25 54.42
C ASN C 268 7.67 31.40 53.41
N PHE C 269 8.52 30.51 53.90
CA PHE C 269 9.25 29.56 53.07
C PHE C 269 8.30 28.73 52.20
N LEU C 270 7.32 28.11 52.83
CA LEU C 270 6.40 27.23 52.13
C LEU C 270 5.47 28.01 51.20
N VAL C 271 4.85 29.06 51.72
CA VAL C 271 3.90 29.85 50.96
C VAL C 271 4.57 30.56 49.79
N GLY C 272 5.79 31.02 50.02
CA GLY C 272 6.60 31.62 48.96
C GLY C 272 6.92 30.59 47.89
N ASN C 273 6.98 29.32 48.29
CA ASN C 273 7.27 28.24 47.36
C ASN C 273 6.03 27.88 46.52
N ALA C 274 4.85 28.18 47.06
CA ALA C 274 3.63 28.09 46.27
C ALA C 274 3.61 29.23 45.25
N LEU C 275 4.04 30.42 45.70
CA LEU C 275 4.12 31.59 44.82
C LEU C 275 5.21 31.46 43.75
N TYR C 276 6.32 30.85 44.14
CA TYR C 276 7.47 30.63 43.26
C TYR C 276 7.09 29.82 42.03
N TRP C 277 6.37 28.72 42.24
CA TRP C 277 5.99 27.88 41.11
C TRP C 277 5.04 28.61 40.18
N ILE C 278 3.97 29.18 40.74
CA ILE C 278 2.96 29.88 39.95
C ILE C 278 3.55 31.09 39.21
N GLU C 279 4.28 31.94 39.93
CA GLU C 279 4.74 33.22 39.40
C GLU C 279 5.97 33.11 38.51
N ARG C 280 6.88 32.20 38.84
CA ARG C 280 8.15 32.09 38.13
C ARG C 280 8.16 30.98 37.10
N PHE C 281 7.27 30.00 37.22
CA PHE C 281 7.20 28.94 36.21
C PHE C 281 5.89 28.94 35.42
N GLY C 282 4.84 29.50 36.00
CA GLY C 282 3.56 29.60 35.33
C GLY C 282 2.74 28.32 35.40
N ILE C 283 2.98 27.49 36.42
CA ILE C 283 2.11 26.34 36.63
C ILE C 283 0.76 26.92 37.09
N ASP C 284 -0.34 26.34 36.62
CA ASP C 284 -1.62 27.03 36.71
C ASP C 284 -2.44 26.65 37.93
N ALA C 285 -1.98 25.63 38.66
CA ALA C 285 -2.73 25.11 39.81
C ALA C 285 -1.86 24.18 40.65
N LEU C 286 -2.15 24.13 41.94
CA LEU C 286 -1.39 23.29 42.86
C LEU C 286 -2.32 22.28 43.52
N ARG C 287 -1.86 21.04 43.65
CA ARG C 287 -2.60 20.04 44.40
C ARG C 287 -1.80 19.66 45.65
N VAL C 288 -2.48 19.60 46.78
CA VAL C 288 -1.87 19.08 48.01
C VAL C 288 -2.43 17.71 48.40
N ASP C 289 -1.58 16.69 48.35
CA ASP C 289 -1.94 15.35 48.81
C ASP C 289 -1.74 15.23 50.31
N ALA C 290 -2.16 14.10 50.89
CA ALA C 290 -1.96 13.82 52.30
C ALA C 290 -2.27 15.03 53.18
N VAL C 291 -3.51 15.51 53.07
CA VAL C 291 -3.96 16.67 53.84
C VAL C 291 -4.24 16.26 55.27
N ALA C 292 -4.79 15.05 55.45
CA ALA C 292 -5.03 14.52 56.78
C ALA C 292 -3.72 14.27 57.53
N SER C 293 -2.64 14.10 56.78
CA SER C 293 -1.31 13.94 57.37
C SER C 293 -0.88 15.20 58.13
N MET C 294 -1.14 16.35 57.52
CA MET C 294 -0.77 17.63 58.09
C MET C 294 -1.62 17.95 59.33
N ILE C 295 -2.87 17.51 59.31
CA ILE C 295 -3.84 17.88 60.35
C ILE C 295 -4.10 16.83 61.45
N TYR C 296 -3.48 15.65 61.34
CA TYR C 296 -3.62 14.60 62.37
C TYR C 296 -2.28 13.96 62.73
N ARG C 314 -7.61 14.98 68.96
CA ARG C 314 -7.54 16.41 68.77
C ARG C 314 -7.12 16.74 67.33
N GLU C 315 -7.09 18.03 66.98
CA GLU C 315 -6.74 18.47 65.63
C GLU C 315 -5.62 19.51 65.65
N ASN C 316 -4.79 19.50 64.60
CA ASN C 316 -3.69 20.45 64.47
C ASN C 316 -4.17 21.85 64.03
N LEU C 317 -4.23 22.78 64.98
CA LEU C 317 -4.69 24.15 64.73
C LEU C 317 -3.74 24.93 63.81
N GLU C 318 -2.44 24.79 64.07
CA GLU C 318 -1.41 25.51 63.34
C GLU C 318 -1.36 25.13 61.85
N ALA C 319 -1.71 23.88 61.54
CA ALA C 319 -1.69 23.41 60.16
C ALA C 319 -2.95 23.83 59.41
N ILE C 320 -4.07 23.86 60.12
CA ILE C 320 -5.34 24.30 59.54
C ILE C 320 -5.31 25.80 59.32
N GLU C 321 -4.53 26.50 60.14
CA GLU C 321 -4.32 27.92 59.95
C GLU C 321 -3.38 28.13 58.75
N PHE C 322 -2.42 27.22 58.59
CA PHE C 322 -1.49 27.29 57.47
C PHE C 322 -2.21 27.11 56.13
N LEU C 323 -3.23 26.26 56.09
CA LEU C 323 -3.96 26.01 54.85
C LEU C 323 -4.98 27.11 54.53
N ARG C 324 -5.69 27.59 55.55
CA ARG C 324 -6.56 28.75 55.38
C ARG C 324 -5.73 29.92 54.90
N ASN C 325 -4.65 30.19 55.61
CA ASN C 325 -3.82 31.34 55.34
C ASN C 325 -3.21 31.27 53.93
N THR C 326 -2.66 30.10 53.60
CA THR C 326 -2.04 29.85 52.29
C THR C 326 -3.02 30.03 51.11
N ASN C 327 -4.26 29.60 51.30
CA ASN C 327 -5.28 29.76 50.25
C ASN C 327 -5.72 31.21 50.07
N ARG C 328 -5.81 31.94 51.18
CA ARG C 328 -6.20 33.34 51.14
C ARG C 328 -5.17 34.18 50.39
N ILE C 329 -3.89 33.92 50.65
CA ILE C 329 -2.78 34.62 50.00
C ILE C 329 -2.67 34.30 48.51
N LEU C 330 -2.70 33.01 48.16
CA LEU C 330 -2.80 32.60 46.75
C LEU C 330 -4.02 33.24 46.10
N GLY C 331 -5.15 33.18 46.81
CA GLY C 331 -6.40 33.75 46.33
C GLY C 331 -6.33 35.25 46.11
N GLU C 332 -5.33 35.89 46.70
CA GLU C 332 -5.14 37.33 46.56
C GLU C 332 -4.00 37.70 45.63
N GLN C 333 -2.88 36.99 45.73
CA GLN C 333 -1.67 37.33 44.97
C GLN C 333 -1.70 36.80 43.54
N VAL C 334 -2.27 35.62 43.38
CA VAL C 334 -2.27 34.93 42.10
C VAL C 334 -3.66 34.39 41.79
N SER C 335 -4.67 35.25 41.82
CA SER C 335 -6.03 34.78 41.59
C SER C 335 -6.19 34.34 40.14
N GLY C 336 -7.05 33.36 39.93
CA GLY C 336 -7.11 32.67 38.65
C GLY C 336 -6.35 31.35 38.71
N ALA C 337 -5.38 31.26 39.62
CA ALA C 337 -4.68 30.01 39.90
C ALA C 337 -5.37 29.31 41.06
N VAL C 338 -5.82 28.07 40.84
CA VAL C 338 -6.56 27.30 41.86
C VAL C 338 -5.73 26.28 42.66
N THR C 339 -6.22 25.96 43.85
CA THR C 339 -5.64 24.89 44.66
C THR C 339 -6.61 23.73 44.83
N MET C 340 -6.05 22.53 44.91
CA MET C 340 -6.84 21.32 45.13
C MET C 340 -6.27 20.54 46.32
N ALA C 341 -7.08 19.66 46.88
CA ALA C 341 -6.67 18.89 48.04
C ALA C 341 -7.20 17.47 48.00
N GLU C 342 -6.42 16.55 48.55
CA GLU C 342 -6.88 15.19 48.77
C GLU C 342 -6.91 14.98 50.28
N GLU C 343 -8.11 14.74 50.80
CA GLU C 343 -8.32 14.66 52.23
C GLU C 343 -8.84 13.28 52.63
N SER C 344 -8.05 12.59 53.44
CA SER C 344 -8.21 11.15 53.69
C SER C 344 -9.44 10.79 54.55
N THR C 345 -9.72 11.58 55.58
CA THR C 345 -10.95 11.40 56.36
C THR C 345 -12.09 12.19 55.71
N ASP C 346 -13.16 12.44 56.45
CA ASP C 346 -14.28 13.24 55.93
C ASP C 346 -14.33 14.65 56.57
N PHE C 347 -13.20 15.36 56.52
CA PHE C 347 -13.06 16.70 57.12
C PHE C 347 -13.94 17.75 56.43
N PRO C 348 -14.78 18.44 57.23
CA PRO C 348 -15.80 19.38 56.72
C PRO C 348 -15.25 20.61 55.98
N GLY C 349 -15.79 20.86 54.80
CA GLY C 349 -15.60 22.12 54.08
C GLY C 349 -14.21 22.36 53.54
N VAL C 350 -13.54 21.30 53.13
CA VAL C 350 -12.18 21.43 52.59
C VAL C 350 -12.13 22.40 51.42
N SER C 351 -13.10 22.29 50.50
CA SER C 351 -13.17 23.16 49.34
C SER C 351 -14.20 24.30 49.50
N ARG C 352 -14.35 24.78 50.74
CA ARG C 352 -15.27 25.87 51.04
C ARG C 352 -14.51 27.08 51.64
N PRO C 353 -15.12 28.28 51.57
CA PRO C 353 -14.53 29.53 52.06
C PRO C 353 -14.01 29.49 53.51
N GLN C 354 -12.95 30.26 53.76
CA GLN C 354 -12.32 30.33 55.07
C GLN C 354 -13.28 30.68 56.21
N ASP C 355 -14.22 31.58 55.93
CA ASP C 355 -15.18 32.03 56.95
C ASP C 355 -16.05 30.90 57.52
N MET C 356 -16.58 30.07 56.62
CA MET C 356 -17.43 28.95 57.02
C MET C 356 -16.57 27.75 57.45
N GLY C 357 -16.66 26.67 56.67
CA GLY C 357 -15.89 25.45 56.94
C GLY C 357 -14.39 25.62 56.97
N GLY C 358 -13.89 26.66 56.28
CA GLY C 358 -12.46 26.96 56.28
C GLY C 358 -11.65 26.18 55.26
N LEU C 359 -10.35 26.08 55.49
CA LEU C 359 -9.45 25.41 54.55
C LEU C 359 -9.28 26.24 53.28
N GLY C 360 -10.38 26.47 52.58
CA GLY C 360 -10.41 27.42 51.47
C GLY C 360 -9.90 26.97 50.11
N PHE C 361 -9.71 25.66 49.92
CA PHE C 361 -9.31 25.13 48.60
C PHE C 361 -10.42 25.39 47.58
N TRP C 362 -10.09 25.23 46.31
CA TRP C 362 -11.09 25.36 45.24
C TRP C 362 -11.69 24.02 44.84
N TYR C 363 -10.85 22.98 44.82
CA TYR C 363 -11.33 21.66 44.45
C TYR C 363 -10.93 20.57 45.45
N LYS C 364 -11.75 19.51 45.52
CA LYS C 364 -11.52 18.42 46.45
C LYS C 364 -11.72 17.08 45.74
N TRP C 365 -10.72 16.21 45.82
CA TRP C 365 -10.82 14.85 45.28
C TRP C 365 -11.96 14.06 45.94
N ASN C 366 -12.82 13.50 45.10
CA ASN C 366 -13.92 12.66 45.58
C ASN C 366 -13.41 11.24 45.86
N LEU C 367 -12.87 11.04 47.07
CA LEU C 367 -12.36 9.73 47.45
C LEU C 367 -13.52 8.75 47.57
N GLY C 368 -14.58 9.18 48.25
CA GLY C 368 -15.77 8.35 48.44
C GLY C 368 -16.34 7.79 47.13
N TRP C 369 -16.58 8.67 46.17
CA TRP C 369 -17.11 8.26 44.87
C TRP C 369 -16.23 7.17 44.24
N MET C 370 -14.91 7.38 44.27
CA MET C 370 -13.95 6.40 43.76
C MET C 370 -14.09 5.06 44.47
N HIS C 371 -14.26 5.09 45.79
CA HIS C 371 -14.44 3.87 46.58
C HIS C 371 -15.75 3.14 46.29
N ASP C 372 -16.86 3.86 46.23
CA ASP C 372 -18.18 3.24 46.03
C ASP C 372 -18.30 2.60 44.66
N THR C 373 -17.96 3.38 43.63
CA THR C 373 -18.18 2.98 42.25
C THR C 373 -17.18 1.91 41.78
N LEU C 374 -16.00 1.91 42.40
CA LEU C 374 -14.98 0.90 42.11
C LEU C 374 -15.27 -0.37 42.92
N ASP C 375 -16.01 -0.21 44.02
CA ASP C 375 -16.56 -1.34 44.76
C ASP C 375 -17.77 -1.88 44.02
N TYR C 376 -18.46 -1.00 43.29
CA TYR C 376 -19.60 -1.40 42.49
C TYR C 376 -19.13 -2.17 41.27
N MET C 377 -18.06 -1.68 40.65
CA MET C 377 -17.56 -2.27 39.40
C MET C 377 -16.82 -3.60 39.56
N LYS C 378 -16.25 -3.87 40.73
CA LYS C 378 -15.60 -5.15 40.97
C LYS C 378 -16.62 -6.28 41.07
N LEU C 379 -17.77 -5.96 41.65
CA LEU C 379 -18.85 -6.91 41.83
C LEU C 379 -19.23 -7.59 40.52
N ASP C 380 -19.35 -8.92 40.56
CA ASP C 380 -19.82 -9.72 39.42
C ASP C 380 -21.18 -9.17 38.92
N PRO C 381 -21.31 -8.90 37.60
CA PRO C 381 -22.48 -8.24 37.05
C PRO C 381 -23.82 -8.71 37.61
N VAL C 382 -23.79 -9.76 38.44
CA VAL C 382 -25.01 -10.39 38.95
C VAL C 382 -25.38 -10.00 40.40
N TYR C 383 -24.41 -9.50 41.16
CA TYR C 383 -24.65 -9.02 42.53
C TYR C 383 -24.85 -7.49 42.57
N ARG C 384 -24.85 -6.85 41.41
CA ARG C 384 -24.95 -5.40 41.32
C ARG C 384 -26.34 -4.87 41.71
N GLN C 385 -27.32 -5.77 41.73
CA GLN C 385 -28.67 -5.39 42.09
C GLN C 385 -28.77 -4.87 43.53
N TYR C 386 -28.04 -5.52 44.44
CA TYR C 386 -28.16 -5.25 45.88
C TYR C 386 -27.27 -4.12 46.40
N HIS C 387 -26.25 -3.78 45.63
CA HIS C 387 -25.37 -2.67 45.99
C HIS C 387 -25.54 -1.53 45.00
N HIS C 388 -26.80 -1.30 44.62
CA HIS C 388 -27.18 -0.23 43.69
C HIS C 388 -26.98 1.13 44.37
N ASP C 389 -27.12 1.13 45.70
CA ASP C 389 -26.98 2.32 46.52
C ASP C 389 -25.54 2.86 46.56
N LYS C 390 -24.68 2.35 45.67
CA LYS C 390 -23.29 2.81 45.60
C LYS C 390 -23.10 3.83 44.47
N LEU C 391 -23.91 3.70 43.41
CA LEU C 391 -23.84 4.59 42.25
C LEU C 391 -24.71 5.83 42.43
N THR C 392 -25.66 5.74 43.36
CA THR C 392 -26.61 6.82 43.61
C THR C 392 -26.29 7.61 44.88
N PHE C 393 -25.36 7.10 45.69
CA PHE C 393 -24.99 7.77 46.95
C PHE C 393 -24.12 9.00 46.69
N GLY C 394 -23.22 8.90 45.70
CA GLY C 394 -22.31 9.99 45.37
C GLY C 394 -22.94 11.37 45.22
N ILE C 395 -24.18 11.43 44.75
CA ILE C 395 -24.86 12.69 44.46
C ILE C 395 -25.62 13.28 45.67
N LEU C 396 -25.79 12.48 46.72
CA LEU C 396 -26.43 12.95 47.94
C LEU C 396 -25.55 13.91 48.75
N TYR C 397 -24.24 13.88 48.49
CA TYR C 397 -23.31 14.78 49.17
C TYR C 397 -22.48 15.61 48.18
N ASN C 398 -22.84 15.54 46.90
CA ASN C 398 -22.06 16.18 45.83
C ASN C 398 -21.99 17.71 45.93
N TYR C 399 -22.97 18.32 46.59
CA TYR C 399 -23.00 19.77 46.72
C TYR C 399 -22.44 20.25 48.05
N THR C 400 -21.66 19.39 48.70
CA THR C 400 -20.99 19.75 49.95
C THR C 400 -19.55 20.20 49.70
N GLU C 401 -18.98 19.76 48.57
CA GLU C 401 -17.65 20.18 48.10
C GLU C 401 -17.69 20.48 46.61
N ASN C 402 -16.58 20.98 46.07
CA ASN C 402 -16.37 21.03 44.62
C ASN C 402 -15.50 19.85 44.21
N PHE C 403 -16.12 18.79 43.69
CA PHE C 403 -15.43 17.51 43.54
C PHE C 403 -14.67 17.26 42.22
N VAL C 404 -13.48 16.67 42.37
CA VAL C 404 -12.76 16.06 41.28
C VAL C 404 -12.99 14.55 41.38
N LEU C 405 -13.33 13.92 40.27
CA LEU C 405 -13.50 12.47 40.23
C LEU C 405 -12.17 11.84 39.83
N PRO C 406 -11.47 11.22 40.80
CA PRO C 406 -10.10 10.81 40.56
C PRO C 406 -9.86 9.31 40.42
N LEU C 407 -9.46 8.88 39.22
CA LEU C 407 -8.79 7.60 39.05
C LEU C 407 -7.28 7.83 39.11
N SER C 408 -6.73 7.82 40.33
CA SER C 408 -5.37 8.27 40.56
C SER C 408 -4.33 7.16 40.48
N HIS C 409 -3.06 7.56 40.62
CA HIS C 409 -1.92 6.66 40.68
C HIS C 409 -1.98 5.78 41.93
N ASP C 410 -2.47 6.37 43.02
CA ASP C 410 -2.53 5.71 44.32
C ASP C 410 -3.42 4.47 44.30
N GLU C 411 -4.32 4.40 43.33
CA GLU C 411 -5.25 3.28 43.25
C GLU C 411 -4.77 2.13 42.35
N VAL C 412 -3.69 2.36 41.60
CA VAL C 412 -3.09 1.29 40.77
C VAL C 412 -1.67 0.88 41.23
N VAL C 413 -1.47 0.80 42.54
CA VAL C 413 -0.16 0.44 43.12
C VAL C 413 -0.27 -0.56 44.27
N HIS C 414 0.89 -0.87 44.87
CA HIS C 414 0.95 -1.80 46.00
C HIS C 414 -0.06 -2.94 45.87
N GLY C 415 0.17 -3.82 44.89
CA GLY C 415 -0.67 -4.98 44.65
C GLY C 415 -2.16 -4.69 44.78
N LYS C 416 -2.62 -3.59 44.19
CA LYS C 416 -4.04 -3.26 44.20
C LYS C 416 -4.73 -3.52 42.86
N LYS C 417 -3.98 -4.08 41.91
CA LYS C 417 -4.51 -4.42 40.60
C LYS C 417 -4.82 -3.16 39.81
N SER C 418 -4.59 -3.21 38.50
CA SER C 418 -4.93 -2.09 37.64
C SER C 418 -6.42 -1.75 37.76
N ILE C 419 -6.83 -0.69 37.09
CA ILE C 419 -8.26 -0.36 37.04
C ILE C 419 -8.98 -1.48 36.29
N LEU C 420 -8.37 -1.93 35.20
CA LEU C 420 -8.96 -2.95 34.33
C LEU C 420 -9.04 -4.34 34.98
N ASP C 421 -8.02 -4.68 35.76
CA ASP C 421 -8.00 -5.96 36.48
C ASP C 421 -8.94 -5.98 37.67
N ARG C 422 -9.61 -4.87 37.93
CA ARG C 422 -10.71 -4.84 38.90
C ARG C 422 -12.03 -5.32 38.28
N MET C 423 -12.10 -5.24 36.95
CA MET C 423 -13.31 -5.59 36.21
C MET C 423 -13.53 -7.10 36.17
N PRO C 424 -14.81 -7.51 36.29
CA PRO C 424 -15.18 -8.93 36.32
C PRO C 424 -15.60 -9.46 34.94
N GLY C 425 -15.44 -10.77 34.73
CA GLY C 425 -15.85 -11.42 33.49
C GLY C 425 -14.72 -11.81 32.56
N ASP C 426 -15.07 -12.29 31.38
CA ASP C 426 -14.09 -12.67 30.36
C ASP C 426 -13.41 -11.45 29.73
N ALA C 427 -12.93 -11.60 28.49
CA ALA C 427 -12.21 -10.51 27.82
C ALA C 427 -13.15 -9.39 27.38
N TRP C 428 -14.17 -9.73 26.59
CA TRP C 428 -15.11 -8.72 26.09
C TRP C 428 -15.78 -7.95 27.23
N GLN C 429 -16.20 -8.69 28.27
CA GLN C 429 -16.89 -8.12 29.44
C GLN C 429 -16.04 -7.26 30.37
N LYS C 430 -14.79 -7.67 30.61
CA LYS C 430 -13.88 -6.85 31.41
C LYS C 430 -13.80 -5.45 30.82
N PHE C 431 -13.54 -5.40 29.51
CA PHE C 431 -13.36 -4.13 28.79
C PHE C 431 -14.68 -3.36 28.59
N ALA C 432 -15.78 -4.09 28.41
CA ALA C 432 -17.10 -3.45 28.35
C ALA C 432 -17.40 -2.74 29.66
N ASN C 433 -17.14 -3.43 30.77
CA ASN C 433 -17.23 -2.83 32.09
C ASN C 433 -16.40 -1.56 32.16
N LEU C 434 -15.11 -1.66 31.84
CA LEU C 434 -14.21 -0.51 31.89
C LEU C 434 -14.78 0.68 31.13
N ARG C 435 -15.23 0.42 29.90
CA ARG C 435 -15.73 1.47 29.02
C ARG C 435 -17.04 2.09 29.53
N ALA C 436 -17.95 1.25 30.04
CA ALA C 436 -19.21 1.71 30.61
C ALA C 436 -18.96 2.52 31.88
N TYR C 437 -17.82 2.26 32.50
CA TYR C 437 -17.41 2.96 33.71
C TYR C 437 -16.95 4.39 33.38
N TYR C 438 -16.07 4.53 32.40
CA TYR C 438 -15.58 5.83 31.97
C TYR C 438 -16.70 6.69 31.39
N GLY C 439 -17.70 6.02 30.80
CA GLY C 439 -18.85 6.72 30.22
C GLY C 439 -19.70 7.31 31.31
N TRP C 440 -19.93 6.51 32.35
CA TRP C 440 -20.67 6.95 33.52
C TRP C 440 -19.93 8.09 34.24
N MET C 441 -18.59 7.96 34.32
CA MET C 441 -17.71 8.90 35.05
C MET C 441 -17.61 10.30 34.44
N TRP C 442 -17.52 10.36 33.11
CA TRP C 442 -17.43 11.61 32.35
C TRP C 442 -18.74 12.38 32.35
N ALA C 443 -19.81 11.71 32.78
CA ALA C 443 -21.15 12.30 32.81
C ALA C 443 -21.52 12.70 34.23
N PHE C 444 -21.00 11.94 35.19
CA PHE C 444 -21.32 12.14 36.61
C PHE C 444 -20.77 13.46 37.12
N PRO C 445 -21.62 14.25 37.81
CA PRO C 445 -21.22 15.59 38.26
C PRO C 445 -19.85 15.60 38.91
N GLY C 446 -19.00 16.51 38.46
CA GLY C 446 -17.63 16.63 38.94
C GLY C 446 -16.63 16.66 37.79
N LYS C 447 -15.46 17.23 38.07
CA LYS C 447 -14.37 17.30 37.09
C LYS C 447 -13.66 15.94 36.97
N LYS C 448 -12.83 15.79 35.95
CA LYS C 448 -12.22 14.50 35.65
C LYS C 448 -10.69 14.47 35.82
N LEU C 449 -10.19 13.48 36.56
CA LEU C 449 -8.75 13.19 36.61
C LEU C 449 -8.52 11.71 36.29
N LEU C 450 -7.52 11.43 35.43
CA LEU C 450 -7.25 10.07 34.97
C LEU C 450 -5.75 9.81 34.95
N PHE C 451 -5.27 8.93 35.82
CA PHE C 451 -3.83 8.66 35.90
C PHE C 451 -3.30 7.91 34.66
N MET C 452 -2.18 8.40 34.14
CA MET C 452 -1.59 7.84 32.92
C MET C 452 -1.62 6.31 32.91
N GLY C 453 -1.98 5.73 31.77
CA GLY C 453 -2.07 4.28 31.66
C GLY C 453 -3.49 3.77 31.77
N ASN C 454 -4.36 4.53 32.44
CA ASN C 454 -5.76 4.12 32.54
C ASN C 454 -6.47 4.34 31.20
N GLU C 455 -5.97 5.30 30.41
CA GLU C 455 -6.59 5.69 29.14
C GLU C 455 -6.46 4.65 28.02
N PHE C 456 -5.53 3.69 28.17
CA PHE C 456 -5.50 2.56 27.24
C PHE C 456 -5.67 1.23 27.99
N ALA C 457 -6.11 1.34 29.24
CA ALA C 457 -6.39 0.18 30.10
C ALA C 457 -5.20 -0.75 30.25
N GLN C 458 -4.15 -0.25 30.88
CA GLN C 458 -2.98 -1.08 31.15
C GLN C 458 -3.38 -2.31 31.97
N GLY C 459 -2.75 -3.45 31.65
CA GLY C 459 -2.98 -4.69 32.39
C GLY C 459 -2.35 -4.65 33.77
N ARG C 460 -1.02 -4.66 33.81
CA ARG C 460 -0.28 -4.59 35.07
C ARG C 460 -0.52 -3.27 35.79
N GLU C 461 -0.11 -3.20 37.06
CA GLU C 461 -0.20 -1.95 37.79
C GLU C 461 0.96 -1.05 37.38
N TRP C 462 1.04 0.13 37.98
CA TRP C 462 2.02 1.13 37.59
C TRP C 462 3.39 0.90 38.24
N ASN C 463 4.41 0.81 37.40
CA ASN C 463 5.80 0.66 37.83
C ASN C 463 6.58 1.95 37.57
N HIS C 464 6.92 2.66 38.64
CA HIS C 464 7.62 3.93 38.52
C HIS C 464 9.05 3.77 37.98
N ASP C 465 9.59 2.57 38.11
CA ASP C 465 10.95 2.26 37.65
C ASP C 465 10.97 1.92 36.17
N ALA C 466 9.82 1.56 35.63
CA ALA C 466 9.70 1.18 34.23
C ALA C 466 8.79 2.14 33.47
N SER C 467 8.73 1.97 32.15
CA SER C 467 7.81 2.71 31.31
C SER C 467 6.41 2.11 31.42
N LEU C 468 5.40 2.86 31.00
CA LEU C 468 4.08 2.30 30.79
C LEU C 468 4.17 1.19 29.73
N ASP C 469 3.11 0.41 29.58
CA ASP C 469 3.11 -0.66 28.60
C ASP C 469 2.53 -0.22 27.26
N TRP C 470 3.24 0.69 26.59
CA TRP C 470 2.80 1.18 25.28
C TRP C 470 2.82 0.10 24.21
N HIS C 471 3.44 -1.04 24.53
CA HIS C 471 3.50 -2.20 23.63
C HIS C 471 2.12 -2.83 23.42
N LEU C 472 1.24 -2.66 24.40
CA LEU C 472 -0.14 -3.10 24.27
C LEU C 472 -0.78 -2.47 23.03
N LEU C 473 -0.25 -1.32 22.60
CA LEU C 473 -0.81 -0.60 21.45
C LEU C 473 -0.10 -0.98 20.14
N GLU C 474 0.85 -1.90 20.21
CA GLU C 474 1.56 -2.39 19.02
C GLU C 474 0.69 -3.38 18.25
N GLY C 475 1.01 -3.56 16.97
CA GLY C 475 0.29 -4.50 16.10
C GLY C 475 -1.13 -4.08 15.75
N GLY C 476 -1.89 -5.04 15.22
CA GLY C 476 -3.29 -4.82 14.84
C GLY C 476 -4.12 -4.17 15.93
N ASP C 477 -5.16 -3.44 15.51
CA ASP C 477 -6.03 -2.75 16.44
C ASP C 477 -6.70 -3.71 17.43
N ASN C 478 -6.68 -3.36 18.72
CA ASN C 478 -7.22 -4.24 19.76
C ASN C 478 -8.07 -3.55 20.81
N TRP C 479 -8.36 -4.28 21.88
CA TRP C 479 -9.16 -3.77 23.01
C TRP C 479 -8.58 -2.51 23.65
N HIS C 480 -7.26 -2.39 23.66
CA HIS C 480 -6.58 -1.24 24.26
C HIS C 480 -6.65 0.05 23.41
N HIS C 481 -6.67 -0.10 22.10
CA HIS C 481 -6.89 1.03 21.18
C HIS C 481 -8.31 1.55 21.34
N GLY C 482 -9.24 0.63 21.64
CA GLY C 482 -10.64 0.96 21.82
C GLY C 482 -10.87 1.79 23.07
N VAL C 483 -10.26 1.36 24.18
CA VAL C 483 -10.31 2.15 25.42
C VAL C 483 -9.75 3.54 25.17
N GLN C 484 -8.63 3.61 24.47
CA GLN C 484 -7.94 4.87 24.21
C GLN C 484 -8.79 5.82 23.37
N ARG C 485 -9.33 5.30 22.27
CA ARG C 485 -10.14 6.07 21.35
C ARG C 485 -11.35 6.62 22.07
N LEU C 486 -11.94 5.80 22.94
CA LEU C 486 -13.10 6.21 23.72
C LEU C 486 -12.80 7.36 24.68
N VAL C 487 -11.72 7.25 25.45
CA VAL C 487 -11.31 8.30 26.39
C VAL C 487 -11.17 9.65 25.67
N ARG C 488 -10.58 9.61 24.48
CA ARG C 488 -10.50 10.80 23.60
C ARG C 488 -11.89 11.33 23.23
N ASP C 489 -12.74 10.46 22.67
CA ASP C 489 -14.15 10.81 22.36
C ASP C 489 -14.90 11.39 23.58
N LEU C 490 -14.75 10.76 24.75
CA LEU C 490 -15.34 11.29 26.00
C LEU C 490 -14.86 12.73 26.26
N ASN C 491 -13.54 12.90 26.42
CA ASN C 491 -12.94 14.23 26.49
C ASN C 491 -13.55 15.23 25.49
N LEU C 492 -13.42 14.93 24.20
CA LEU C 492 -13.85 15.88 23.16
C LEU C 492 -15.32 16.26 23.22
N THR C 493 -16.18 15.32 23.61
CA THR C 493 -17.62 15.56 23.67
C THR C 493 -18.03 16.17 25.00
N TYR C 494 -17.34 15.78 26.06
CA TYR C 494 -17.53 16.37 27.38
C TYR C 494 -17.28 17.87 27.32
N ARG C 495 -16.29 18.29 26.54
CA ARG C 495 -16.15 19.70 26.16
C ARG C 495 -16.92 19.82 24.85
N HIS C 496 -17.51 20.96 24.60
CA HIS C 496 -18.40 21.12 23.43
C HIS C 496 -19.87 21.10 23.81
N HIS C 497 -20.27 20.16 24.66
CA HIS C 497 -21.61 20.21 25.23
C HIS C 497 -21.52 20.80 26.63
N LYS C 498 -21.94 22.05 26.73
CA LYS C 498 -21.88 22.78 27.98
C LYS C 498 -22.63 22.02 29.08
N ALA C 499 -23.73 21.39 28.72
CA ALA C 499 -24.48 20.54 29.66
C ALA C 499 -23.59 19.60 30.51
N MET C 500 -22.54 19.07 29.91
CA MET C 500 -21.71 18.07 30.57
C MET C 500 -20.73 18.62 31.64
N HIS C 501 -20.57 19.94 31.67
CA HIS C 501 -19.53 20.52 32.54
C HIS C 501 -19.83 21.90 33.15
N GLU C 502 -20.96 22.51 32.77
CA GLU C 502 -21.26 23.89 33.19
C GLU C 502 -21.76 24.01 34.62
N LEU C 503 -22.63 23.08 35.04
CA LEU C 503 -23.34 23.20 36.31
C LEU C 503 -23.18 21.95 37.15
N ASP C 504 -21.92 21.54 37.37
CA ASP C 504 -21.62 20.38 38.19
C ASP C 504 -22.02 20.62 39.63
N PHE C 505 -21.81 21.85 40.11
CA PHE C 505 -21.95 22.15 41.53
C PHE C 505 -23.28 22.86 41.86
N ASP C 506 -24.13 22.96 40.85
CA ASP C 506 -25.49 23.47 41.01
C ASP C 506 -26.41 22.25 40.98
N PRO C 507 -27.52 22.27 41.75
CA PRO C 507 -28.48 21.17 41.66
C PRO C 507 -29.29 21.19 40.36
N TYR C 508 -29.34 22.34 39.68
CA TYR C 508 -30.03 22.47 38.40
C TYR C 508 -29.34 21.69 37.28
N GLY C 509 -28.04 21.43 37.43
CA GLY C 509 -27.28 20.69 36.43
C GLY C 509 -27.38 19.17 36.46
N PHE C 510 -28.10 18.61 37.43
CA PHE C 510 -28.27 17.15 37.51
C PHE C 510 -29.69 16.78 37.93
N GLU C 511 -30.26 15.75 37.28
CA GLU C 511 -31.55 15.20 37.71
C GLU C 511 -31.77 13.77 37.21
N TRP C 512 -32.13 12.88 38.14
CA TRP C 512 -32.43 11.49 37.80
C TRP C 512 -33.67 11.36 36.94
N LEU C 513 -33.61 10.46 35.95
CA LEU C 513 -34.80 10.00 35.26
C LEU C 513 -35.17 8.61 35.79
N VAL C 514 -34.15 7.80 36.05
CA VAL C 514 -34.33 6.41 36.49
C VAL C 514 -33.36 6.07 37.63
N VAL C 515 -33.78 6.37 38.84
CA VAL C 515 -32.91 6.17 40.01
C VAL C 515 -33.02 4.76 40.60
N ASP C 516 -34.24 4.24 40.73
CA ASP C 516 -34.45 2.96 41.43
C ASP C 516 -34.83 1.77 40.54
N ASP C 517 -33.96 1.45 39.58
CA ASP C 517 -34.11 0.23 38.78
C ASP C 517 -32.98 -0.75 39.14
N LYS C 518 -33.17 -1.43 40.26
CA LYS C 518 -32.17 -2.34 40.83
C LYS C 518 -32.11 -3.67 40.07
N GLU C 519 -33.27 -4.30 39.93
CA GLU C 519 -33.42 -5.57 39.20
C GLU C 519 -32.54 -5.63 37.94
N ARG C 520 -32.61 -4.60 37.11
CA ARG C 520 -31.90 -4.58 35.83
C ARG C 520 -30.65 -3.71 35.83
N SER C 521 -30.28 -3.20 37.00
CA SER C 521 -29.09 -2.37 37.17
C SER C 521 -28.94 -1.32 36.07
N VAL C 522 -30.03 -0.60 35.82
CA VAL C 522 -30.06 0.48 34.85
C VAL C 522 -30.16 1.80 35.59
N LEU C 523 -29.27 2.72 35.25
CA LEU C 523 -29.36 4.05 35.80
C LEU C 523 -29.38 5.06 34.66
N ILE C 524 -30.26 6.04 34.78
CA ILE C 524 -30.40 7.10 33.79
C ILE C 524 -30.57 8.45 34.48
N PHE C 525 -29.86 9.45 34.00
CA PHE C 525 -30.05 10.81 34.48
C PHE C 525 -29.87 11.82 33.35
N VAL C 526 -30.09 13.08 33.68
CA VAL C 526 -29.95 14.17 32.74
C VAL C 526 -28.89 15.17 33.23
N ARG C 527 -28.04 15.66 32.32
CA ARG C 527 -27.15 16.79 32.63
C ARG C 527 -27.66 18.02 31.88
N ARG C 528 -27.66 19.15 32.58
CA ARG C 528 -28.30 20.36 32.08
C ARG C 528 -27.35 21.56 32.14
N ASP C 529 -27.49 22.46 31.16
CA ASP C 529 -26.68 23.68 31.11
C ASP C 529 -27.50 24.90 31.57
N LYS C 530 -26.86 26.07 31.62
CA LYS C 530 -27.54 27.30 32.05
C LYS C 530 -28.81 27.56 31.23
N GLU C 531 -28.77 27.20 29.94
CA GLU C 531 -29.85 27.51 29.01
C GLU C 531 -31.07 26.55 29.10
N GLY C 532 -30.94 25.47 29.86
CA GLY C 532 -32.02 24.51 30.01
C GLY C 532 -31.84 23.23 29.20
N ASN C 533 -30.91 23.25 28.25
CA ASN C 533 -30.62 22.10 27.40
C ASN C 533 -30.06 20.96 28.25
N GLU C 534 -30.49 19.75 27.93
CA GLU C 534 -30.10 18.60 28.73
C GLU C 534 -29.72 17.46 27.82
N ILE C 535 -28.70 16.71 28.21
CA ILE C 535 -28.40 15.48 27.53
C ILE C 535 -28.70 14.31 28.47
N ILE C 536 -29.20 13.22 27.90
CA ILE C 536 -29.58 12.04 28.67
C ILE C 536 -28.42 11.04 28.76
N VAL C 537 -28.09 10.65 29.99
CA VAL C 537 -27.05 9.66 30.25
C VAL C 537 -27.74 8.39 30.74
N ALA C 538 -27.58 7.30 29.99
CA ALA C 538 -28.26 6.04 30.30
C ALA C 538 -27.28 4.88 30.37
N SER C 539 -27.21 4.25 31.54
CA SER C 539 -26.23 3.20 31.80
C SER C 539 -26.89 1.85 31.99
N ASN C 540 -26.26 0.83 31.42
CA ASN C 540 -26.69 -0.53 31.62
C ASN C 540 -25.53 -1.41 32.08
N PHE C 541 -25.38 -1.53 33.39
CA PHE C 541 -24.46 -2.48 33.98
C PHE C 541 -25.20 -3.81 34.05
N THR C 542 -24.60 -4.84 33.48
CA THR C 542 -25.32 -6.08 33.15
C THR C 542 -25.16 -6.31 31.66
N PRO C 543 -24.75 -7.53 31.29
CA PRO C 543 -24.49 -7.92 29.89
C PRO C 543 -25.75 -8.32 29.12
N VAL C 544 -26.91 -7.84 29.56
CA VAL C 544 -28.17 -8.15 28.89
C VAL C 544 -28.72 -6.93 28.15
N PRO C 545 -28.79 -7.00 26.81
CA PRO C 545 -29.34 -5.90 26.02
C PRO C 545 -30.81 -5.65 26.37
N ARG C 546 -31.12 -4.40 26.69
CA ARG C 546 -32.48 -4.04 27.08
C ARG C 546 -33.16 -3.34 25.92
N HIS C 547 -34.11 -4.03 25.30
CA HIS C 547 -34.86 -3.48 24.18
C HIS C 547 -36.16 -2.86 24.69
N ASP C 548 -36.67 -1.87 23.96
CA ASP C 548 -37.96 -1.26 24.28
C ASP C 548 -38.05 -0.74 25.72
N TYR C 549 -36.91 -0.31 26.24
CA TYR C 549 -36.80 0.21 27.60
C TYR C 549 -37.40 1.63 27.72
N ARG C 550 -38.58 1.72 28.33
CA ARG C 550 -39.30 2.98 28.42
C ARG C 550 -39.04 3.71 29.74
N PHE C 551 -38.72 4.99 29.64
CA PHE C 551 -38.55 5.85 30.81
C PHE C 551 -39.00 7.26 30.47
N GLY C 552 -39.38 8.02 31.50
CA GLY C 552 -39.91 9.37 31.31
C GLY C 552 -38.83 10.45 31.13
N ILE C 553 -39.15 11.44 30.30
CA ILE C 553 -38.21 12.53 30.02
C ILE C 553 -38.89 13.88 30.16
N ASN C 554 -38.10 14.94 30.26
CA ASN C 554 -38.62 16.28 30.52
C ASN C 554 -38.90 17.06 29.24
N GLN C 555 -38.20 16.70 28.15
CA GLN C 555 -38.26 17.47 26.90
C GLN C 555 -38.63 16.61 25.68
N PRO C 556 -39.90 16.67 25.25
CA PRO C 556 -40.33 15.93 24.05
C PRO C 556 -39.57 16.35 22.80
N GLY C 557 -39.57 15.48 21.79
CA GLY C 557 -38.89 15.78 20.52
C GLY C 557 -38.00 14.66 20.04
N LYS C 558 -36.99 15.03 19.24
CA LYS C 558 -36.06 14.07 18.66
C LYS C 558 -34.84 13.87 19.55
N TRP C 559 -34.40 12.63 19.71
CA TRP C 559 -33.21 12.35 20.50
C TRP C 559 -32.18 11.48 19.74
N ARG C 560 -30.90 11.72 19.99
CA ARG C 560 -29.82 11.13 19.19
C ARG C 560 -28.57 10.85 20.02
N GLU C 561 -28.04 9.64 19.90
CA GLU C 561 -26.77 9.31 20.55
C GLU C 561 -25.66 10.25 20.10
N ILE C 562 -24.91 10.80 21.04
CA ILE C 562 -23.67 11.49 20.71
C ILE C 562 -22.52 10.72 21.33
N LEU C 563 -22.86 9.65 22.04
CA LEU C 563 -21.88 8.78 22.70
C LEU C 563 -22.51 7.42 23.02
N ASN C 564 -21.81 6.36 22.60
CA ASN C 564 -22.19 4.98 22.82
C ASN C 564 -20.93 4.17 23.14
N THR C 565 -20.80 3.75 24.39
CA THR C 565 -19.62 3.01 24.83
C THR C 565 -19.53 1.63 24.17
N ASP C 566 -20.68 1.05 23.88
CA ASP C 566 -20.72 -0.25 23.23
C ASP C 566 -20.41 -0.16 21.72
N SER C 567 -20.13 1.03 21.23
CA SER C 567 -19.81 1.20 19.80
C SER C 567 -18.73 0.24 19.30
N MET C 568 -18.98 -0.31 18.13
CA MET C 568 -18.02 -1.13 17.42
C MET C 568 -16.64 -0.48 17.38
N HIS C 569 -16.62 0.84 17.20
N HIS C 569 -16.61 0.85 17.21
CA HIS C 569 -15.38 1.61 17.09
CA HIS C 569 -15.34 1.55 17.07
C HIS C 569 -14.49 1.45 18.32
C HIS C 569 -14.48 1.49 18.34
N TYR C 570 -15.09 1.11 19.45
CA TYR C 570 -14.35 0.88 20.70
C TYR C 570 -14.15 -0.62 21.01
N HIS C 571 -14.55 -1.47 20.07
CA HIS C 571 -14.53 -2.95 20.26
C HIS C 571 -15.65 -3.44 21.18
N GLY C 572 -16.83 -2.88 20.98
CA GLY C 572 -18.04 -3.35 21.65
C GLY C 572 -18.95 -4.07 20.67
N SER C 573 -20.12 -4.45 21.16
CA SER C 573 -21.13 -5.20 20.39
C SER C 573 -21.73 -4.43 19.20
N ASN C 574 -21.63 -3.09 19.26
CA ASN C 574 -22.24 -2.20 18.25
C ASN C 574 -23.77 -2.15 18.30
N ALA C 575 -24.32 -2.41 19.48
CA ALA C 575 -25.75 -2.24 19.72
C ALA C 575 -26.04 -0.77 20.00
N GLY C 576 -27.31 -0.40 19.90
CA GLY C 576 -27.74 0.94 20.27
C GLY C 576 -29.08 1.23 19.63
N ASN C 577 -29.33 2.50 19.36
CA ASN C 577 -30.53 2.87 18.62
C ASN C 577 -30.23 3.06 17.15
N GLY C 578 -31.25 2.84 16.31
CA GLY C 578 -31.05 2.92 14.87
C GLY C 578 -31.13 4.34 14.36
N GLY C 579 -30.33 5.23 14.96
CA GLY C 579 -30.35 6.65 14.62
C GLY C 579 -31.23 7.46 15.58
N THR C 580 -32.04 8.36 15.01
CA THR C 580 -32.91 9.24 15.82
C THR C 580 -34.09 8.47 16.40
N VAL C 581 -34.50 8.86 17.61
CA VAL C 581 -35.65 8.28 18.27
C VAL C 581 -36.57 9.40 18.77
N HIS C 582 -37.81 9.41 18.27
CA HIS C 582 -38.78 10.42 18.69
C HIS C 582 -39.39 10.01 20.02
N SER C 583 -39.74 10.99 20.85
CA SER C 583 -40.41 10.70 22.11
C SER C 583 -41.88 10.34 21.87
N ASP C 584 -42.46 9.63 22.83
CA ASP C 584 -43.86 9.26 22.78
C ASP C 584 -44.61 10.06 23.83
N GLU C 585 -45.89 10.31 23.62
CA GLU C 585 -46.71 10.98 24.64
C GLU C 585 -47.38 9.94 25.54
N ILE C 586 -46.54 9.19 26.25
CA ILE C 586 -47.00 8.09 27.09
C ILE C 586 -46.36 8.18 28.48
N ALA C 587 -47.18 8.52 29.48
CA ALA C 587 -46.70 8.66 30.86
C ALA C 587 -45.82 7.50 31.34
N SER C 588 -44.69 7.83 31.94
CA SER C 588 -43.74 6.84 32.44
C SER C 588 -42.92 7.47 33.56
N HIS C 589 -42.69 6.72 34.63
CA HIS C 589 -41.88 7.22 35.75
C HIS C 589 -42.37 8.59 36.24
N GLY C 590 -43.64 8.90 35.99
CA GLY C 590 -44.27 10.13 36.48
C GLY C 590 -44.19 11.36 35.58
N ARG C 591 -43.99 11.15 34.28
CA ARG C 591 -43.95 12.27 33.31
C ARG C 591 -44.69 11.98 32.00
N GLN C 592 -45.49 12.94 31.55
CA GLN C 592 -45.98 12.93 30.19
C GLN C 592 -44.76 12.97 29.28
N HIS C 593 -44.74 12.13 28.25
CA HIS C 593 -43.59 12.07 27.33
C HIS C 593 -42.46 11.18 27.86
N SER C 594 -42.16 10.14 27.10
CA SER C 594 -41.10 9.19 27.42
C SER C 594 -40.34 8.86 26.16
N LEU C 595 -39.20 8.19 26.30
CA LEU C 595 -38.43 7.81 25.13
C LEU C 595 -38.61 6.35 24.72
N SER C 596 -38.22 5.41 25.59
CA SER C 596 -38.26 4.01 25.19
C SER C 596 -37.16 3.74 24.14
N LEU C 597 -36.03 3.20 24.60
CA LEU C 597 -34.84 3.03 23.77
C LEU C 597 -34.27 1.62 23.85
N THR C 598 -33.16 1.40 23.16
CA THR C 598 -32.36 0.19 23.35
C THR C 598 -31.11 0.54 24.16
N LEU C 599 -30.87 -0.19 25.24
CA LEU C 599 -29.71 0.03 26.09
C LEU C 599 -28.68 -1.09 25.90
N PRO C 600 -27.55 -0.78 25.23
CA PRO C 600 -26.55 -1.81 24.94
C PRO C 600 -26.02 -2.48 26.21
N PRO C 601 -25.49 -3.71 26.09
CA PRO C 601 -25.01 -4.49 27.24
C PRO C 601 -23.70 -3.95 27.81
N LEU C 602 -23.57 -3.99 29.14
CA LEU C 602 -22.43 -3.41 29.87
C LEU C 602 -21.94 -2.14 29.19
N ALA C 603 -22.84 -1.18 29.05
CA ALA C 603 -22.54 0.04 28.30
C ALA C 603 -23.28 1.25 28.84
N THR C 604 -22.82 2.43 28.46
CA THR C 604 -23.52 3.67 28.76
C THR C 604 -23.57 4.56 27.50
N ILE C 605 -24.65 5.31 27.36
CA ILE C 605 -24.87 6.14 26.18
C ILE C 605 -25.34 7.55 26.57
N TRP C 606 -25.03 8.52 25.72
CA TRP C 606 -25.48 9.88 25.93
C TRP C 606 -26.31 10.35 24.74
N LEU C 607 -27.45 10.97 25.05
CA LEU C 607 -28.41 11.43 24.04
C LEU C 607 -28.50 12.97 24.07
N VAL C 608 -28.53 13.58 22.88
CA VAL C 608 -28.76 15.01 22.77
C VAL C 608 -30.09 15.23 22.03
N ARG C 609 -30.85 16.23 22.45
CA ARG C 609 -32.13 16.55 21.80
C ARG C 609 -31.92 17.36 20.53
N GLU C 610 -32.21 16.76 19.37
CA GLU C 610 -32.10 17.46 18.09
C GLU C 610 -33.08 18.62 18.10
N ALA C 611 -32.78 19.65 17.32
CA ALA C 611 -33.67 20.83 17.30
C ALA C 611 -34.57 20.92 16.07
N GLU C 612 -34.03 21.37 14.93
CA GLU C 612 -34.88 21.75 13.79
C GLU C 612 -34.32 21.38 12.40
N THR D 1 -12.38 58.81 7.11
CA THR D 1 -12.44 60.07 6.30
C THR D 1 -13.03 59.74 4.95
N HIS D 2 -12.20 59.89 3.92
CA HIS D 2 -12.58 59.44 2.59
C HIS D 2 -12.55 57.91 2.55
N LEU D 3 -11.84 57.31 3.51
CA LEU D 3 -11.65 55.88 3.57
C LEU D 3 -12.84 55.17 4.18
N ARG D 4 -13.54 55.84 5.09
CA ARG D 4 -14.66 55.26 5.81
C ARG D 4 -15.92 56.10 5.65
N PRO D 5 -16.34 56.33 4.40
CA PRO D 5 -17.46 57.18 4.06
C PRO D 5 -18.73 56.83 4.80
N TYR D 6 -18.94 55.56 5.12
CA TYR D 6 -20.17 55.16 5.80
C TYR D 6 -20.26 55.73 7.21
N GLU D 7 -19.21 56.40 7.65
CA GLU D 7 -19.25 56.95 8.99
C GLU D 7 -19.99 58.29 9.02
N THR D 8 -20.18 58.89 7.84
CA THR D 8 -20.89 60.16 7.72
C THR D 8 -22.07 60.04 6.75
N LEU D 9 -21.85 59.38 5.61
CA LEU D 9 -22.92 59.18 4.64
C LEU D 9 -23.97 58.30 5.24
N GLY D 10 -25.23 58.49 4.85
CA GLY D 10 -26.32 57.64 5.36
C GLY D 10 -27.20 58.31 6.39
N ALA D 11 -27.56 57.58 7.43
CA ALA D 11 -28.43 58.10 8.49
C ALA D 11 -27.88 57.76 9.87
N HIS D 12 -27.37 58.78 10.56
CA HIS D 12 -26.75 58.63 11.86
C HIS D 12 -27.37 59.52 12.94
N ALA D 13 -27.34 59.04 14.18
CA ALA D 13 -27.85 59.83 15.31
C ALA D 13 -26.97 61.04 15.44
N ASP D 14 -27.57 62.17 15.79
CA ASP D 14 -26.83 63.38 15.98
C ASP D 14 -27.62 64.26 16.92
N THR D 15 -26.98 65.30 17.43
CA THR D 15 -27.58 66.23 18.36
C THR D 15 -27.12 67.62 17.98
N MET D 16 -28.07 68.54 17.86
CA MET D 16 -27.77 69.91 17.46
C MET D 16 -28.52 70.89 18.36
N ASP D 17 -27.78 71.83 18.94
CA ASP D 17 -28.36 72.76 19.91
C ASP D 17 -28.94 72.00 21.10
N GLY D 18 -28.39 70.81 21.37
CA GLY D 18 -28.91 69.95 22.43
C GLY D 18 -30.21 69.24 22.08
N VAL D 19 -30.50 69.11 20.79
CA VAL D 19 -31.69 68.39 20.31
C VAL D 19 -31.32 67.06 19.62
N THR D 20 -31.84 65.95 20.11
CA THR D 20 -31.63 64.66 19.47
C THR D 20 -32.31 64.58 18.11
N GLY D 21 -31.75 63.76 17.22
CA GLY D 21 -32.33 63.52 15.91
C GLY D 21 -31.43 62.63 15.08
N THR D 22 -31.64 62.65 13.77
CA THR D 22 -30.74 61.94 12.88
C THR D 22 -30.41 62.78 11.66
N ARG D 23 -29.12 62.78 11.33
CA ARG D 23 -28.62 63.49 10.18
C ARG D 23 -28.58 62.54 8.99
N PHE D 24 -29.09 63.01 7.86
CA PHE D 24 -29.17 62.21 6.66
C PHE D 24 -28.24 62.81 5.62
N SER D 25 -27.47 61.97 4.91
CA SER D 25 -26.73 62.51 3.79
C SER D 25 -26.58 61.51 2.67
N VAL D 26 -26.61 62.02 1.45
CA VAL D 26 -26.55 61.15 0.31
C VAL D 26 -25.90 61.86 -0.87
N TRP D 27 -24.88 61.22 -1.42
CA TRP D 27 -24.17 61.75 -2.56
C TRP D 27 -25.08 61.67 -3.80
N ALA D 28 -25.38 62.81 -4.42
CA ALA D 28 -26.23 62.84 -5.61
C ALA D 28 -26.08 64.18 -6.32
N PRO D 29 -24.92 64.38 -6.93
CA PRO D 29 -24.51 65.73 -7.34
C PRO D 29 -25.35 66.33 -8.47
N ASN D 30 -26.02 65.51 -9.26
CA ASN D 30 -26.76 66.06 -10.37
C ASN D 30 -28.28 66.07 -10.15
N ALA D 31 -28.70 65.76 -8.93
CA ALA D 31 -30.11 65.78 -8.59
C ALA D 31 -30.48 67.24 -8.44
N ARG D 32 -31.69 67.60 -8.82
CA ARG D 32 -32.08 68.98 -8.62
C ARG D 32 -33.19 69.06 -7.61
N ARG D 33 -33.04 68.35 -6.50
CA ARG D 33 -33.98 68.38 -5.39
C ARG D 33 -33.95 67.02 -4.77
N VAL D 34 -33.78 66.95 -3.45
CA VAL D 34 -33.85 65.69 -2.74
C VAL D 34 -34.48 65.95 -1.39
N SER D 35 -35.44 65.12 -1.00
CA SER D 35 -36.11 65.22 0.28
C SER D 35 -36.01 63.90 1.04
N VAL D 36 -35.99 63.99 2.36
CA VAL D 36 -36.05 62.81 3.18
C VAL D 36 -37.53 62.49 3.45
N VAL D 37 -38.01 61.32 3.02
CA VAL D 37 -39.37 60.87 3.31
C VAL D 37 -39.38 59.65 4.22
N GLY D 38 -40.37 59.55 5.09
CA GLY D 38 -40.40 58.47 6.07
C GLY D 38 -41.61 58.45 7.00
N GLN D 39 -41.49 57.63 8.04
CA GLN D 39 -42.56 57.46 9.03
C GLN D 39 -42.75 58.74 9.86
N PHE D 40 -41.65 59.37 10.21
CA PHE D 40 -41.65 60.61 11.00
C PHE D 40 -42.22 61.78 10.20
N ASN D 41 -42.90 61.49 9.09
CA ASN D 41 -43.00 62.40 7.94
C ASN D 41 -44.30 62.14 7.17
N TYR D 42 -44.99 61.06 7.55
CA TYR D 42 -46.06 60.49 6.74
C TYR D 42 -45.70 60.44 5.27
N TRP D 43 -44.44 60.08 4.99
CA TRP D 43 -43.95 59.88 3.62
C TRP D 43 -44.16 61.11 2.76
N ASP D 44 -44.24 62.27 3.41
CA ASP D 44 -44.53 63.51 2.74
C ASP D 44 -43.27 64.23 2.24
N GLY D 45 -43.14 64.28 0.92
CA GLY D 45 -41.94 64.83 0.29
C GLY D 45 -41.73 66.33 0.34
N ARG D 46 -42.71 67.06 0.86
CA ARG D 46 -42.59 68.53 0.98
C ARG D 46 -42.14 68.95 2.37
N ARG D 47 -42.32 68.07 3.34
CA ARG D 47 -41.99 68.39 4.72
C ARG D 47 -40.51 68.65 4.97
N HIS D 48 -39.62 67.86 4.39
CA HIS D 48 -38.19 67.93 4.73
C HIS D 48 -37.25 67.92 3.53
N PRO D 49 -37.26 68.96 2.68
CA PRO D 49 -36.22 69.03 1.66
C PRO D 49 -34.81 69.07 2.28
N MET D 50 -33.82 68.64 1.52
CA MET D 50 -32.45 68.65 2.00
C MET D 50 -31.69 69.78 1.32
N ARG D 51 -30.52 70.15 1.84
CA ARG D 51 -29.70 71.15 1.17
C ARG D 51 -28.44 70.49 0.60
N LEU D 52 -28.12 70.84 -0.65
CA LEU D 52 -26.96 70.38 -1.36
C LEU D 52 -25.69 71.15 -0.98
N ARG D 53 -24.67 70.42 -0.52
CA ARG D 53 -23.33 71.02 -0.36
C ARG D 53 -22.67 70.96 -1.74
N LYS D 54 -22.44 72.11 -2.37
CA LYS D 54 -21.89 72.13 -3.71
C LYS D 54 -20.45 71.57 -3.85
N GLU D 55 -19.61 71.75 -2.83
CA GLU D 55 -18.20 71.35 -2.96
C GLU D 55 -18.02 69.85 -3.04
N SER D 56 -19.05 69.10 -2.67
CA SER D 56 -18.94 67.65 -2.49
C SER D 56 -19.97 66.88 -3.30
N GLY D 57 -21.11 67.51 -3.57
CA GLY D 57 -22.21 66.84 -4.25
C GLY D 57 -23.14 66.11 -3.29
N ILE D 58 -22.98 66.34 -1.99
CA ILE D 58 -23.76 65.66 -0.95
C ILE D 58 -24.99 66.46 -0.49
N TRP D 59 -26.14 65.80 -0.39
CA TRP D 59 -27.31 66.42 0.23
C TRP D 59 -27.32 66.05 1.70
N GLU D 60 -27.67 67.01 2.55
CA GLU D 60 -27.66 66.79 3.97
C GLU D 60 -28.80 67.50 4.68
N LEU D 61 -29.28 66.89 5.76
CA LEU D 61 -30.36 67.45 6.56
C LEU D 61 -30.42 66.73 7.89
N PHE D 62 -30.45 67.52 8.95
CA PHE D 62 -30.78 67.06 10.27
C PHE D 62 -32.29 67.13 10.44
N ILE D 63 -32.86 66.10 11.05
CA ILE D 63 -34.27 66.07 11.40
C ILE D 63 -34.42 65.64 12.84
N PRO D 64 -34.81 66.57 13.73
CA PRO D 64 -34.96 66.29 15.16
C PRO D 64 -36.10 65.33 15.38
N GLY D 65 -35.98 64.41 16.33
CA GLY D 65 -37.04 63.45 16.59
C GLY D 65 -37.01 62.18 15.74
N ALA D 66 -36.37 62.22 14.57
CA ALA D 66 -36.17 60.99 13.79
C ALA D 66 -35.19 60.10 14.53
N HIS D 67 -35.55 58.84 14.74
CA HIS D 67 -34.79 58.02 15.66
C HIS D 67 -34.74 56.59 15.15
N ASN D 68 -33.99 55.73 15.84
CA ASN D 68 -33.80 54.35 15.41
C ASN D 68 -35.11 53.59 15.35
N GLY D 69 -35.22 52.72 14.36
CA GLY D 69 -36.40 51.89 14.21
C GLY D 69 -37.33 52.33 13.09
N GLN D 70 -37.16 53.57 12.61
CA GLN D 70 -38.10 54.17 11.65
C GLN D 70 -37.65 53.98 10.22
N LEU D 71 -38.62 53.76 9.34
CA LEU D 71 -38.36 53.58 7.92
C LEU D 71 -38.18 54.92 7.22
N TYR D 72 -37.38 54.93 6.15
CA TYR D 72 -37.17 56.12 5.34
C TYR D 72 -36.64 55.81 3.94
N LYS D 73 -36.83 56.75 3.01
CA LYS D 73 -36.25 56.73 1.68
C LYS D 73 -35.86 58.15 1.35
N TYR D 74 -35.35 58.37 0.14
CA TYR D 74 -35.13 59.71 -0.39
C TYR D 74 -36.06 59.88 -1.55
N GLU D 75 -36.72 61.03 -1.61
CA GLU D 75 -37.54 61.35 -2.76
C GLU D 75 -36.75 62.40 -3.49
N MET D 76 -36.53 62.18 -4.77
CA MET D 76 -35.54 62.95 -5.52
C MET D 76 -36.13 63.38 -6.85
N ILE D 77 -35.70 64.55 -7.34
CA ILE D 77 -35.94 64.92 -8.74
C ILE D 77 -34.63 64.76 -9.51
N ASP D 78 -34.55 63.71 -10.30
CA ASP D 78 -33.50 63.47 -11.30
C ASP D 78 -32.82 64.69 -11.85
N ALA D 79 -31.65 64.47 -12.42
CA ALA D 79 -31.08 65.43 -13.36
C ALA D 79 -32.02 65.67 -14.53
N ASN D 80 -32.88 64.68 -14.83
CA ASN D 80 -33.78 64.74 -15.98
C ASN D 80 -35.20 65.17 -15.64
N GLY D 81 -35.46 65.42 -14.36
CA GLY D 81 -36.75 65.94 -13.91
C GLY D 81 -37.75 64.96 -13.30
N ASN D 82 -37.43 63.67 -13.36
CA ASN D 82 -38.31 62.62 -12.88
C ASN D 82 -38.36 62.53 -11.36
N LEU D 83 -39.55 62.31 -10.82
CA LEU D 83 -39.73 62.03 -9.42
C LEU D 83 -39.45 60.55 -9.14
N ARG D 84 -38.60 60.27 -8.15
CA ARG D 84 -38.11 58.91 -7.90
C ARG D 84 -37.86 58.64 -6.42
N LEU D 85 -38.43 57.58 -5.88
CA LEU D 85 -38.10 57.14 -4.52
C LEU D 85 -36.85 56.26 -4.56
N LYS D 86 -35.80 56.63 -3.82
CA LYS D 86 -34.54 55.90 -3.88
C LYS D 86 -34.27 55.29 -2.51
N SER D 87 -33.70 54.09 -2.48
CA SER D 87 -33.18 53.54 -1.22
C SER D 87 -31.83 54.15 -0.93
N ASP D 88 -31.49 54.25 0.33
CA ASP D 88 -30.19 54.76 0.73
C ASP D 88 -29.09 53.73 0.47
N PRO D 89 -28.18 54.03 -0.48
CA PRO D 89 -27.10 53.10 -0.74
C PRO D 89 -26.38 52.72 0.54
N TYR D 90 -26.46 53.57 1.57
CA TYR D 90 -25.74 53.26 2.83
C TYR D 90 -26.70 52.71 3.89
N ALA D 91 -27.78 52.09 3.45
CA ALA D 91 -28.70 51.51 4.39
C ALA D 91 -28.01 50.45 5.24
N PHE D 92 -28.03 50.66 6.56
CA PHE D 92 -27.43 49.70 7.47
C PHE D 92 -28.36 48.56 7.87
N GLU D 93 -29.65 48.76 7.62
CA GLU D 93 -30.61 47.69 7.73
C GLU D 93 -31.73 48.03 6.79
N ALA D 94 -32.18 47.05 6.03
CA ALA D 94 -33.18 47.29 5.00
C ALA D 94 -34.48 46.72 5.46
N GLN D 95 -35.57 47.20 4.87
CA GLN D 95 -36.88 46.72 5.22
C GLN D 95 -37.14 45.26 4.85
N MET D 96 -38.02 44.62 5.61
N MET D 96 -38.03 44.64 5.62
CA MET D 96 -38.42 43.25 5.35
CA MET D 96 -38.50 43.29 5.41
C MET D 96 -39.71 43.27 4.53
C MET D 96 -39.74 43.33 4.51
N ARG D 97 -39.66 42.82 3.29
CA ARG D 97 -38.47 42.22 2.69
C ARG D 97 -38.65 42.24 1.16
N PRO D 98 -39.92 42.39 0.71
CA PRO D 98 -40.22 42.81 -0.67
C PRO D 98 -40.39 44.32 -0.76
N GLU D 99 -40.56 44.95 0.40
CA GLU D 99 -41.00 46.34 0.53
C GLU D 99 -39.93 47.41 0.27
N THR D 100 -38.66 47.06 0.36
CA THR D 100 -37.63 48.08 0.11
C THR D 100 -37.74 49.21 1.14
N ALA D 101 -36.73 50.07 1.23
CA ALA D 101 -36.80 51.17 2.18
C ALA D 101 -35.90 50.90 3.36
N SER D 102 -35.17 51.93 3.75
CA SER D 102 -34.09 51.78 4.70
C SER D 102 -34.60 52.08 6.09
N LEU D 103 -33.85 51.61 7.07
CA LEU D 103 -34.27 51.69 8.44
C LEU D 103 -33.19 52.43 9.18
N ILE D 104 -33.57 53.45 9.95
CA ILE D 104 -32.62 54.20 10.75
C ILE D 104 -32.04 53.29 11.82
N CYS D 105 -30.73 53.15 11.78
CA CYS D 105 -29.98 52.66 12.91
C CYS D 105 -28.56 53.16 12.69
N GLY D 106 -27.68 52.98 13.66
CA GLY D 106 -26.37 53.53 13.49
C GLY D 106 -25.48 52.51 12.81
N LEU D 107 -24.19 52.68 13.05
CA LEU D 107 -23.20 51.67 12.83
C LEU D 107 -23.22 50.80 14.08
N PRO D 108 -22.83 49.53 13.94
CA PRO D 108 -22.57 48.83 15.19
C PRO D 108 -21.29 49.39 15.80
N GLU D 109 -21.04 49.08 17.07
CA GLU D 109 -19.76 49.41 17.65
C GLU D 109 -18.64 48.71 16.87
N LYS D 110 -17.50 49.38 16.71
CA LYS D 110 -16.30 48.76 16.18
C LYS D 110 -15.94 47.44 16.89
N VAL D 111 -15.48 46.48 16.10
CA VAL D 111 -14.95 45.23 16.59
C VAL D 111 -13.44 45.22 16.35
N VAL D 112 -12.66 44.86 17.37
CA VAL D 112 -11.21 44.79 17.22
C VAL D 112 -10.85 43.34 16.96
N GLN D 113 -10.13 43.09 15.88
CA GLN D 113 -9.75 41.73 15.54
C GLN D 113 -8.65 41.31 16.47
N THR D 114 -8.88 40.23 17.22
CA THR D 114 -7.93 39.74 18.23
C THR D 114 -6.67 39.18 17.57
N GLU D 115 -5.58 39.12 18.32
CA GLU D 115 -4.35 38.54 17.77
C GLU D 115 -4.55 37.10 17.29
N GLU D 116 -5.22 36.28 18.11
CA GLU D 116 -5.42 34.88 17.77
C GLU D 116 -6.12 34.75 16.43
N ARG D 117 -7.10 35.60 16.18
CA ARG D 117 -7.80 35.57 14.89
C ARG D 117 -6.94 36.05 13.71
N LYS D 118 -6.11 37.05 13.94
CA LYS D 118 -5.17 37.47 12.91
C LYS D 118 -4.22 36.32 12.55
N LYS D 119 -3.78 35.59 13.57
CA LYS D 119 -2.82 34.51 13.39
C LYS D 119 -3.45 33.34 12.62
N ALA D 120 -4.74 33.12 12.83
CA ALA D 120 -5.43 32.06 12.16
C ALA D 120 -5.61 32.32 10.65
N ASN D 121 -5.30 33.53 10.20
CA ASN D 121 -5.42 33.85 8.79
C ASN D 121 -4.10 33.73 8.05
N GLN D 122 -3.01 33.58 8.78
CA GLN D 122 -1.70 33.73 8.16
C GLN D 122 -1.22 32.47 7.39
N PHE D 123 -0.13 32.66 6.67
CA PHE D 123 0.32 31.66 5.74
C PHE D 123 0.67 30.34 6.42
N ASP D 124 1.17 30.40 7.65
CA ASP D 124 1.67 29.21 8.33
C ASP D 124 0.60 28.59 9.21
N ALA D 125 -0.65 29.04 9.07
CA ALA D 125 -1.73 28.48 9.86
C ALA D 125 -2.44 27.37 9.09
N PRO D 126 -3.04 26.42 9.81
CA PRO D 126 -3.85 25.43 9.13
C PRO D 126 -5.17 26.10 8.90
N ILE D 127 -5.57 26.26 7.64
CA ILE D 127 -6.82 26.90 7.27
C ILE D 127 -7.75 25.92 6.57
N SER D 128 -8.78 25.49 7.26
CA SER D 128 -9.81 24.62 6.68
C SER D 128 -11.18 25.31 6.71
N ILE D 129 -11.65 25.67 5.53
CA ILE D 129 -12.83 26.47 5.41
C ILE D 129 -14.08 25.64 5.13
N TYR D 130 -15.17 25.99 5.80
CA TYR D 130 -16.47 25.36 5.51
C TYR D 130 -17.30 26.42 4.80
N GLU D 131 -17.61 26.21 3.52
CA GLU D 131 -18.33 27.21 2.74
C GLU D 131 -19.83 26.97 2.84
N VAL D 132 -20.59 28.02 3.19
CA VAL D 132 -22.00 27.90 3.51
C VAL D 132 -22.89 28.96 2.83
N HIS D 133 -24.04 28.53 2.34
CA HIS D 133 -25.07 29.43 1.91
C HIS D 133 -26.09 29.34 3.03
N LEU D 134 -26.33 30.44 3.76
CA LEU D 134 -27.22 30.38 4.94
C LEU D 134 -28.66 30.02 4.63
N GLY D 135 -29.09 30.33 3.42
CA GLY D 135 -30.49 30.10 3.04
C GLY D 135 -30.85 28.67 2.71
N SER D 136 -29.87 27.76 2.78
CA SER D 136 -30.13 26.38 2.37
C SER D 136 -29.35 25.31 3.12
N TRP D 137 -28.61 25.72 4.14
CA TRP D 137 -27.89 24.78 4.96
C TRP D 137 -28.87 23.82 5.67
N ARG D 138 -29.78 24.37 6.47
CA ARG D 138 -30.84 23.61 7.10
C ARG D 138 -32.17 24.38 7.03
N ARG D 139 -33.29 23.68 7.18
CA ARG D 139 -34.59 24.34 7.26
C ARG D 139 -35.42 23.76 8.39
N HIS D 140 -36.44 24.47 8.84
CA HIS D 140 -37.41 23.85 9.75
C HIS D 140 -38.25 22.81 9.02
N THR D 141 -38.58 21.70 9.69
CA THR D 141 -39.20 20.55 9.01
C THR D 141 -40.62 20.76 8.49
N ASP D 142 -41.57 21.06 9.36
CA ASP D 142 -42.88 21.43 8.85
C ASP D 142 -42.95 22.95 8.87
N ASN D 143 -42.81 23.55 7.69
CA ASN D 143 -42.54 24.97 7.55
C ASN D 143 -41.75 25.17 6.28
N ASN D 144 -40.65 24.42 6.19
CA ASN D 144 -39.53 24.66 5.28
C ASN D 144 -38.91 26.05 5.42
N PHE D 145 -39.05 26.64 6.61
CA PHE D 145 -38.59 28.01 6.84
C PHE D 145 -37.09 28.02 7.02
N TRP D 146 -36.47 29.12 6.63
CA TRP D 146 -35.08 29.45 6.92
C TRP D 146 -34.81 29.42 8.41
N LEU D 147 -33.62 28.97 8.81
CA LEU D 147 -33.16 29.22 10.17
C LEU D 147 -32.84 30.71 10.31
N SER D 148 -32.97 31.23 11.52
CA SER D 148 -32.62 32.60 11.78
C SER D 148 -31.12 32.66 12.11
N TYR D 149 -30.53 33.84 11.98
CA TYR D 149 -29.13 34.07 12.35
C TYR D 149 -28.91 33.49 13.72
N ARG D 150 -29.91 33.60 14.58
CA ARG D 150 -29.73 33.20 15.96
C ARG D 150 -29.75 31.70 16.09
N GLU D 151 -30.60 31.07 15.27
CA GLU D 151 -30.60 29.63 15.23
C GLU D 151 -29.32 29.10 14.57
N LEU D 152 -28.78 29.87 13.63
CA LEU D 152 -27.56 29.46 12.95
C LEU D 152 -26.40 29.50 13.93
N ALA D 153 -26.50 30.43 14.86
CA ALA D 153 -25.50 30.58 15.90
C ALA D 153 -25.53 29.39 16.85
N ASP D 154 -26.70 28.80 17.07
CA ASP D 154 -26.80 27.66 17.97
C ASP D 154 -26.60 26.31 17.29
N GLN D 155 -26.64 26.29 15.96
CA GLN D 155 -26.52 25.04 15.21
C GLN D 155 -25.36 24.99 14.23
N LEU D 156 -25.27 25.97 13.34
CA LEU D 156 -24.21 25.93 12.35
C LEU D 156 -22.85 26.10 13.03
N VAL D 157 -22.77 27.01 13.99
CA VAL D 157 -21.50 27.27 14.66
C VAL D 157 -20.96 26.05 15.42
N PRO D 158 -21.75 25.46 16.34
CA PRO D 158 -21.28 24.25 17.03
C PRO D 158 -20.92 23.10 16.09
N TYR D 159 -21.66 22.96 15.00
CA TYR D 159 -21.35 21.92 14.03
C TYR D 159 -19.99 22.11 13.40
N ALA D 160 -19.76 23.32 12.87
CA ALA D 160 -18.54 23.59 12.11
C ALA D 160 -17.35 23.44 13.03
N LYS D 161 -17.55 23.75 14.31
CA LYS D 161 -16.48 23.60 15.30
C LYS D 161 -16.25 22.13 15.68
N TRP D 162 -17.32 21.39 15.87
CA TRP D 162 -17.17 19.95 16.09
C TRP D 162 -16.39 19.35 14.93
N MET D 163 -16.75 19.76 13.72
CA MET D 163 -16.15 19.20 12.53
C MET D 163 -14.68 19.58 12.37
N GLY D 164 -14.21 20.50 13.20
CA GLY D 164 -12.81 20.87 13.16
C GLY D 164 -12.43 21.84 12.07
N PHE D 165 -13.38 22.50 11.44
CA PHE D 165 -13.01 23.59 10.55
C PHE D 165 -12.48 24.78 11.36
N THR D 166 -11.70 25.64 10.70
CA THR D 166 -11.11 26.82 11.37
C THR D 166 -11.80 28.08 10.93
N HIS D 167 -12.38 28.04 9.74
CA HIS D 167 -13.03 29.20 9.18
C HIS D 167 -14.41 28.81 8.68
N LEU D 168 -15.31 29.76 8.74
CA LEU D 168 -16.62 29.63 8.15
C LEU D 168 -16.60 30.62 6.98
N GLU D 169 -17.03 30.22 5.80
CA GLU D 169 -17.13 31.19 4.71
C GLU D 169 -18.56 31.36 4.22
N LEU D 170 -19.07 32.59 4.24
CA LEU D 170 -20.48 32.82 3.88
C LEU D 170 -20.67 33.28 2.44
N LEU D 171 -21.56 32.62 1.72
CA LEU D 171 -22.00 33.19 0.50
C LEU D 171 -22.60 34.57 0.87
N PRO D 172 -22.63 35.51 -0.07
CA PRO D 172 -22.84 36.91 0.23
C PRO D 172 -24.07 37.17 1.10
N ILE D 173 -23.88 37.73 2.30
CA ILE D 173 -25.04 38.09 3.12
C ILE D 173 -25.53 39.51 2.92
N ASN D 174 -24.98 40.24 1.96
CA ASN D 174 -25.58 41.54 1.60
C ASN D 174 -27.02 41.32 1.16
N GLU D 175 -27.85 42.35 1.32
CA GLU D 175 -29.26 42.24 0.98
C GLU D 175 -29.39 42.05 -0.53
N HIS D 176 -30.23 41.10 -0.93
CA HIS D 176 -30.51 40.82 -2.34
C HIS D 176 -31.95 40.30 -2.47
N PRO D 177 -32.61 40.63 -3.59
CA PRO D 177 -34.05 40.32 -3.77
C PRO D 177 -34.39 38.87 -4.17
N PHE D 178 -33.50 38.17 -4.87
CA PHE D 178 -33.85 36.84 -5.37
C PHE D 178 -32.98 35.74 -4.80
N ASP D 179 -33.61 34.82 -4.08
CA ASP D 179 -32.91 33.68 -3.52
C ASP D 179 -31.94 33.09 -4.54
N GLY D 180 -32.38 33.06 -5.80
CA GLY D 180 -31.68 32.30 -6.83
C GLY D 180 -30.31 32.82 -7.18
N SER D 181 -30.02 34.04 -6.79
CA SER D 181 -28.73 34.64 -7.09
C SER D 181 -27.67 34.22 -6.06
N TRP D 182 -28.10 33.57 -4.97
CA TRP D 182 -27.25 33.13 -3.86
C TRP D 182 -26.63 34.32 -3.16
N GLY D 183 -26.86 35.51 -3.71
CA GLY D 183 -26.43 36.74 -3.07
C GLY D 183 -25.53 37.55 -3.98
N TYR D 184 -25.22 36.98 -5.14
CA TYR D 184 -24.27 37.61 -6.05
C TYR D 184 -24.88 38.74 -6.89
N GLN D 185 -26.18 38.97 -6.79
CA GLN D 185 -26.79 40.17 -7.38
C GLN D 185 -27.46 41.03 -6.31
N PRO D 186 -26.66 41.81 -5.58
CA PRO D 186 -26.99 42.58 -4.37
C PRO D 186 -27.83 43.79 -4.65
N THR D 187 -28.59 44.23 -3.66
CA THR D 187 -29.19 45.56 -3.73
C THR D 187 -28.74 46.49 -2.61
N GLY D 188 -28.36 45.95 -1.46
CA GLY D 188 -27.87 46.78 -0.36
C GLY D 188 -26.56 46.26 0.20
N LEU D 189 -25.46 46.87 -0.21
CA LEU D 189 -24.14 46.39 0.19
C LEU D 189 -23.84 46.58 1.67
N TYR D 190 -24.49 47.53 2.33
CA TYR D 190 -24.18 47.78 3.72
C TYR D 190 -25.19 47.10 4.62
N ALA D 191 -26.20 46.47 4.04
CA ALA D 191 -27.24 45.87 4.84
C ALA D 191 -27.24 44.36 4.77
N PRO D 192 -27.13 43.69 5.92
CA PRO D 192 -27.16 42.22 5.98
C PRO D 192 -28.54 41.73 5.63
N THR D 193 -28.65 40.69 4.80
CA THR D 193 -29.98 40.32 4.33
C THR D 193 -30.93 40.17 5.49
N ARG D 194 -32.15 40.67 5.32
CA ARG D 194 -33.13 40.58 6.40
C ARG D 194 -33.80 39.20 6.46
N ARG D 195 -33.50 38.33 5.50
CA ARG D 195 -34.07 36.97 5.48
C ARG D 195 -33.98 36.24 6.82
N PHE D 196 -32.88 36.42 7.56
CA PHE D 196 -32.58 35.60 8.74
C PHE D 196 -32.70 36.40 10.03
N GLY D 197 -33.17 37.64 9.91
CA GLY D 197 -33.37 38.49 11.08
C GLY D 197 -32.69 39.83 10.90
N THR D 198 -32.33 40.47 12.00
CA THR D 198 -31.87 41.83 11.93
C THR D 198 -30.37 41.89 11.84
N ARG D 199 -29.84 43.09 11.68
CA ARG D 199 -28.41 43.27 11.59
C ARG D 199 -27.73 42.98 12.94
N ASP D 200 -28.41 43.32 14.04
CA ASP D 200 -27.89 42.92 15.35
C ASP D 200 -27.90 41.41 15.52
N ASP D 201 -28.87 40.75 14.90
CA ASP D 201 -28.97 39.28 14.90
C ASP D 201 -27.73 38.65 14.21
N PHE D 202 -27.39 39.17 13.04
CA PHE D 202 -26.23 38.75 12.28
C PHE D 202 -24.95 38.99 13.05
N ARG D 203 -24.84 40.15 13.65
CA ARG D 203 -23.70 40.45 14.50
C ARG D 203 -23.65 39.52 15.72
N TYR D 204 -24.81 39.04 16.16
CA TYR D 204 -24.85 38.03 17.21
C TYR D 204 -24.27 36.71 16.71
N PHE D 205 -24.55 36.41 15.44
CA PHE D 205 -24.05 35.22 14.79
C PHE D 205 -22.54 35.24 14.64
N ILE D 206 -21.99 36.37 14.20
CA ILE D 206 -20.56 36.54 14.07
C ILE D 206 -19.88 36.42 15.43
N ASP D 207 -20.47 37.05 16.43
CA ASP D 207 -19.97 36.95 17.80
C ASP D 207 -19.92 35.49 18.22
N ALA D 208 -20.96 34.74 17.94
CA ALA D 208 -21.01 33.35 18.36
C ALA D 208 -19.90 32.53 17.71
N ALA D 209 -19.65 32.80 16.43
CA ALA D 209 -18.60 32.13 15.68
C ALA D 209 -17.25 32.40 16.30
N HIS D 210 -16.97 33.67 16.55
CA HIS D 210 -15.75 34.07 17.24
C HIS D 210 -15.57 33.40 18.62
N ALA D 211 -16.64 33.27 19.38
CA ALA D 211 -16.51 32.67 20.70
C ALA D 211 -16.30 31.16 20.57
N ALA D 212 -16.71 30.60 19.44
CA ALA D 212 -16.44 29.19 19.17
C ALA D 212 -15.01 28.97 18.72
N GLY D 213 -14.30 30.05 18.44
CA GLY D 213 -12.93 29.94 17.98
C GLY D 213 -12.87 29.74 16.48
N LEU D 214 -13.90 30.23 15.78
CA LEU D 214 -13.90 30.22 14.31
C LEU D 214 -13.59 31.59 13.76
N ASN D 215 -12.88 31.67 12.63
CA ASN D 215 -12.81 32.94 11.91
C ASN D 215 -13.93 32.93 10.91
N VAL D 216 -14.36 34.09 10.43
CA VAL D 216 -15.43 34.12 9.43
C VAL D 216 -15.01 34.82 8.15
N ILE D 217 -15.23 34.17 7.02
CA ILE D 217 -14.95 34.79 5.74
C ILE D 217 -16.24 35.18 5.08
N LEU D 218 -16.26 36.34 4.48
CA LEU D 218 -17.46 36.73 3.80
C LEU D 218 -17.22 36.89 2.31
N ASP D 219 -18.08 36.27 1.50
CA ASP D 219 -18.04 36.57 0.09
C ASP D 219 -18.47 38.02 -0.08
N TRP D 220 -17.67 38.79 -0.81
CA TRP D 220 -17.85 40.23 -0.93
C TRP D 220 -17.90 40.52 -2.39
N VAL D 221 -18.82 41.40 -2.80
CA VAL D 221 -19.13 41.52 -4.22
C VAL D 221 -19.04 42.92 -4.78
N PRO D 222 -17.81 43.41 -5.01
CA PRO D 222 -17.59 44.68 -5.68
C PRO D 222 -17.51 44.53 -7.22
N GLY D 223 -17.68 43.31 -7.70
CA GLY D 223 -17.64 43.07 -9.13
C GLY D 223 -19.02 42.97 -9.78
N HIS D 224 -20.07 42.91 -8.96
CA HIS D 224 -21.45 42.83 -9.49
C HIS D 224 -22.32 44.07 -9.17
N PHE D 225 -22.53 44.91 -10.18
CA PHE D 225 -23.34 46.10 -10.00
C PHE D 225 -24.80 45.75 -9.76
N PRO D 226 -25.44 46.40 -8.78
CA PRO D 226 -26.87 46.13 -8.56
C PRO D 226 -27.70 46.35 -9.83
N THR D 227 -28.45 45.36 -10.27
CA THR D 227 -29.21 45.48 -11.50
C THR D 227 -30.72 45.38 -11.25
N ASP D 228 -31.09 45.11 -10.00
CA ASP D 228 -32.50 44.90 -9.65
C ASP D 228 -33.07 46.10 -8.92
N ASP D 229 -34.40 46.08 -8.71
CA ASP D 229 -35.12 47.09 -7.94
C ASP D 229 -34.67 48.53 -8.25
N PHE D 230 -34.02 48.74 -9.40
CA PHE D 230 -33.44 50.03 -9.71
C PHE D 230 -32.62 50.61 -8.54
N ALA D 231 -32.03 49.73 -7.72
CA ALA D 231 -31.36 50.14 -6.49
C ALA D 231 -30.21 51.14 -6.63
N LEU D 232 -29.48 51.09 -7.74
CA LEU D 232 -28.30 51.93 -7.79
C LEU D 232 -28.00 52.55 -9.14
N ALA D 233 -28.67 52.11 -10.19
CA ALA D 233 -28.36 52.62 -11.51
C ALA D 233 -28.93 54.03 -11.69
N GLU D 234 -28.32 54.82 -12.58
CA GLU D 234 -28.75 56.20 -12.82
C GLU D 234 -29.29 56.88 -11.56
N PHE D 235 -28.50 56.85 -10.49
CA PHE D 235 -29.02 57.17 -9.17
C PHE D 235 -29.49 58.62 -9.00
N ASP D 236 -28.87 59.56 -9.71
CA ASP D 236 -29.37 60.94 -9.75
C ASP D 236 -29.84 61.37 -11.15
N GLY D 237 -30.09 60.41 -12.02
CA GLY D 237 -30.41 60.73 -13.41
C GLY D 237 -29.19 60.76 -14.32
N THR D 238 -28.00 60.65 -13.74
CA THR D 238 -26.80 60.41 -14.55
C THR D 238 -26.27 59.03 -14.22
N ASN D 239 -25.29 58.58 -14.99
CA ASN D 239 -24.61 57.35 -14.63
C ASN D 239 -23.67 57.70 -13.51
N LEU D 240 -24.12 57.53 -12.27
CA LEU D 240 -23.37 58.02 -11.11
C LEU D 240 -22.38 56.96 -10.67
N TYR D 241 -22.90 55.81 -10.25
CA TYR D 241 -22.09 54.70 -9.75
C TYR D 241 -21.61 53.82 -10.91
N GLU D 242 -22.42 53.67 -11.94
CA GLU D 242 -22.08 52.81 -13.07
C GLU D 242 -21.45 53.61 -14.19
N HIS D 243 -20.70 52.91 -15.04
CA HIS D 243 -20.08 53.48 -16.24
C HIS D 243 -21.15 53.73 -17.28
N SER D 244 -20.89 54.66 -18.21
CA SER D 244 -21.86 54.94 -19.28
C SER D 244 -21.59 54.10 -20.53
N ASN D 255 -29.33 46.08 -20.22
CA ASN D 255 -28.83 45.83 -18.87
C ASN D 255 -27.28 45.78 -18.77
N THR D 256 -26.78 44.78 -18.04
CA THR D 256 -25.34 44.53 -17.84
C THR D 256 -24.42 45.77 -17.76
N LEU D 257 -24.24 46.28 -16.55
CA LEU D 257 -23.43 47.45 -16.35
C LEU D 257 -22.37 47.24 -15.26
N ILE D 258 -21.41 48.16 -15.19
CA ILE D 258 -20.26 47.96 -14.32
C ILE D 258 -19.89 49.22 -13.52
N TYR D 259 -19.60 49.05 -12.25
CA TYR D 259 -19.07 50.14 -11.46
C TYR D 259 -18.06 50.97 -12.25
N ASN D 260 -18.13 52.28 -12.06
CA ASN D 260 -17.11 53.20 -12.58
C ASN D 260 -16.05 53.31 -11.52
N TYR D 261 -15.16 52.31 -11.51
CA TYR D 261 -14.20 52.12 -10.42
C TYR D 261 -13.23 53.29 -10.24
N GLY D 262 -12.99 54.01 -11.34
CA GLY D 262 -12.04 55.12 -11.34
C GLY D 262 -12.57 56.41 -10.74
N ARG D 263 -13.87 56.46 -10.50
CA ARG D 263 -14.49 57.64 -9.88
C ARG D 263 -14.39 57.56 -8.35
N ARG D 264 -13.83 58.60 -7.73
CA ARG D 264 -13.35 58.49 -6.36
C ARG D 264 -14.40 58.12 -5.31
N GLU D 265 -15.62 58.67 -5.42
CA GLU D 265 -16.65 58.34 -4.44
C GLU D 265 -17.13 56.91 -4.61
N VAL D 266 -17.13 56.40 -5.84
CA VAL D 266 -17.55 55.03 -6.10
C VAL D 266 -16.52 54.10 -5.46
N SER D 267 -15.26 54.37 -5.75
CA SER D 267 -14.14 53.66 -5.16
C SER D 267 -14.26 53.72 -3.65
N ASN D 268 -14.62 54.89 -3.11
CA ASN D 268 -14.78 55.01 -1.67
C ASN D 268 -15.95 54.20 -1.13
N PHE D 269 -17.07 54.22 -1.85
CA PHE D 269 -18.23 53.39 -1.52
C PHE D 269 -17.80 51.93 -1.30
N LEU D 270 -17.05 51.37 -2.24
CA LEU D 270 -16.69 49.93 -2.18
C LEU D 270 -15.62 49.59 -1.12
N VAL D 271 -14.57 50.40 -1.07
CA VAL D 271 -13.49 50.21 -0.11
C VAL D 271 -14.08 50.34 1.28
N GLY D 272 -14.98 51.31 1.42
CA GLY D 272 -15.64 51.55 2.69
C GLY D 272 -16.39 50.31 3.11
N ASN D 273 -17.10 49.71 2.17
CA ASN D 273 -17.90 48.53 2.46
C ASN D 273 -17.05 47.46 3.10
N ALA D 274 -15.94 47.14 2.47
CA ALA D 274 -14.98 46.16 3.01
C ALA D 274 -14.59 46.49 4.45
N LEU D 275 -14.14 47.73 4.65
CA LEU D 275 -13.77 48.23 5.96
C LEU D 275 -14.91 48.12 6.98
N TYR D 276 -16.14 48.40 6.53
CA TYR D 276 -17.35 48.33 7.33
C TYR D 276 -17.54 46.91 7.85
N TRP D 277 -17.52 45.94 6.94
CA TRP D 277 -17.71 44.55 7.32
C TRP D 277 -16.65 44.12 8.32
N ILE D 278 -15.40 44.41 8.01
CA ILE D 278 -14.35 44.00 8.92
C ILE D 278 -14.43 44.70 10.26
N GLU D 279 -14.57 46.02 10.24
CA GLU D 279 -14.45 46.78 11.50
C GLU D 279 -15.71 46.81 12.35
N ARG D 280 -16.87 46.71 11.70
CA ARG D 280 -18.13 46.91 12.39
C ARG D 280 -18.86 45.59 12.73
N PHE D 281 -18.50 44.53 12.00
CA PHE D 281 -19.01 43.21 12.26
C PHE D 281 -17.94 42.23 12.70
N GLY D 282 -16.69 42.55 12.39
CA GLY D 282 -15.59 41.72 12.81
C GLY D 282 -15.40 40.53 11.89
N ILE D 283 -15.93 40.62 10.67
CA ILE D 283 -15.66 39.53 9.78
C ILE D 283 -14.15 39.54 9.62
N ASP D 284 -13.54 38.39 9.37
CA ASP D 284 -12.10 38.27 9.50
C ASP D 284 -11.35 38.27 8.19
N ALA D 285 -12.07 38.13 7.09
CA ALA D 285 -11.45 37.98 5.79
C ALA D 285 -12.53 38.15 4.76
N LEU D 286 -12.14 38.50 3.54
CA LEU D 286 -13.10 38.73 2.48
C LEU D 286 -12.70 37.94 1.23
N ARG D 287 -13.68 37.35 0.58
CA ARG D 287 -13.42 36.68 -0.66
C ARG D 287 -14.10 37.43 -1.78
N VAL D 288 -13.36 37.75 -2.84
CA VAL D 288 -13.93 38.32 -4.04
C VAL D 288 -14.02 37.27 -5.16
N ASP D 289 -15.22 36.98 -5.65
CA ASP D 289 -15.41 36.05 -6.77
C ASP D 289 -15.27 36.79 -8.11
N ALA D 290 -15.31 36.03 -9.19
CA ALA D 290 -15.42 36.53 -10.54
C ALA D 290 -14.47 37.66 -10.89
N VAL D 291 -13.26 37.63 -10.34
CA VAL D 291 -12.29 38.66 -10.64
C VAL D 291 -12.04 38.80 -12.15
N ALA D 292 -12.15 37.71 -12.89
CA ALA D 292 -11.98 37.81 -14.33
C ALA D 292 -12.94 38.85 -14.89
N SER D 293 -14.21 38.74 -14.52
CA SER D 293 -15.22 39.66 -14.99
C SER D 293 -14.92 41.16 -14.69
N MET D 294 -14.22 41.45 -13.60
CA MET D 294 -13.81 42.83 -13.31
C MET D 294 -12.65 43.31 -14.18
N ILE D 295 -11.64 42.47 -14.34
CA ILE D 295 -10.44 42.95 -15.01
C ILE D 295 -10.48 42.87 -16.54
N TYR D 296 -11.48 42.15 -17.07
CA TYR D 296 -11.57 41.99 -18.52
C TYR D 296 -12.89 42.42 -19.12
N ARG D 297 -12.80 43.36 -20.07
CA ARG D 297 -13.94 43.82 -20.86
C ARG D 297 -14.59 42.70 -21.70
N ASP D 298 -13.79 41.92 -22.42
CA ASP D 298 -14.29 40.75 -23.17
C ASP D 298 -15.03 39.75 -22.29
N GLY D 313 -6.44 47.28 -26.68
CA GLY D 313 -6.52 47.32 -25.23
C GLY D 313 -7.62 46.46 -24.67
N ARG D 314 -7.23 45.31 -24.08
CA ARG D 314 -8.16 44.24 -23.65
C ARG D 314 -8.58 44.20 -22.17
N GLU D 315 -7.73 44.68 -21.27
CA GLU D 315 -8.03 44.61 -19.84
C GLU D 315 -8.46 45.95 -19.21
N ASN D 316 -9.23 45.87 -18.13
CA ASN D 316 -9.80 47.05 -17.50
C ASN D 316 -8.89 47.64 -16.41
N LEU D 317 -8.03 48.57 -16.83
CA LEU D 317 -7.03 49.17 -15.94
C LEU D 317 -7.61 49.80 -14.65
N GLU D 318 -8.76 50.44 -14.76
CA GLU D 318 -9.44 51.00 -13.61
C GLU D 318 -9.79 49.95 -12.56
N ALA D 319 -10.34 48.83 -13.00
CA ALA D 319 -10.74 47.77 -12.09
C ALA D 319 -9.53 47.09 -11.48
N ILE D 320 -8.48 46.94 -12.28
CA ILE D 320 -7.25 46.35 -11.79
C ILE D 320 -6.71 47.29 -10.74
N GLU D 321 -6.59 48.56 -11.11
CA GLU D 321 -6.08 49.55 -10.16
C GLU D 321 -6.91 49.52 -8.88
N PHE D 322 -8.23 49.44 -9.01
CA PHE D 322 -9.11 49.43 -7.83
C PHE D 322 -8.79 48.28 -6.86
N LEU D 323 -8.67 47.05 -7.38
CA LEU D 323 -8.31 45.88 -6.55
C LEU D 323 -6.96 46.04 -5.90
N ARG D 324 -5.98 46.46 -6.68
CA ARG D 324 -4.66 46.76 -6.12
C ARG D 324 -4.78 47.72 -4.96
N ASN D 325 -5.57 48.77 -5.17
CA ASN D 325 -5.73 49.83 -4.20
C ASN D 325 -6.46 49.37 -2.96
N THR D 326 -7.50 48.59 -3.20
CA THR D 326 -8.30 48.08 -2.11
C THR D 326 -7.44 47.27 -1.18
N ASN D 327 -6.69 46.33 -1.75
CA ASN D 327 -5.83 45.45 -0.97
C ASN D 327 -4.75 46.26 -0.23
N ARG D 328 -4.23 47.29 -0.89
CA ARG D 328 -3.26 48.16 -0.24
C ARG D 328 -3.85 48.72 1.05
N ILE D 329 -5.04 49.30 0.93
CA ILE D 329 -5.68 50.01 2.02
C ILE D 329 -6.03 49.06 3.17
N LEU D 330 -6.51 47.87 2.84
CA LEU D 330 -6.83 46.85 3.83
C LEU D 330 -5.54 46.38 4.49
N GLY D 331 -4.50 46.24 3.70
CA GLY D 331 -3.24 45.84 4.25
C GLY D 331 -2.86 46.79 5.37
N GLU D 332 -3.08 48.10 5.16
CA GLU D 332 -2.71 49.15 6.10
C GLU D 332 -3.69 49.39 7.25
N GLN D 333 -4.99 49.36 6.97
CA GLN D 333 -5.97 49.74 8.00
C GLN D 333 -6.38 48.59 8.91
N VAL D 334 -6.33 47.38 8.36
CA VAL D 334 -6.86 46.21 9.05
C VAL D 334 -5.93 45.02 8.93
N SER D 335 -4.62 45.28 9.00
CA SER D 335 -3.60 44.24 9.00
C SER D 335 -4.01 43.02 9.82
N GLY D 336 -4.00 41.84 9.22
CA GLY D 336 -4.41 40.60 9.92
C GLY D 336 -5.67 40.04 9.29
N ALA D 337 -6.48 40.90 8.73
CA ALA D 337 -7.65 40.51 7.99
C ALA D 337 -7.29 40.32 6.51
N VAL D 338 -7.33 39.09 5.99
CA VAL D 338 -6.85 38.80 4.63
C VAL D 338 -7.94 38.87 3.55
N THR D 339 -7.51 38.83 2.29
CA THR D 339 -8.44 38.81 1.15
C THR D 339 -8.05 37.67 0.21
N MET D 340 -9.06 37.01 -0.34
CA MET D 340 -8.87 35.84 -1.17
C MET D 340 -9.58 36.11 -2.47
N ALA D 341 -9.06 35.58 -3.56
CA ALA D 341 -9.69 35.84 -4.84
C ALA D 341 -9.89 34.56 -5.65
N GLU D 342 -10.97 34.54 -6.42
CA GLU D 342 -11.12 33.56 -7.46
C GLU D 342 -11.01 34.28 -8.79
N GLU D 343 -10.06 33.86 -9.59
CA GLU D 343 -9.82 34.50 -10.87
C GLU D 343 -9.60 33.36 -11.83
N SER D 344 -10.29 33.37 -12.97
CA SER D 344 -10.37 32.15 -13.76
C SER D 344 -9.64 32.20 -15.07
N THR D 345 -8.94 33.28 -15.38
CA THR D 345 -8.02 33.16 -16.48
C THR D 345 -6.74 32.81 -15.77
N ASP D 346 -5.59 33.12 -16.33
CA ASP D 346 -4.40 32.87 -15.54
C ASP D 346 -3.64 34.15 -15.34
N PHE D 347 -4.39 35.21 -15.05
CA PHE D 347 -3.81 36.48 -14.71
C PHE D 347 -2.71 36.29 -13.67
N PRO D 348 -1.51 36.73 -13.98
CA PRO D 348 -0.38 36.46 -13.10
C PRO D 348 -0.40 37.26 -11.80
N GLY D 349 -0.02 36.60 -10.70
CA GLY D 349 0.28 37.31 -9.47
C GLY D 349 -0.94 37.88 -8.79
N VAL D 350 -2.06 37.20 -8.94
CA VAL D 350 -3.29 37.58 -8.24
C VAL D 350 -3.04 37.73 -6.75
N SER D 351 -2.22 36.83 -6.20
CA SER D 351 -1.94 36.88 -4.76
C SER D 351 -0.51 37.33 -4.47
N ARG D 352 0.02 38.17 -5.35
CA ARG D 352 1.35 38.75 -5.18
C ARG D 352 1.22 40.26 -4.99
N PRO D 353 2.13 40.85 -4.20
CA PRO D 353 2.15 42.27 -3.88
C PRO D 353 2.04 43.14 -5.14
N GLN D 354 1.40 44.30 -4.98
CA GLN D 354 1.15 45.26 -6.06
C GLN D 354 2.43 45.82 -6.69
N ASP D 355 3.46 45.97 -5.87
CA ASP D 355 4.70 46.55 -6.36
C ASP D 355 5.23 45.80 -7.56
N MET D 356 5.23 44.47 -7.49
CA MET D 356 5.75 43.66 -8.59
C MET D 356 4.69 43.23 -9.59
N GLY D 357 3.54 43.89 -9.59
CA GLY D 357 2.55 43.62 -10.61
C GLY D 357 1.38 42.77 -10.18
N GLY D 358 1.36 42.34 -8.91
CA GLY D 358 0.24 41.57 -8.42
C GLY D 358 -1.03 42.39 -8.23
N LEU D 359 -2.08 41.72 -7.79
CA LEU D 359 -3.33 42.36 -7.44
C LEU D 359 -3.36 42.59 -5.94
N GLY D 360 -2.40 42.00 -5.26
CA GLY D 360 -2.29 42.16 -3.83
C GLY D 360 -3.12 41.27 -2.92
N PHE D 361 -3.90 40.34 -3.46
CA PHE D 361 -4.63 39.40 -2.61
C PHE D 361 -3.66 38.55 -1.83
N TRP D 362 -4.16 38.00 -0.72
CA TRP D 362 -3.38 37.09 0.14
C TRP D 362 -3.43 35.62 -0.33
N TYR D 363 -4.60 35.20 -0.79
CA TYR D 363 -4.83 33.83 -1.22
C TYR D 363 -5.57 33.80 -2.54
N LYS D 364 -5.36 32.74 -3.32
CA LYS D 364 -6.11 32.51 -4.56
C LYS D 364 -6.68 31.12 -4.54
N TRP D 365 -7.84 30.97 -5.18
CA TRP D 365 -8.51 29.69 -5.34
C TRP D 365 -7.79 28.92 -6.42
N ASN D 366 -7.46 27.68 -6.12
CA ASN D 366 -6.77 26.85 -7.11
C ASN D 366 -7.76 26.12 -8.01
N LEU D 367 -8.35 26.82 -8.98
CA LEU D 367 -9.28 26.17 -9.90
C LEU D 367 -8.63 25.12 -10.79
N GLY D 368 -7.40 25.37 -11.20
CA GLY D 368 -6.59 24.42 -11.95
C GLY D 368 -6.62 23.09 -11.21
N TRP D 369 -6.23 23.11 -9.93
CA TRP D 369 -6.15 21.87 -9.13
C TRP D 369 -7.50 21.18 -9.07
N MET D 370 -8.53 21.95 -8.78
CA MET D 370 -9.87 21.43 -8.76
C MET D 370 -10.27 20.69 -10.08
N HIS D 371 -10.03 21.29 -11.23
CA HIS D 371 -10.32 20.65 -12.51
C HIS D 371 -9.40 19.44 -12.77
N ASP D 372 -8.11 19.57 -12.48
CA ASP D 372 -7.21 18.44 -12.69
C ASP D 372 -7.61 17.26 -11.80
N THR D 373 -7.75 17.46 -10.48
CA THR D 373 -8.02 16.31 -9.60
C THR D 373 -9.40 15.69 -9.79
N LEU D 374 -10.42 16.51 -10.03
CA LEU D 374 -11.75 15.99 -10.35
C LEU D 374 -11.80 15.24 -11.69
N ASP D 375 -11.14 15.76 -12.72
CA ASP D 375 -11.01 15.02 -13.98
C ASP D 375 -10.38 13.64 -13.69
N TYR D 376 -9.30 13.64 -12.91
CA TYR D 376 -8.67 12.40 -12.50
C TYR D 376 -9.60 11.44 -11.74
N MET D 377 -10.27 11.91 -10.68
CA MET D 377 -11.17 11.04 -9.91
C MET D 377 -12.30 10.52 -10.80
N LYS D 378 -12.68 11.33 -11.78
CA LYS D 378 -13.74 10.96 -12.69
C LYS D 378 -13.42 9.73 -13.53
N LEU D 379 -12.14 9.48 -13.75
CA LEU D 379 -11.71 8.41 -14.63
C LEU D 379 -11.81 7.07 -13.91
N ASP D 380 -12.11 6.02 -14.69
CA ASP D 380 -12.03 4.69 -14.16
C ASP D 380 -10.58 4.45 -13.81
N PRO D 381 -10.33 3.75 -12.69
CA PRO D 381 -8.99 3.33 -12.35
C PRO D 381 -8.26 2.70 -13.53
N VAL D 382 -8.94 1.93 -14.38
CA VAL D 382 -8.24 1.32 -15.52
C VAL D 382 -7.60 2.38 -16.42
N TYR D 383 -8.10 3.60 -16.37
CA TYR D 383 -7.49 4.65 -17.19
C TYR D 383 -6.56 5.57 -16.42
N ARG D 384 -6.47 5.39 -15.12
CA ARG D 384 -5.80 6.41 -14.33
C ARG D 384 -4.31 6.48 -14.62
N GLN D 385 -3.72 5.35 -14.95
CA GLN D 385 -2.32 5.29 -15.30
C GLN D 385 -1.93 6.18 -16.50
N TYR D 386 -2.89 6.56 -17.32
CA TYR D 386 -2.56 7.39 -18.48
C TYR D 386 -2.69 8.88 -18.18
N HIS D 387 -3.08 9.23 -16.96
CA HIS D 387 -3.36 10.60 -16.64
C HIS D 387 -2.75 10.97 -15.28
N HIS D 388 -1.61 10.38 -14.97
CA HIS D 388 -0.95 10.56 -13.71
C HIS D 388 -0.68 12.06 -13.51
N ASP D 389 -0.45 12.75 -14.63
CA ASP D 389 0.03 14.11 -14.60
C ASP D 389 -1.02 15.02 -13.96
N LYS D 390 -2.29 14.61 -14.00
CA LYS D 390 -3.35 15.40 -13.44
C LYS D 390 -3.18 15.57 -11.94
N LEU D 391 -2.33 14.75 -11.33
CA LEU D 391 -2.12 14.82 -9.89
C LEU D 391 -0.75 15.39 -9.55
N THR D 392 0.19 15.32 -10.48
CA THR D 392 1.52 15.83 -10.23
C THR D 392 1.70 17.25 -10.77
N PHE D 393 0.91 17.65 -11.76
CA PHE D 393 1.12 18.96 -12.38
C PHE D 393 0.99 20.10 -11.35
N GLY D 394 0.20 19.85 -10.31
CA GLY D 394 -0.08 20.83 -9.27
C GLY D 394 1.14 21.41 -8.56
N ILE D 395 2.15 20.58 -8.32
CA ILE D 395 3.32 21.01 -7.59
C ILE D 395 4.04 21.99 -8.48
N LEU D 396 4.01 21.76 -9.78
CA LEU D 396 4.78 22.61 -10.67
C LEU D 396 4.50 24.12 -10.57
N TYR D 397 3.28 24.51 -10.21
CA TYR D 397 2.93 25.94 -10.22
C TYR D 397 2.44 26.41 -8.85
N ASN D 398 2.61 25.56 -7.86
CA ASN D 398 2.13 25.81 -6.53
C ASN D 398 2.84 26.97 -5.85
N TYR D 399 4.04 27.31 -6.33
CA TYR D 399 4.82 28.37 -5.70
C TYR D 399 4.59 29.74 -6.37
N THR D 400 3.55 29.82 -7.19
CA THR D 400 3.32 31.07 -7.89
C THR D 400 2.13 31.85 -7.33
N GLU D 401 1.42 31.25 -6.39
CA GLU D 401 0.25 31.84 -5.75
C GLU D 401 0.13 31.15 -4.43
N ASN D 402 -0.57 31.77 -3.49
CA ASN D 402 -0.84 31.09 -2.23
C ASN D 402 -2.24 30.53 -2.39
N PHE D 403 -2.33 29.23 -2.46
CA PHE D 403 -3.52 28.61 -2.98
C PHE D 403 -4.40 28.12 -1.88
N VAL D 404 -5.70 28.26 -2.11
CA VAL D 404 -6.70 27.50 -1.39
C VAL D 404 -7.15 26.41 -2.37
N LEU D 405 -7.31 25.17 -1.92
CA LEU D 405 -7.83 24.09 -2.77
C LEU D 405 -9.31 24.02 -2.53
N PRO D 406 -10.12 24.29 -3.57
CA PRO D 406 -11.51 24.54 -3.25
C PRO D 406 -12.47 23.56 -3.87
N LEU D 407 -13.27 22.88 -3.05
CA LEU D 407 -14.43 22.19 -3.60
C LEU D 407 -15.67 23.03 -3.27
N SER D 408 -16.01 23.98 -4.13
CA SER D 408 -16.98 24.98 -3.78
C SER D 408 -18.37 24.67 -4.29
N HIS D 409 -19.28 25.58 -3.97
CA HIS D 409 -20.63 25.47 -4.40
C HIS D 409 -20.71 25.45 -5.90
N ASP D 410 -19.76 26.08 -6.59
CA ASP D 410 -19.91 26.21 -8.06
C ASP D 410 -19.77 24.86 -8.77
N GLU D 411 -19.32 23.85 -8.05
CA GLU D 411 -18.98 22.59 -8.70
C GLU D 411 -20.10 21.57 -8.53
N VAL D 412 -21.13 21.93 -7.78
CA VAL D 412 -22.18 20.99 -7.46
C VAL D 412 -23.57 21.52 -7.81
N VAL D 413 -23.65 22.20 -8.95
CA VAL D 413 -24.90 22.76 -9.46
C VAL D 413 -24.94 22.65 -10.97
N HIS D 414 -26.07 23.04 -11.54
CA HIS D 414 -26.21 23.20 -12.98
C HIS D 414 -25.85 21.97 -13.78
N GLY D 415 -26.23 20.79 -13.30
CA GLY D 415 -25.94 19.59 -14.04
C GLY D 415 -24.53 19.07 -13.90
N LYS D 416 -23.77 19.59 -12.94
CA LYS D 416 -22.41 19.12 -12.73
C LYS D 416 -22.34 17.93 -11.77
N LYS D 417 -23.45 17.63 -11.12
CA LYS D 417 -23.51 16.50 -10.22
C LYS D 417 -22.80 16.84 -8.94
N SER D 418 -22.99 16.02 -7.92
CA SER D 418 -22.30 16.20 -6.66
C SER D 418 -20.89 15.61 -6.77
N ILE D 419 -20.03 15.85 -5.78
CA ILE D 419 -18.71 15.27 -5.80
C ILE D 419 -18.86 13.75 -5.82
N LEU D 420 -19.65 13.23 -4.90
CA LEU D 420 -19.86 11.79 -4.84
C LEU D 420 -20.20 11.19 -6.21
N ASP D 421 -21.14 11.81 -6.91
CA ASP D 421 -21.60 11.33 -8.22
C ASP D 421 -20.58 11.40 -9.35
N ARG D 422 -19.42 11.98 -9.10
CA ARG D 422 -18.35 11.93 -10.06
C ARG D 422 -17.57 10.62 -9.96
N MET D 423 -17.65 9.95 -8.80
CA MET D 423 -16.82 8.78 -8.53
C MET D 423 -17.24 7.51 -9.32
N PRO D 424 -16.27 6.81 -9.90
CA PRO D 424 -16.57 5.63 -10.70
C PRO D 424 -16.68 4.38 -9.83
N GLY D 425 -17.26 3.31 -10.39
CA GLY D 425 -17.30 1.99 -9.75
C GLY D 425 -18.58 1.75 -8.99
N ASP D 426 -18.59 0.68 -8.20
CA ASP D 426 -19.79 0.35 -7.42
C ASP D 426 -19.84 1.22 -6.18
N ALA D 427 -20.90 1.07 -5.41
CA ALA D 427 -21.15 1.92 -4.25
C ALA D 427 -19.97 2.00 -3.30
N TRP D 428 -19.46 0.86 -2.88
CA TRP D 428 -18.33 0.81 -1.97
C TRP D 428 -17.13 1.58 -2.54
N GLN D 429 -16.91 1.45 -3.85
CA GLN D 429 -15.77 2.10 -4.51
C GLN D 429 -15.97 3.59 -4.65
N LYS D 430 -17.19 4.01 -4.91
CA LYS D 430 -17.50 5.42 -5.03
C LYS D 430 -17.11 6.15 -3.74
N PHE D 431 -17.57 5.64 -2.59
CA PHE D 431 -17.22 6.22 -1.31
C PHE D 431 -15.74 6.10 -0.96
N ALA D 432 -15.13 4.98 -1.34
CA ALA D 432 -13.69 4.81 -1.13
C ALA D 432 -12.86 5.84 -1.91
N ASN D 433 -13.22 6.05 -3.19
CA ASN D 433 -12.60 7.09 -4.03
C ASN D 433 -12.74 8.48 -3.39
N LEU D 434 -13.98 8.85 -3.03
CA LEU D 434 -14.20 10.09 -2.32
C LEU D 434 -13.28 10.23 -1.10
N ARG D 435 -13.26 9.22 -0.21
CA ARG D 435 -12.45 9.33 0.99
C ARG D 435 -10.95 9.43 0.62
N ALA D 436 -10.53 8.75 -0.44
CA ALA D 436 -9.13 8.79 -0.82
C ALA D 436 -8.80 10.15 -1.40
N TYR D 437 -9.77 10.74 -2.06
CA TYR D 437 -9.57 12.04 -2.62
C TYR D 437 -9.46 13.09 -1.49
N TYR D 438 -10.33 12.98 -0.51
CA TYR D 438 -10.28 13.96 0.58
C TYR D 438 -8.93 13.83 1.28
N GLY D 439 -8.46 12.60 1.48
CA GLY D 439 -7.16 12.41 2.16
C GLY D 439 -5.95 12.95 1.41
N TRP D 440 -6.01 12.88 0.09
CA TRP D 440 -5.03 13.52 -0.75
C TRP D 440 -5.19 15.06 -0.62
N MET D 441 -6.42 15.53 -0.70
CA MET D 441 -6.69 16.96 -0.61
C MET D 441 -6.17 17.62 0.67
N TRP D 442 -6.38 16.98 1.82
CA TRP D 442 -5.94 17.59 3.06
C TRP D 442 -4.45 17.46 3.27
N ALA D 443 -3.77 16.63 2.48
CA ALA D 443 -2.31 16.54 2.57
C ALA D 443 -1.60 17.38 1.54
N PHE D 444 -2.26 17.68 0.41
CA PHE D 444 -1.65 18.48 -0.67
C PHE D 444 -1.42 19.95 -0.29
N PRO D 445 -0.32 20.55 -0.75
CA PRO D 445 -0.05 21.96 -0.44
C PRO D 445 -1.19 22.89 -0.87
N GLY D 446 -1.63 23.70 0.08
CA GLY D 446 -2.74 24.59 -0.15
C GLY D 446 -3.63 24.56 1.09
N LYS D 447 -4.26 25.68 1.39
CA LYS D 447 -5.31 25.68 2.41
C LYS D 447 -6.53 24.91 1.89
N LYS D 448 -7.43 24.53 2.79
CA LYS D 448 -8.58 23.69 2.44
C LYS D 448 -9.93 24.41 2.43
N LEU D 449 -10.74 24.15 1.39
CA LEU D 449 -12.09 24.70 1.31
C LEU D 449 -13.09 23.65 0.82
N LEU D 450 -14.16 23.48 1.61
CA LEU D 450 -15.14 22.45 1.37
C LEU D 450 -16.57 23.00 1.53
N PHE D 451 -17.36 22.92 0.46
CA PHE D 451 -18.76 23.39 0.51
C PHE D 451 -19.72 22.45 1.31
N MET D 452 -20.55 23.03 2.15
CA MET D 452 -21.53 22.29 2.94
C MET D 452 -22.20 21.20 2.09
N GLY D 453 -22.43 20.02 2.67
CA GLY D 453 -22.97 18.89 1.92
C GLY D 453 -21.85 17.94 1.52
N ASN D 454 -20.71 18.49 1.12
CA ASN D 454 -19.64 17.64 0.63
C ASN D 454 -19.12 16.78 1.74
N GLU D 455 -19.27 17.24 2.97
CA GLU D 455 -18.66 16.52 4.09
C GLU D 455 -19.41 15.27 4.51
N PHE D 456 -20.65 15.10 4.08
CA PHE D 456 -21.29 13.82 4.33
C PHE D 456 -21.68 13.16 3.03
N ALA D 457 -21.04 13.61 1.95
CA ALA D 457 -21.19 13.07 0.60
C ALA D 457 -22.65 13.05 0.18
N GLN D 458 -23.24 14.23 0.10
CA GLN D 458 -24.59 14.33 -0.45
C GLN D 458 -24.60 13.76 -1.88
N GLY D 459 -25.64 13.01 -2.20
CA GLY D 459 -25.79 12.45 -3.52
C GLY D 459 -26.27 13.47 -4.53
N ARG D 460 -27.31 14.20 -4.19
CA ARG D 460 -27.87 15.22 -5.08
C ARG D 460 -27.06 16.53 -5.14
N GLU D 461 -27.12 17.20 -6.28
CA GLU D 461 -26.54 18.51 -6.43
C GLU D 461 -27.03 19.46 -5.33
N TRP D 462 -26.38 20.61 -5.19
CA TRP D 462 -26.85 21.59 -4.23
C TRP D 462 -28.11 22.35 -4.67
N ASN D 463 -29.11 22.38 -3.80
CA ASN D 463 -30.35 23.15 -4.04
C ASN D 463 -30.45 24.33 -3.07
N HIS D 464 -30.25 25.54 -3.58
CA HIS D 464 -30.29 26.75 -2.76
C HIS D 464 -31.71 27.02 -2.26
N ASP D 465 -32.67 26.24 -2.73
CA ASP D 465 -34.08 26.47 -2.47
C ASP D 465 -34.65 25.44 -1.47
N ALA D 466 -33.74 24.69 -0.84
CA ALA D 466 -34.10 23.64 0.10
C ALA D 466 -32.96 23.39 1.07
N SER D 467 -33.25 22.70 2.16
CA SER D 467 -32.25 22.26 3.10
C SER D 467 -31.31 21.29 2.40
N LEU D 468 -30.18 20.96 3.02
CA LEU D 468 -29.32 19.90 2.51
C LEU D 468 -29.94 18.57 2.91
N ASP D 469 -29.45 17.48 2.28
CA ASP D 469 -30.03 16.16 2.42
C ASP D 469 -29.53 15.49 3.70
N TRP D 470 -29.80 16.12 4.84
CA TRP D 470 -29.39 15.59 6.13
C TRP D 470 -30.13 14.31 6.44
N HIS D 471 -31.07 13.92 5.59
CA HIS D 471 -31.78 12.67 5.84
C HIS D 471 -30.85 11.50 5.54
N LEU D 472 -29.77 11.77 4.83
CA LEU D 472 -28.75 10.76 4.56
C LEU D 472 -28.13 10.26 5.85
N LEU D 473 -28.02 11.15 6.83
CA LEU D 473 -27.40 10.78 8.10
C LEU D 473 -28.40 10.17 9.08
N GLU D 474 -29.62 9.92 8.63
CA GLU D 474 -30.65 9.38 9.51
C GLU D 474 -30.62 7.86 9.55
N GLY D 475 -30.83 7.31 10.74
CA GLY D 475 -30.93 5.86 10.94
C GLY D 475 -29.73 5.05 10.49
N GLY D 476 -29.28 4.13 11.34
CA GLY D 476 -28.23 3.17 10.97
C GLY D 476 -27.00 3.79 10.37
N ASP D 477 -25.87 3.60 11.05
CA ASP D 477 -24.59 4.14 10.59
C ASP D 477 -24.31 3.71 9.17
N ASN D 478 -23.94 4.64 8.32
CA ASN D 478 -23.80 4.30 6.93
C ASN D 478 -22.62 5.04 6.32
N TRP D 479 -22.42 4.83 5.01
CA TRP D 479 -21.27 5.38 4.28
C TRP D 479 -21.13 6.89 4.44
N HIS D 480 -22.24 7.60 4.53
CA HIS D 480 -22.19 9.01 4.78
C HIS D 480 -21.67 9.34 6.17
N HIS D 481 -22.05 8.58 7.19
CA HIS D 481 -21.49 8.84 8.52
C HIS D 481 -19.97 8.64 8.45
N GLY D 482 -19.55 7.65 7.66
CA GLY D 482 -18.15 7.38 7.48
C GLY D 482 -17.38 8.52 6.86
N VAL D 483 -17.88 9.08 5.75
CA VAL D 483 -17.26 10.25 5.14
C VAL D 483 -17.21 11.41 6.12
N GLN D 484 -18.32 11.68 6.77
CA GLN D 484 -18.39 12.76 7.74
C GLN D 484 -17.36 12.57 8.87
N ARG D 485 -17.17 11.35 9.36
CA ARG D 485 -16.19 11.13 10.42
C ARG D 485 -14.76 11.37 9.92
N LEU D 486 -14.52 11.00 8.66
CA LEU D 486 -13.22 11.20 8.01
C LEU D 486 -12.88 12.69 7.90
N VAL D 487 -13.79 13.50 7.38
CA VAL D 487 -13.56 14.94 7.29
C VAL D 487 -13.16 15.53 8.66
N ARG D 488 -13.83 15.13 9.72
CA ARG D 488 -13.48 15.65 11.03
C ARG D 488 -12.06 15.23 11.40
N ASP D 489 -11.77 13.93 11.26
CA ASP D 489 -10.44 13.42 11.60
C ASP D 489 -9.35 14.12 10.78
N LEU D 490 -9.67 14.35 9.52
CA LEU D 490 -8.76 14.95 8.56
C LEU D 490 -8.47 16.36 9.05
N ASN D 491 -9.53 17.12 9.33
CA ASN D 491 -9.37 18.46 9.95
C ASN D 491 -8.55 18.41 11.22
N LEU D 492 -8.92 17.52 12.15
CA LEU D 492 -8.25 17.51 13.44
C LEU D 492 -6.79 17.09 13.30
N THR D 493 -6.49 16.13 12.41
CA THR D 493 -5.11 15.66 12.27
C THR D 493 -4.29 16.72 11.58
N TYR D 494 -4.88 17.31 10.55
CA TYR D 494 -4.22 18.33 9.78
C TYR D 494 -3.89 19.54 10.65
N ARG D 495 -4.75 19.83 11.60
CA ARG D 495 -4.45 20.97 12.47
C ARG D 495 -3.36 20.62 13.48
N HIS D 496 -3.30 19.35 13.87
CA HIS D 496 -2.43 18.94 14.95
C HIS D 496 -0.97 18.84 14.55
N HIS D 497 -0.71 18.50 13.29
CA HIS D 497 0.67 18.24 12.84
C HIS D 497 1.14 19.38 11.97
N LYS D 498 2.13 20.12 12.47
CA LYS D 498 2.63 21.32 11.79
C LYS D 498 2.98 21.05 10.32
N ALA D 499 3.61 19.89 10.08
CA ALA D 499 4.07 19.57 8.74
C ALA D 499 2.94 19.64 7.74
N MET D 500 1.70 19.43 8.19
CA MET D 500 0.57 19.41 7.23
C MET D 500 0.19 20.80 6.74
N HIS D 501 0.67 21.84 7.42
CA HIS D 501 0.20 23.17 7.09
C HIS D 501 1.26 24.26 7.15
N GLU D 502 2.37 24.03 7.86
CA GLU D 502 3.30 25.10 8.17
C GLU D 502 4.00 25.69 6.96
N LEU D 503 4.30 24.88 5.96
CA LEU D 503 5.12 25.34 4.87
C LEU D 503 4.49 25.03 3.53
N ASP D 504 3.18 25.21 3.39
CA ASP D 504 2.52 25.02 2.11
C ASP D 504 3.18 25.76 0.95
N PHE D 505 3.81 26.88 1.27
CA PHE D 505 4.23 27.84 0.23
C PHE D 505 5.74 27.97 0.11
N ASP D 506 6.44 27.04 0.74
CA ASP D 506 7.89 26.96 0.70
C ASP D 506 8.22 25.55 0.18
N PRO D 507 8.95 25.48 -0.95
CA PRO D 507 9.36 24.17 -1.50
C PRO D 507 9.86 23.21 -0.41
N TYR D 508 10.47 23.75 0.63
CA TYR D 508 10.88 22.92 1.75
C TYR D 508 9.76 22.06 2.31
N GLY D 509 8.53 22.53 2.27
CA GLY D 509 7.43 21.83 2.93
C GLY D 509 6.93 20.57 2.24
N PHE D 510 7.45 20.28 1.05
CA PHE D 510 6.93 19.21 0.22
C PHE D 510 8.06 18.52 -0.57
N GLU D 511 8.09 17.20 -0.51
CA GLU D 511 8.99 16.42 -1.37
C GLU D 511 8.33 15.14 -1.83
N TRP D 512 8.41 14.89 -3.13
CA TRP D 512 7.99 13.61 -3.70
C TRP D 512 8.83 12.43 -3.23
N LEU D 513 8.19 11.32 -2.85
CA LEU D 513 8.91 10.06 -2.64
C LEU D 513 8.72 9.11 -3.82
N VAL D 514 7.51 9.06 -4.36
CA VAL D 514 7.19 8.25 -5.54
C VAL D 514 6.25 9.04 -6.44
N VAL D 515 6.79 9.58 -7.52
CA VAL D 515 6.07 10.45 -8.40
C VAL D 515 5.85 9.82 -9.77
N ASP D 516 6.50 8.68 -10.02
N ASP D 516 6.49 8.67 -10.00
CA ASP D 516 6.48 8.07 -11.34
CA ASP D 516 6.52 8.03 -11.31
C ASP D 516 5.69 6.74 -11.45
C ASP D 516 5.90 6.63 -11.35
N ASP D 517 5.09 6.27 -10.35
CA ASP D 517 4.41 4.96 -10.39
C ASP D 517 3.07 5.06 -11.12
N LYS D 518 3.16 5.30 -12.42
CA LYS D 518 2.00 5.50 -13.25
C LYS D 518 1.19 4.23 -13.28
N GLU D 519 1.82 3.09 -13.55
N GLU D 519 1.88 3.11 -13.53
CA GLU D 519 1.09 1.82 -13.69
CA GLU D 519 1.28 1.80 -13.60
C GLU D 519 0.20 1.49 -12.49
C GLU D 519 0.26 1.54 -12.51
N ARG D 520 0.70 1.70 -11.26
CA ARG D 520 -0.09 1.33 -10.08
C ARG D 520 -0.92 2.52 -9.55
N SER D 521 -0.85 3.65 -10.25
CA SER D 521 -1.46 4.89 -9.74
C SER D 521 -1.24 5.01 -8.23
N VAL D 522 0.02 4.86 -7.82
CA VAL D 522 0.41 5.07 -6.43
C VAL D 522 1.29 6.32 -6.32
N LEU D 523 0.90 7.24 -5.44
CA LEU D 523 1.69 8.45 -5.29
C LEU D 523 2.09 8.65 -3.85
N ILE D 524 3.35 9.01 -3.65
CA ILE D 524 3.82 9.17 -2.31
C ILE D 524 4.64 10.42 -2.17
N PHE D 525 4.30 11.21 -1.18
CA PHE D 525 5.08 12.38 -0.91
C PHE D 525 5.26 12.59 0.58
N VAL D 526 6.10 13.55 0.91
CA VAL D 526 6.35 13.89 2.27
C VAL D 526 5.95 15.36 2.47
N ARG D 527 5.36 15.66 3.64
CA ARG D 527 5.10 17.03 4.03
C ARG D 527 6.04 17.29 5.21
N ARG D 528 6.57 18.52 5.26
CA ARG D 528 7.68 18.87 6.16
C ARG D 528 7.38 20.16 6.96
N ASP D 529 7.59 20.12 8.28
CA ASP D 529 7.45 21.29 9.12
C ASP D 529 8.78 22.08 9.23
N LYS D 530 8.78 23.18 9.98
CA LYS D 530 9.98 24.04 10.13
C LYS D 530 11.15 23.31 10.70
N GLU D 531 10.87 22.32 11.56
CA GLU D 531 11.90 21.68 12.35
C GLU D 531 12.52 20.53 11.58
N GLY D 532 12.05 20.34 10.35
CA GLY D 532 12.48 19.22 9.51
C GLY D 532 11.73 17.89 9.68
N ASN D 533 10.78 17.83 10.63
CA ASN D 533 9.97 16.61 10.82
C ASN D 533 9.06 16.33 9.62
N GLU D 534 9.03 15.10 9.16
CA GLU D 534 8.26 14.74 7.97
C GLU D 534 7.09 13.84 8.33
N ILE D 535 5.94 14.10 7.72
CA ILE D 535 4.96 13.03 7.64
C ILE D 535 4.79 12.53 6.18
N ILE D 536 4.68 11.22 6.04
CA ILE D 536 4.60 10.54 4.74
C ILE D 536 3.14 10.35 4.31
N VAL D 537 2.87 10.69 3.06
CA VAL D 537 1.50 10.59 2.55
C VAL D 537 1.47 9.67 1.32
N ALA D 538 0.68 8.60 1.40
CA ALA D 538 0.63 7.56 0.36
C ALA D 538 -0.78 7.31 -0.13
N SER D 539 -0.94 7.51 -1.43
CA SER D 539 -2.21 7.30 -2.06
C SER D 539 -2.14 6.14 -3.04
N ASN D 540 -3.18 5.30 -2.98
CA ASN D 540 -3.40 4.20 -3.91
C ASN D 540 -4.73 4.45 -4.63
N PHE D 541 -4.66 4.88 -5.89
CA PHE D 541 -5.89 5.23 -6.59
C PHE D 541 -6.47 4.12 -7.50
N THR D 542 -6.17 2.85 -7.21
CA THR D 542 -6.87 1.75 -7.84
C THR D 542 -7.41 0.85 -6.72
N PRO D 543 -8.39 -0.03 -7.05
CA PRO D 543 -8.98 -1.03 -6.12
C PRO D 543 -8.05 -2.20 -5.77
N VAL D 544 -6.85 -2.16 -6.31
CA VAL D 544 -5.86 -3.19 -6.06
C VAL D 544 -5.10 -2.91 -4.78
N PRO D 545 -5.19 -3.82 -3.82
CA PRO D 545 -4.43 -3.65 -2.61
C PRO D 545 -2.93 -3.91 -2.88
N ARG D 546 -2.06 -3.15 -2.25
CA ARG D 546 -0.64 -3.37 -2.43
C ARG D 546 -0.01 -3.85 -1.14
N HIS D 547 0.71 -4.96 -1.24
CA HIS D 547 1.50 -5.44 -0.12
C HIS D 547 2.97 -5.32 -0.44
N ASP D 548 3.78 -5.16 0.60
CA ASP D 548 5.21 -5.06 0.42
C ASP D 548 5.52 -4.03 -0.66
N TYR D 549 4.90 -2.86 -0.58
CA TYR D 549 5.24 -1.75 -1.46
C TYR D 549 6.42 -1.06 -0.82
N ARG D 550 7.59 -1.15 -1.46
CA ARG D 550 8.81 -0.57 -0.89
C ARG D 550 9.16 0.74 -1.57
N PHE D 551 9.46 1.74 -0.75
CA PHE D 551 9.85 3.03 -1.28
C PHE D 551 10.91 3.66 -0.39
N GLY D 552 11.83 4.40 -0.99
CA GLY D 552 12.84 5.13 -0.20
C GLY D 552 12.24 6.24 0.66
N ILE D 553 12.77 6.41 1.88
CA ILE D 553 12.37 7.52 2.75
C ILE D 553 13.61 8.32 3.15
N ASN D 554 13.42 9.47 3.79
CA ASN D 554 14.56 10.27 4.24
C ASN D 554 14.97 9.98 5.66
N GLN D 555 14.01 9.66 6.52
CA GLN D 555 14.32 9.49 7.94
C GLN D 555 14.10 8.09 8.45
N PRO D 556 15.18 7.33 8.69
CA PRO D 556 15.03 5.98 9.21
C PRO D 556 14.41 5.97 10.60
N GLY D 557 13.67 4.91 10.94
CA GLY D 557 13.13 4.76 12.27
C GLY D 557 11.84 3.99 12.23
N LYS D 558 11.01 4.18 13.25
CA LYS D 558 9.73 3.51 13.32
C LYS D 558 8.58 4.42 12.85
N TRP D 559 7.72 3.91 11.99
CA TRP D 559 6.63 4.73 11.46
C TRP D 559 5.26 4.15 11.84
N ARG D 560 4.30 5.03 12.12
CA ARG D 560 2.95 4.67 12.53
C ARG D 560 1.92 5.42 11.66
N GLU D 561 0.83 4.74 11.32
CA GLU D 561 -0.30 5.35 10.61
C GLU D 561 -1.00 6.29 11.56
N ILE D 562 -1.24 7.53 11.13
CA ILE D 562 -2.04 8.48 11.93
C ILE D 562 -3.32 8.80 11.20
N LEU D 563 -3.39 8.34 9.96
CA LEU D 563 -4.58 8.50 9.14
C LEU D 563 -4.66 7.41 8.09
N ASN D 564 -5.87 6.96 7.79
CA ASN D 564 -6.06 5.84 6.87
C ASN D 564 -7.51 5.84 6.42
N THR D 565 -7.74 6.24 5.18
CA THR D 565 -9.10 6.38 4.69
C THR D 565 -9.85 5.07 4.40
N ASP D 566 -9.15 3.93 4.46
CA ASP D 566 -9.80 2.62 4.31
C ASP D 566 -10.12 1.96 5.66
N SER D 567 -9.96 2.69 6.76
CA SER D 567 -10.27 2.15 8.07
C SER D 567 -11.75 1.77 8.19
N MET D 568 -12.05 0.73 8.96
CA MET D 568 -13.46 0.34 9.13
C MET D 568 -14.29 1.48 9.71
N HIS D 569 -13.62 2.34 10.47
N HIS D 569 -13.64 2.35 10.48
CA HIS D 569 -14.27 3.50 11.09
CA HIS D 569 -14.35 3.47 11.07
C HIS D 569 -14.93 4.43 10.05
C HIS D 569 -15.02 4.36 10.03
N TYR D 570 -14.50 4.34 8.80
CA TYR D 570 -15.10 5.12 7.71
C TYR D 570 -15.81 4.20 6.72
N HIS D 571 -15.98 2.93 7.12
CA HIS D 571 -16.60 1.91 6.29
C HIS D 571 -15.82 1.49 5.04
N GLY D 572 -14.49 1.48 5.14
CA GLY D 572 -13.65 0.81 4.15
C GLY D 572 -13.26 -0.59 4.63
N SER D 573 -12.38 -1.25 3.89
CA SER D 573 -12.09 -2.67 4.13
C SER D 573 -11.12 -2.95 5.30
N ASN D 574 -10.65 -1.89 5.97
CA ASN D 574 -9.78 -2.01 7.13
C ASN D 574 -8.43 -2.63 6.85
N ALA D 575 -7.90 -2.42 5.64
CA ALA D 575 -6.54 -2.84 5.33
C ALA D 575 -5.57 -1.74 5.80
N GLY D 576 -4.34 -2.12 6.11
CA GLY D 576 -3.44 -1.22 6.77
C GLY D 576 -2.18 -1.91 7.25
N ASN D 577 -1.33 -1.15 7.94
CA ASN D 577 -0.07 -1.71 8.37
C ASN D 577 -0.09 -2.18 9.81
N GLY D 578 0.34 -3.42 10.03
CA GLY D 578 0.31 -3.98 11.38
C GLY D 578 -0.13 -2.87 12.33
N GLY D 579 0.85 -2.17 12.90
CA GLY D 579 0.59 -0.99 13.71
C GLY D 579 1.73 0.03 13.71
N THR D 580 2.94 -0.44 13.41
CA THR D 580 4.15 0.36 13.41
C THR D 580 5.15 -0.36 12.55
N VAL D 581 5.69 0.32 11.54
CA VAL D 581 6.63 -0.33 10.64
C VAL D 581 8.00 0.33 10.68
N HIS D 582 9.01 -0.42 11.10
CA HIS D 582 10.38 0.05 11.10
C HIS D 582 10.89 0.09 9.66
N SER D 583 11.68 1.12 9.34
CA SER D 583 12.36 1.17 8.04
C SER D 583 13.48 0.11 7.95
N ASP D 584 13.94 -0.16 6.74
CA ASP D 584 15.09 -1.05 6.52
C ASP D 584 16.14 -0.27 5.77
N GLU D 585 17.41 -0.57 6.02
CA GLU D 585 18.48 -0.05 5.21
C GLU D 585 18.59 -0.88 3.93
N ILE D 586 17.57 -0.71 3.08
CA ILE D 586 17.57 -1.25 1.76
C ILE D 586 17.34 -0.09 0.83
N ALA D 587 18.33 0.21 -0.01
CA ALA D 587 18.24 1.33 -0.93
C ALA D 587 16.98 1.21 -1.76
N SER D 588 16.48 2.34 -2.22
CA SER D 588 15.23 2.40 -2.97
C SER D 588 14.97 3.81 -3.47
N HIS D 589 14.64 3.95 -4.75
CA HIS D 589 14.32 5.23 -5.40
C HIS D 589 15.43 6.25 -5.20
N GLY D 590 16.67 5.79 -5.17
CA GLY D 590 17.81 6.66 -4.95
C GLY D 590 18.04 7.11 -3.52
N ARG D 591 17.28 6.56 -2.58
CA ARG D 591 17.43 6.87 -1.16
C ARG D 591 18.00 5.67 -0.41
N GLN D 592 18.65 5.95 0.70
CA GLN D 592 19.48 4.96 1.39
C GLN D 592 18.61 3.96 2.14
N HIS D 593 17.65 4.47 2.91
CA HIS D 593 16.74 3.63 3.66
C HIS D 593 15.39 3.61 2.97
N SER D 594 14.51 2.70 3.40
CA SER D 594 13.22 2.52 2.77
C SER D 594 12.17 1.96 3.72
N LEU D 595 10.92 1.99 3.28
CA LEU D 595 9.81 1.43 4.03
C LEU D 595 9.08 0.44 3.14
N SER D 596 8.64 -0.66 3.75
CA SER D 596 7.86 -1.66 3.07
C SER D 596 6.48 -1.72 3.69
N LEU D 597 5.49 -1.24 2.94
CA LEU D 597 4.15 -1.04 3.48
C LEU D 597 3.08 -1.74 2.68
N THR D 598 1.92 -1.85 3.32
CA THR D 598 0.67 -2.20 2.67
C THR D 598 -0.06 -0.90 2.36
N LEU D 599 -0.47 -0.75 1.11
CA LEU D 599 -1.29 0.37 0.72
C LEU D 599 -2.70 -0.14 0.47
N PRO D 600 -3.65 0.20 1.36
CA PRO D 600 -5.04 -0.23 1.19
C PRO D 600 -5.57 0.20 -0.17
N PRO D 601 -6.58 -0.51 -0.70
CA PRO D 601 -7.17 -0.19 -2.00
C PRO D 601 -7.96 1.11 -1.95
N LEU D 602 -7.87 1.90 -3.02
CA LEU D 602 -8.66 3.11 -3.16
C LEU D 602 -8.58 3.93 -1.89
N ALA D 603 -7.37 4.28 -1.47
CA ALA D 603 -7.19 4.87 -0.16
C ALA D 603 -5.94 5.69 0.01
N THR D 604 -6.01 6.67 0.89
CA THR D 604 -4.79 7.35 1.27
C THR D 604 -4.48 7.21 2.76
N ILE D 605 -3.19 7.11 3.07
CA ILE D 605 -2.77 6.96 4.46
C ILE D 605 -1.71 8.01 4.80
N TRP D 606 -1.69 8.47 6.05
CA TRP D 606 -0.63 9.38 6.46
C TRP D 606 0.17 8.65 7.51
N LEU D 607 1.48 8.88 7.50
CA LEU D 607 2.41 8.18 8.34
C LEU D 607 3.29 9.16 9.10
N VAL D 608 3.45 8.94 10.40
CA VAL D 608 4.34 9.78 11.18
C VAL D 608 5.52 8.98 11.75
N ARG D 609 6.61 9.67 12.04
CA ARG D 609 7.76 9.04 12.66
C ARG D 609 7.71 9.07 14.18
N GLU D 610 7.98 7.93 14.80
CA GLU D 610 7.94 7.81 16.24
C GLU D 610 9.28 8.19 16.81
N ALA D 611 9.26 8.91 17.93
CA ALA D 611 10.47 9.15 18.69
C ALA D 611 10.79 7.82 19.36
N GLU D 612 12.00 7.33 19.15
CA GLU D 612 12.35 5.93 19.50
C GLU D 612 11.88 5.49 20.91
C1 GLC E . -1.78 2.03 -38.18
C2 GLC E . -1.93 0.52 -38.42
C3 GLC E . -3.18 0.01 -37.69
C4 GLC E . -3.06 0.38 -36.21
C5 GLC E . -2.88 1.89 -36.04
C6 GLC E . -2.71 2.24 -34.57
O1 GLC E . -2.85 2.72 -38.80
O2 GLC E . -2.02 0.24 -39.83
O3 GLC E . -3.35 -1.38 -37.84
O4 GLC E . -4.19 -0.05 -35.48
O5 GLC E . -1.76 2.32 -36.80
O6 GLC E . -2.06 3.47 -34.34
C1 GLC E . -3.98 -1.40 -35.00
C2 GLC E . -5.24 -1.95 -34.36
C3 GLC E . -5.47 -1.32 -32.99
C4 GLC E . -4.24 -1.58 -32.15
C5 GLC E . -3.06 -0.90 -32.83
C6 GLC E . -1.80 -1.05 -31.96
O2 GLC E . -6.34 -1.80 -35.23
O3 GLC E . -6.62 -1.87 -32.36
O4 GLC E . -4.39 -1.16 -30.79
O5 GLC E . -2.87 -1.51 -34.11
O6 GLC E . -0.62 -0.60 -32.58
C1 GLC F . 34.11 -17.75 -30.69
C2 GLC F . 34.01 -18.82 -29.60
C3 GLC F . 34.00 -20.29 -30.10
C4 GLC F . 33.47 -20.51 -31.51
C5 GLC F . 33.95 -19.37 -32.38
C6 GLC F . 33.46 -19.51 -33.82
O1 GLC F . 35.46 -17.46 -30.98
O2 GLC F . 35.07 -18.57 -28.70
O3 GLC F . 33.25 -21.09 -29.21
O4 GLC F . 33.97 -21.70 -32.07
O5 GLC F . 33.44 -18.17 -31.85
O6 GLC F . 33.71 -18.29 -34.48
C1 GLC F . 32.90 -22.63 -32.37
C2 GLC F . 33.17 -24.04 -31.84
C3 GLC F . 34.15 -24.77 -32.75
C4 GLC F . 33.56 -24.87 -34.14
C5 GLC F . 33.03 -23.54 -34.68
C6 GLC F . 31.93 -23.83 -35.71
O2 GLC F . 33.70 -24.01 -30.53
O3 GLC F . 34.34 -26.08 -32.27
O4 GLC F . 34.56 -25.37 -35.01
O5 GLC F . 32.49 -22.61 -33.74
O6 GLC F . 31.34 -25.10 -35.52
C1 GLC G . 23.64 -33.93 -50.45
C2 GLC G . 22.88 -34.65 -51.57
C3 GLC G . 23.23 -34.03 -52.92
C4 GLC G . 22.72 -32.59 -52.90
C5 GLC G . 23.12 -31.81 -51.63
C6 GLC G . 21.92 -31.19 -50.93
O1 GLC G . 24.91 -34.57 -50.28
O2 GLC G . 23.12 -36.04 -51.53
O3 GLC G . 22.63 -34.76 -53.97
O4 GLC G . 23.14 -31.87 -54.04
O5 GLC G . 23.88 -32.55 -50.68
O6 GLC G . 21.76 -29.85 -51.33
C1 GLC G . 21.95 -31.28 -54.61
C2 GLC G . 21.74 -31.72 -56.06
C3 GLC G . 22.87 -31.18 -56.96
C4 GLC G . 23.13 -29.68 -56.72
C5 GLC G . 23.06 -29.28 -55.23
C6 GLC G . 22.90 -27.78 -55.07
O2 GLC G . 21.64 -33.14 -56.13
O3 GLC G . 22.55 -31.39 -58.33
O4 GLC G . 24.41 -29.32 -57.26
O5 GLC G . 21.96 -29.88 -54.56
O6 GLC G . 21.75 -27.37 -55.76
C1 GLC G . 24.43 -27.99 -57.83
C2 GLC G . 24.75 -28.05 -59.32
C3 GLC G . 26.07 -28.81 -59.48
C4 GLC G . 27.19 -28.12 -58.67
C5 GLC G . 26.73 -27.60 -57.30
C6 GLC G . 27.67 -26.49 -56.86
O2 GLC G . 23.65 -28.64 -59.99
O3 GLC G . 26.46 -28.89 -60.83
O4 GLC G . 28.31 -28.97 -58.49
O5 GLC G . 25.40 -27.11 -57.28
O6 GLC G . 27.12 -25.24 -57.26
C2 BGC H . 4.48 -25.39 5.84
C3 BGC H . 3.70 -24.11 5.48
C4 BGC H . 2.18 -24.28 5.38
C5 BGC H . 1.70 -25.43 6.24
C6 BGC H . 0.31 -25.89 5.84
C1 BGC H . 3.73 -26.20 6.88
O1 BGC H . 4.47 -27.34 7.29
O2 BGC H . 5.77 -25.13 6.34
O3 BGC H . 4.20 -23.56 4.28
O4 BGC H . 1.53 -23.14 5.91
O5 BGC H . 2.55 -26.54 6.21
O6 BGC H . 0.16 -25.65 4.46
C1 GLC H . 0.73 -22.31 5.02
C2 GLC H . 1.04 -20.86 5.37
C3 GLC H . 0.00 -20.34 6.35
C4 GLC H . -1.29 -20.21 5.56
C5 GLC H . -1.66 -21.56 4.94
C6 GLC H . -2.11 -21.36 3.47
O2 GLC H . 2.34 -20.73 5.90
O3 GLC H . 0.35 -19.06 6.85
O4 GLC H . -2.34 -19.72 6.38
O5 GLC H . -0.68 -22.59 5.08
O6 GLC H . -1.78 -20.10 2.93
C2 BGC I . -17.44 -41.80 -29.82
C3 BGC I . -17.21 -42.76 -28.66
C4 BGC I . -18.21 -42.30 -27.61
C5 BGC I . -19.62 -42.56 -28.12
C6 BGC I . -20.68 -41.92 -27.23
C1 BGC I . -18.81 -42.14 -30.42
O1 BGC I . -19.11 -41.24 -31.47
O2 BGC I . -16.35 -41.87 -30.70
O3 BGC I . -15.85 -42.69 -28.29
O4 BGC I . -17.94 -42.71 -26.27
O5 BGC I . -19.84 -42.05 -29.45
O6 BGC I . -20.21 -41.80 -25.91
C1 GLC I . -17.91 -44.13 -25.95
C2 GLC I . -18.91 -44.43 -24.82
C3 GLC I . -18.35 -45.51 -23.91
C4 GLC I . -17.71 -46.57 -24.78
C5 GLC I . -16.40 -45.94 -25.30
C6 GLC I . -15.83 -46.62 -26.54
O2 GLC I . -19.18 -43.28 -24.05
O3 GLC I . -19.33 -46.04 -23.05
O4 GLC I . -17.55 -47.77 -24.02
O5 GLC I . -16.60 -44.55 -25.59
O6 GLC I . -16.10 -45.84 -27.69
C1 GLC I . -17.68 -48.99 -24.79
C2 GLC I . -18.33 -48.83 -26.18
C3 GLC I . -18.09 -50.09 -27.02
C4 GLC I . -17.57 -51.20 -26.11
C5 GLC I . -18.52 -51.21 -24.89
C6 GLC I . -18.47 -52.49 -24.06
O2 GLC I . -19.72 -48.60 -26.08
O3 GLC I . -17.17 -49.82 -28.07
O4 GLC I . -17.46 -52.47 -26.76
O5 GLC I . -18.29 -50.07 -24.07
O6 GLC I . -19.50 -53.34 -24.51
C1 GLC I . -16.09 -52.79 -27.16
C2 GLC I . -15.31 -53.61 -26.10
C3 GLC I . -13.80 -53.40 -26.25
C4 GLC I . -13.49 -53.25 -27.74
C5 GLC I . -14.10 -51.95 -28.27
C6 GLC I . -14.31 -52.01 -29.79
O2 GLC I . -15.71 -53.32 -24.78
O3 GLC I . -13.10 -54.48 -25.68
O4 GLC I . -12.11 -53.43 -28.08
O5 GLC I . -15.31 -51.66 -27.61
O6 GLC I . -13.14 -51.58 -30.43
C1 GLC I . -11.17 -52.46 -27.53
C2 GLC I . -10.08 -52.15 -28.59
C3 GLC I . -8.74 -52.87 -28.35
C4 GLC I . -8.38 -52.78 -26.85
C5 GLC I . -9.48 -53.58 -26.15
C6 GLC I . -9.15 -53.97 -24.70
O2 GLC I . -10.54 -52.48 -29.88
O3 GLC I . -7.74 -52.35 -29.21
O4 GLC I . -7.06 -53.25 -26.52
O5 GLC I . -10.67 -52.81 -26.23
O6 GLC I . -7.99 -54.79 -24.65
C1 GLC I . -6.40 -52.54 -25.41
C2 GLC I . -6.52 -51.01 -25.42
C3 GLC I . -5.87 -50.46 -26.69
C4 GLC I . -4.39 -50.85 -26.70
C5 GLC I . -4.26 -52.37 -26.46
C6 GLC I . -2.84 -52.92 -26.36
O2 GLC I . -7.84 -50.55 -25.27
O3 GLC I . -6.05 -49.06 -26.72
O4 GLC I . -3.79 -50.44 -27.92
O5 GLC I . -5.01 -52.80 -25.32
O6 GLC I . -1.91 -51.95 -25.91
C1 GLC I . -3.46 -49.03 -27.87
C2 GLC I . -3.06 -48.47 -29.24
C3 GLC I . -1.74 -49.09 -29.66
C4 GLC I . -0.70 -48.66 -28.63
C5 GLC I . -1.14 -49.19 -27.25
C6 GLC I . -0.21 -48.76 -26.12
O2 GLC I . -4.05 -48.67 -30.22
O3 GLC I . -1.35 -48.70 -30.95
O4 GLC I . 0.57 -49.15 -29.03
O5 GLC I . -2.45 -48.76 -26.91
O6 GLC I . -0.54 -49.49 -24.96
C2 BGC J . -21.12 -14.40 -2.77
C3 BGC J . -22.30 -15.30 -2.46
C4 BGC J . -21.89 -16.75 -2.66
C5 BGC J . -20.54 -17.08 -1.99
C6 BGC J . -19.96 -18.44 -2.37
C1 BGC J . -20.00 -14.78 -1.80
O1 BGC J . -18.93 -13.86 -1.85
O2 BGC J . -21.51 -13.05 -2.66
O3 BGC J . -23.39 -14.98 -3.30
O4 BGC J . -22.93 -17.52 -2.12
O5 BGC J . -19.55 -16.07 -2.18
O6 BGC J . -20.36 -18.90 -3.64
C1 GLC J . -23.56 -18.36 -3.11
C2 GLC J . -25.08 -18.21 -3.03
C3 GLC J . -25.53 -18.58 -1.60
C4 GLC J . -25.10 -20.02 -1.31
C5 GLC J . -23.60 -20.17 -1.56
C6 GLC J . -23.17 -21.63 -1.46
O2 GLC J . -25.44 -16.89 -3.42
O3 GLC J . -26.92 -18.46 -1.41
O4 GLC J . -25.46 -20.42 0.01
O5 GLC J . -23.26 -19.71 -2.87
O6 GLC J . -23.67 -22.33 -2.58
C1 GLC K . -18.47 -12.08 24.18
C2 GLC K . -19.03 -11.81 25.58
C3 GLC K . -20.54 -11.61 25.53
C4 GLC K . -20.96 -10.60 24.46
C5 GLC K . -20.29 -10.93 23.13
C6 GLC K . -20.57 -9.86 22.08
O1 GLC K . -18.85 -13.36 23.71
O2 GLC K . -18.70 -12.89 26.43
O3 GLC K . -21.02 -11.20 26.79
O4 GLC K . -22.36 -10.70 24.28
O5 GLC K . -18.88 -11.04 23.29
O6 GLC K . -19.88 -10.20 20.90
C1 GLC K . -23.03 -9.47 24.58
C2 GLC K . -24.25 -9.74 25.45
C3 GLC K . -25.34 -10.47 24.67
C4 GLC K . -25.66 -9.72 23.38
C5 GLC K . -24.38 -9.41 22.61
C6 GLC K . -24.67 -8.49 21.42
O2 GLC K . -23.87 -10.46 26.60
O3 GLC K . -26.54 -10.61 25.43
O4 GLC K . -26.53 -10.48 22.57
O5 GLC K . -23.43 -8.76 23.44
O6 GLC K . -23.64 -8.63 20.47
C1 GLC L . -42.48 13.01 -2.00
C2 GLC L . -42.45 14.18 -2.99
C3 GLC L . -41.65 15.41 -2.55
C4 GLC L . -41.28 15.53 -1.05
C5 GLC L . -41.42 14.21 -0.27
C6 GLC L . -41.46 14.47 1.24
O1 GLC L . -41.35 12.15 -2.15
O2 GLC L . -41.98 13.74 -4.25
O3 GLC L . -42.40 16.55 -2.94
O4 GLC L . -39.95 15.99 -0.89
O5 GLC L . -42.58 13.50 -0.67
O6 GLC L . -41.44 13.25 1.95
C1 GLC L . -39.89 17.42 -0.65
C2 GLC L . -38.64 18.02 -1.29
C3 GLC L . -37.37 18.06 -0.41
C4 GLC L . -37.56 17.93 1.11
C5 GLC L . -38.91 17.30 1.49
C6 GLC L . -39.24 17.53 2.97
O2 GLC L . -38.36 17.32 -2.48
O3 GLC L . -36.72 19.29 -0.65
O4 GLC L . -36.49 17.20 1.70
O5 GLC L . -39.98 17.79 0.71
O6 GLC L . -39.53 16.28 3.56
C1 GLC L . -35.37 18.08 2.01
C2 GLC L . -34.07 17.35 2.39
C3 GLC L . -34.20 16.71 3.77
C4 GLC L . -34.55 17.77 4.80
C5 GLC L . -35.76 18.58 4.34
C6 GLC L . -35.98 19.81 5.21
O2 GLC L . -33.68 16.39 1.42
O3 GLC L . -33.00 16.06 4.12
O4 GLC L . -34.83 17.17 6.05
O5 GLC L . -35.64 19.05 3.01
O6 GLC L . -36.75 19.51 6.35
C1 GLC L . -33.64 16.86 6.80
C2 GLC L . -33.92 15.88 7.95
C3 GLC L . -34.45 16.53 9.23
C4 GLC L . -33.69 17.80 9.57
C5 GLC L . -33.62 18.70 8.33
C6 GLC L . -32.83 19.98 8.60
O2 GLC L . -34.85 14.92 7.50
O3 GLC L . -34.31 15.64 10.32
O4 GLC L . -34.30 18.45 10.68
O5 GLC L . -32.96 17.98 7.30
O6 GLC L . -32.79 20.80 7.45
C1 GLC M . -43.95 54.82 -0.53
C2 GLC M . -42.71 54.01 -0.16
C3 GLC M . -43.08 52.82 0.69
C4 GLC M . -43.92 53.30 1.89
C5 GLC M . -45.12 54.12 1.42
C6 GLC M . -45.86 54.63 2.65
O1 GLC M . -44.79 54.06 -1.37
O2 GLC M . -42.04 53.57 -1.31
O3 GLC M . -41.92 52.13 1.11
O4 GLC M . -44.39 52.23 2.67
O5 GLC M . -44.69 55.20 0.62
O6 GLC M . -47.11 55.12 2.26
C1 GLC M . -43.54 52.14 3.85
C2 GLC M . -42.93 50.75 3.87
C3 GLC M . -44.09 49.77 4.09
C4 GLC M . -44.70 50.09 5.46
C5 GLC M . -45.25 51.52 5.41
C6 GLC M . -45.93 52.02 6.68
O2 GLC M . -42.23 50.55 2.66
O3 GLC M . -43.70 48.42 4.03
O4 GLC M . -45.67 49.13 5.80
O5 GLC M . -44.19 52.41 5.09
O6 GLC M . -45.82 53.43 6.78
C2 BGC N . 9.52 16.42 -9.65
C3 BGC N . 8.90 15.88 -10.94
C4 BGC N . 7.42 16.28 -11.00
C5 BGC N . 7.02 17.57 -10.21
C6 BGC N . 5.75 17.32 -9.43
C1 BGC N . 9.32 17.92 -9.77
O1 BGC N . 10.25 18.70 -9.04
O2 BGC N . 10.86 16.02 -9.52
O3 BGC N . 9.10 14.49 -11.06
O4 BGC N . 7.06 16.45 -12.36
O5 BGC N . 7.98 18.13 -9.33
O6 BGC N . 4.71 17.54 -10.35
C1 GLC N . 5.95 15.61 -12.73
C2 GLC N . 6.36 14.63 -13.85
C3 GLC N . 6.68 15.44 -15.10
C4 GLC N . 5.48 16.30 -15.52
C5 GLC N . 4.70 16.97 -14.36
C6 GLC N . 3.21 17.08 -14.69
O2 GLC N . 7.48 13.85 -13.46
O3 GLC N . 7.08 14.57 -16.14
O4 GLC N . 5.91 17.28 -16.44
O5 GLC N . 4.78 16.34 -13.08
O6 GLC N . 3.01 17.37 -16.06
C2 BGC O . -26.07 5.27 -0.97
C3 BGC O . -26.53 6.39 -1.88
C4 BGC O . -25.57 6.36 -3.07
C5 BGC O . -25.77 5.01 -3.79
C6 BGC O . -24.80 4.84 -4.98
C1 BGC O . -26.36 3.94 -1.69
O1 BGC O . -26.04 2.83 -0.89
O2 BGC O . -26.70 5.40 0.28
O3 BGC O . -26.57 7.63 -1.19
O4 BGC O . -25.62 7.49 -3.94
O5 BGC O . -25.63 3.89 -2.91
O6 BGC O . -24.29 6.10 -5.38
C1 GLC O . -26.90 8.08 -4.28
C2 GLC O . -26.84 8.71 -5.69
C3 GLC O . -27.66 10.00 -5.74
C4 GLC O . -28.97 9.71 -5.03
C5 GLC O . -28.65 9.63 -3.54
C6 GLC O . -29.74 8.92 -2.75
O2 GLC O . -25.50 8.95 -6.09
O3 GLC O . -27.88 10.45 -7.06
O4 GLC O . -29.94 10.69 -5.33
O5 GLC O . -27.38 9.01 -3.31
O6 GLC O . -29.38 8.87 -1.38
C1 GOL P . 4.98 -40.96 -57.26
O1 GOL P . 3.66 -41.48 -57.20
C2 GOL P . 5.97 -41.88 -56.54
O2 GOL P . 5.29 -42.80 -55.74
C3 GOL P . 6.90 -41.05 -55.67
O3 GOL P . 8.18 -41.63 -55.73
C1 GOL Q . 10.97 -37.96 -31.36
O1 GOL Q . 11.51 -38.92 -32.25
C2 GOL Q . 12.04 -37.03 -30.83
O2 GOL Q . 11.36 -35.92 -30.27
C3 GOL Q . 12.93 -36.53 -31.97
O3 GOL Q . 13.99 -35.69 -31.53
C1 GOL R . -4.68 -21.08 -47.87
O1 GOL R . -3.96 -19.92 -48.14
C2 GOL R . -6.11 -20.77 -48.24
O2 GOL R . -6.46 -19.68 -47.42
C3 GOL R . -6.96 -22.02 -48.02
O3 GOL R . -8.24 -21.79 -48.56
C2 BGC S . 15.28 -67.93 -0.42
C3 BGC S . 15.27 -67.47 -1.88
C4 BGC S . 16.63 -67.80 -2.50
C5 BGC S . 16.82 -69.33 -2.37
C6 BGC S . 18.11 -69.85 -3.01
C1 BGC S . 15.58 -69.43 -0.37
O1 BGC S . 15.61 -69.87 0.97
O2 BGC S . 14.06 -67.67 0.23
O3 BGC S . 14.98 -66.10 -1.99
O4 BGC S . 16.73 -67.31 -3.82
O5 BGC S . 16.82 -69.69 -1.00
O6 BGC S . 18.40 -71.16 -2.53
C1 GOL T . -29.67 -10.91 -19.00
O1 GOL T . -28.47 -10.98 -18.25
C2 GOL T . -29.35 -10.96 -20.49
O2 GOL T . -28.97 -9.69 -20.94
C3 GOL T . -30.58 -11.37 -21.29
O3 GOL T . -31.05 -12.60 -20.81
C1 GOL U . -4.14 -11.16 -17.85
O1 GOL U . -4.43 -9.83 -18.29
C2 GOL U . -2.65 -11.38 -17.61
O2 GOL U . -2.16 -12.14 -18.69
C3 GOL U . -2.38 -12.22 -16.36
O3 GOL U . -3.44 -12.26 -15.42
C1 GOL V . -1.70 -13.11 -24.51
O1 GOL V . -0.32 -12.97 -24.09
C2 GOL V . -2.17 -14.51 -24.95
O2 GOL V . -2.80 -14.49 -26.22
C3 GOL V . -3.22 -15.07 -24.00
O3 GOL V . -3.67 -16.37 -24.40
C1 GOL W . 3.61 -57.51 -17.27
O1 GOL W . 4.46 -57.32 -18.39
C2 GOL W . 2.50 -58.50 -17.57
O2 GOL W . 1.81 -58.06 -18.73
C3 GOL W . 1.53 -58.51 -16.40
O3 GOL W . 1.31 -59.84 -15.98
C1 GOL X . -14.99 -19.78 -31.39
O1 GOL X . -16.10 -20.56 -30.98
C2 GOL X . -13.68 -20.51 -31.02
O2 GOL X . -13.18 -20.02 -29.79
C3 GOL X . -12.63 -20.48 -32.15
O3 GOL X . -12.84 -21.50 -33.11
C1 GOL Y . 6.04 -3.11 -5.52
O1 GOL Y . 5.91 -3.83 -4.31
C2 GOL Y . 7.33 -2.29 -5.50
O2 GOL Y . 8.09 -2.67 -4.38
C3 GOL Y . 6.97 -0.80 -5.39
O3 GOL Y . 8.11 -0.03 -5.08
C1 GOL Z . 4.80 17.92 12.90
O1 GOL Z . 4.71 18.27 11.53
C2 GOL Z . 4.60 16.42 13.10
O2 GOL Z . 4.15 16.19 14.43
C3 GOL Z . 5.94 15.71 12.85
O3 GOL Z . 6.03 14.50 13.57
C1 GOL AA . -38.95 30.02 3.24
O1 GOL AA . -38.56 30.54 1.99
C2 GOL AA . -38.81 31.12 4.29
O2 GOL AA . -38.40 30.58 5.53
C3 GOL AA . -40.12 31.91 4.40
O3 GOL AA . -40.01 32.93 5.38
#